data_8C1P
#
_entry.id   8C1P
#
_cell.length_a   1.00
_cell.length_b   1.00
_cell.length_c   1.00
_cell.angle_alpha   90.00
_cell.angle_beta   90.00
_cell.angle_gamma   90.00
#
_symmetry.space_group_name_H-M   'P 1'
#
loop_
_entity.id
_entity.type
_entity.pdbx_description
1 polymer 'Glutamate receptor 1 flip isoform'
2 polymer 'Voltage-dependent calcium channel gamma-3 subunit'
3 non-polymer CYCLOTHIAZIDE
4 non-polymer 'PALMITIC ACID'
5 non-polymer '(2R)-2,3-dihydroxypropyl (9Z)-octadec-9-enoate'
6 non-polymer 'GLUTAMIC ACID'
7 non-polymer '(2S)-3-(hexadecanoyloxy)-2-[(9Z)-octadec-9-enoyloxy]propyl 2-(trimethylammonio)ethyl phosphate'
8 water water
#
loop_
_entity_poly.entity_id
_entity_poly.type
_entity_poly.pdbx_seq_one_letter_code
_entity_poly.pdbx_strand_id
1 'polypeptide(L)'
;MPYIFAFFCTGFLGAVVGADYKDDDDKNFPNNIQIGGLFPNQQSQEHAAFRFALSQLTEPPKLLPQIDIVNISDSFEMTY
RFCSQFSKGVYAIFGFYERRTVNMLTSFCGALHVCFITPSFPVDTSNQFVLQLRPELQEALISIIDHYKWQTFVYIYDAD
RGLSVLQRVLDTAAEKNWQVTAVNILTTTEEGYRMLFQDLEKKKERLVVVDCESERLNAILGQIVKLEKNGIGYHYILAN
LGFMDIDLNKFKESGANVTGFQLVNYTDTIPARIMQQWRTSDSRDHTRVDWKRPKYTSALTYDGVKVMAEAFQSLRRQRI
DISRRGNAGDCLANPAVPWGQGIDIQRALQQVRFEGLTGNVQFNEKGRRTNYTLHVIEMKHDGIRKIGYWNEDDKFVPAA
TDAQAGGDNSSVQNRTYIVTTILEDPYVMLKKNANQFEGNDRYEGYCVELAAEIAKHVGYSYRLEIVSDGKYGARDPDTK
AWNGMVGELVYGRADVAVAPLTITLVREEVIDFSKPFMSLGISIMIKKPQKSKPGVFSFLDPLAYEIWMCIVFAYIGVSV
VLFLVSRFSPYEWHSEEFEEGRDQTTSDQSNEFGIFNSLWFSLGAFMQQGCDISPRSLSGRIVGGVWWFFTLIIISSYTA
NLAAFLTVERMVSPIESAEDLAKQTEIAYGTLEAGSTKEFFRRSKIAVFEKMWTYMKSAEPSVFVRTTEEGMIRVRKSKG
KYAYLLESTMNEYIEQRKPCDTMKVGGNLDSKGYGIATPKGSALRGPVNLAVLKLSEQGVLDKLKSKWWYDKGECGSKDS
GSKDKTSALSLSNVAGVFYILIGGLGLAMLVALIEFCYKSRSESKRMKGFCLIPQQSINEAIRTSTLPRNSGAGASGGGG
SGENGRVVSQDFPKSMQSIPCMSHSSGMPLGATGL
;
A,B,C,D
2 'polypeptide(L)'
;RMCDRGIQMLITTVGAFAAFSLMTIAVGTDYWLYSRGVCRTKSTSDNETSRKNEEVMTHSGLWRTCCLEGAFRGVCKKID
HFPEDADYEQDTAEYLLRAVRASSVFPILSVTLLFFGGLCVAASEFHRSRHSVILSAGIFFVSAGLSNIIGIIVYISANA
GDPGQRDSKKSYSYGWSFYFGAFSFIIAEIVGVVAVHIYIEKHQQLRARSHSELLKKSTFARLPPYRYRFRRRSSSRSTE
PRSRDLSPISKGFHTIPSTDISMFTLSRDPSKLTMGTLLNSDRDHAFLQFHNSTPKEFKESLHNNPANRRTTPV
;
E,F,G,H
#
# COMPACT_ATOMS: atom_id res chain seq x y z
N ARG A 415 67.87 -2.88 17.73
CA ARG A 415 67.63 -1.88 16.65
C ARG A 415 66.16 -1.44 16.72
N THR A 416 65.95 -0.15 16.98
CA THR A 416 64.62 0.46 17.00
C THR A 416 64.21 0.79 15.57
N TYR A 417 63.05 0.27 15.14
CA TYR A 417 62.52 0.44 13.80
C TYR A 417 61.56 1.63 13.74
N ILE A 418 61.51 2.26 12.56
CA ILE A 418 60.68 3.42 12.35
C ILE A 418 59.41 2.94 11.65
N VAL A 419 58.26 3.05 12.34
CA VAL A 419 56.99 2.62 11.80
C VAL A 419 56.21 3.85 11.34
N THR A 420 56.18 4.07 10.01
CA THR A 420 55.45 5.19 9.44
C THR A 420 53.94 5.00 9.61
N THR A 421 53.22 6.11 9.77
CA THR A 421 51.80 6.10 10.01
C THR A 421 51.21 7.43 9.49
N ILE A 422 49.88 7.55 9.56
CA ILE A 422 49.18 8.74 9.14
C ILE A 422 48.10 9.06 10.16
N LEU A 423 47.79 10.35 10.30
CA LEU A 423 46.75 10.82 11.19
C LEU A 423 45.39 10.60 10.51
N GLU A 424 44.56 9.76 11.14
CA GLU A 424 43.23 9.44 10.66
C GLU A 424 42.42 8.81 11.79
N ASP A 425 41.24 9.39 12.04
CA ASP A 425 40.37 8.87 13.08
C ASP A 425 39.68 7.61 12.57
N PRO A 426 39.54 6.51 13.36
CA PRO A 426 40.13 6.34 14.69
C PRO A 426 41.41 5.52 14.71
N TYR A 427 42.11 5.45 13.57
CA TYR A 427 43.24 4.52 13.47
C TYR A 427 44.40 5.03 14.32
N VAL A 428 44.77 6.31 14.12
CA VAL A 428 45.83 6.95 14.89
C VAL A 428 45.39 8.38 15.16
N MET A 429 45.48 8.78 16.43
CA MET A 429 44.98 10.07 16.88
C MET A 429 45.93 10.62 17.93
N LEU A 430 46.03 11.95 18.00
CA LEU A 430 46.79 12.63 19.03
C LEU A 430 45.94 12.71 20.30
N LYS A 431 46.49 12.18 21.40
CA LYS A 431 45.80 12.10 22.68
C LYS A 431 45.45 13.51 23.16
N LYS A 432 44.27 13.65 23.77
CA LYS A 432 43.87 14.91 24.38
C LYS A 432 44.89 15.30 25.45
N ASN A 433 45.50 16.48 25.26
CA ASN A 433 46.67 16.94 25.98
C ASN A 433 47.83 15.97 25.73
N ALA A 434 48.26 15.93 24.46
CA ALA A 434 49.42 15.17 24.04
C ALA A 434 50.72 15.79 24.56
N ASN A 435 50.69 17.09 24.90
CA ASN A 435 51.85 17.82 25.39
C ASN A 435 52.44 17.19 26.65
N GLN A 436 51.60 16.59 27.50
CA GLN A 436 52.02 15.90 28.70
C GLN A 436 52.80 14.62 28.39
N PHE A 437 52.65 14.08 27.16
CA PHE A 437 53.31 12.86 26.74
C PHE A 437 54.29 13.14 25.60
N GLU A 438 55.23 12.21 25.41
CA GLU A 438 56.26 12.35 24.38
C GLU A 438 56.61 10.97 23.79
N GLY A 439 56.83 10.94 22.48
CA GLY A 439 57.15 9.74 21.74
C GLY A 439 55.89 9.05 21.19
N ASN A 440 56.00 7.73 20.99
CA ASN A 440 54.91 6.91 20.48
C ASN A 440 53.69 6.92 21.41
N ASP A 441 53.90 7.31 22.68
CA ASP A 441 52.83 7.40 23.65
C ASP A 441 52.02 8.70 23.52
N ARG A 442 52.33 9.54 22.52
CA ARG A 442 51.57 10.74 22.23
C ARG A 442 50.25 10.44 21.51
N TYR A 443 50.13 9.23 20.91
CA TYR A 443 49.01 8.87 20.05
C TYR A 443 48.19 7.73 20.63
N GLU A 444 46.95 7.64 20.14
CA GLU A 444 46.03 6.55 20.42
C GLU A 444 45.30 6.16 19.13
N GLY A 445 44.56 5.04 19.19
CA GLY A 445 43.73 4.60 18.08
C GLY A 445 43.98 3.13 17.74
N TYR A 446 43.16 2.61 16.83
CA TYR A 446 43.19 1.19 16.46
C TYR A 446 44.60 0.77 16.06
N CYS A 447 45.21 1.51 15.13
CA CYS A 447 46.49 1.15 14.56
C CYS A 447 47.63 1.27 15.58
N VAL A 448 47.46 2.15 16.58
CA VAL A 448 48.45 2.28 17.64
C VAL A 448 48.53 0.97 18.42
N GLU A 449 47.37 0.49 18.88
CA GLU A 449 47.32 -0.78 19.61
C GLU A 449 47.74 -1.95 18.71
N LEU A 450 47.40 -1.89 17.43
CA LEU A 450 47.79 -2.96 16.52
C LEU A 450 49.31 -3.01 16.38
N ALA A 451 49.96 -1.84 16.27
CA ALA A 451 51.41 -1.76 16.20
C ALA A 451 52.03 -2.30 17.49
N ALA A 452 51.42 -1.97 18.63
CA ALA A 452 51.90 -2.46 19.92
C ALA A 452 51.87 -3.99 19.94
N GLU A 453 50.74 -4.58 19.54
CA GLU A 453 50.56 -6.04 19.59
C GLU A 453 51.49 -6.74 18.61
N ILE A 454 51.66 -6.16 17.41
CA ILE A 454 52.57 -6.73 16.44
C ILE A 454 54.00 -6.71 16.97
N ALA A 455 54.40 -5.58 17.56
CA ALA A 455 55.73 -5.44 18.13
C ALA A 455 55.95 -6.49 19.22
N LYS A 456 54.93 -6.68 20.07
CA LYS A 456 54.99 -7.70 21.12
C LYS A 456 55.27 -9.07 20.51
N HIS A 457 54.48 -9.46 19.50
CA HIS A 457 54.58 -10.78 18.92
C HIS A 457 55.91 -10.98 18.20
N VAL A 458 56.37 -9.97 17.47
CA VAL A 458 57.56 -10.10 16.63
C VAL A 458 58.82 -9.94 17.50
N GLY A 459 58.72 -9.14 18.58
CA GLY A 459 59.86 -8.86 19.43
C GLY A 459 60.80 -7.83 18.82
N TYR A 460 60.32 -6.59 18.71
CA TYR A 460 61.14 -5.45 18.32
C TYR A 460 60.60 -4.20 19.02
N SER A 461 61.47 -3.18 19.11
CA SER A 461 61.11 -1.84 19.55
C SER A 461 60.94 -0.91 18.35
N TYR A 462 60.08 0.09 18.50
CA TYR A 462 59.65 0.92 17.38
C TYR A 462 59.31 2.32 17.87
N ARG A 463 59.47 3.28 16.94
CA ARG A 463 59.00 4.65 17.12
C ARG A 463 58.01 4.99 16.01
N LEU A 464 56.81 5.44 16.39
CA LEU A 464 55.75 5.82 15.46
C LEU A 464 56.05 7.20 14.87
N GLU A 465 56.52 7.21 13.62
CA GLU A 465 56.78 8.45 12.89
C GLU A 465 55.59 8.72 11.96
N ILE A 466 54.97 9.88 12.11
CA ILE A 466 53.91 10.28 11.20
C ILE A 466 54.56 10.67 9.87
N VAL A 467 53.95 10.20 8.77
CA VAL A 467 54.37 10.59 7.44
C VAL A 467 54.33 12.12 7.32
N SER A 468 55.33 12.67 6.63
CA SER A 468 55.51 14.11 6.51
C SER A 468 54.51 14.70 5.50
N ASP A 469 54.35 14.03 4.35
CA ASP A 469 53.48 14.51 3.28
C ASP A 469 52.03 14.57 3.75
N GLY A 470 51.64 13.67 4.67
CA GLY A 470 50.27 13.51 5.10
C GLY A 470 49.40 12.84 4.03
N LYS A 471 50.03 12.15 3.07
CA LYS A 471 49.34 11.44 2.01
C LYS A 471 49.59 9.94 2.19
N TYR A 472 48.64 9.13 1.70
CA TYR A 472 48.74 7.69 1.87
C TYR A 472 49.83 7.13 0.97
N GLY A 473 49.78 7.40 -0.33
CA GLY A 473 50.78 6.84 -1.23
C GLY A 473 50.28 6.71 -2.66
N ALA A 474 51.14 7.18 -3.59
CA ALA A 474 50.84 7.21 -5.01
C ALA A 474 52.12 7.50 -5.78
N ARG A 475 52.21 6.98 -7.00
CA ARG A 475 53.33 7.21 -7.89
C ARG A 475 52.95 8.32 -8.86
N ASP A 476 53.64 9.47 -8.76
CA ASP A 476 53.38 10.62 -9.62
C ASP A 476 53.80 10.25 -11.05
N PRO A 477 52.87 10.19 -12.04
CA PRO A 477 53.16 9.61 -13.35
C PRO A 477 54.31 10.26 -14.12
N ASP A 478 54.53 11.56 -13.86
CA ASP A 478 55.59 12.33 -14.50
C ASP A 478 56.95 11.97 -13.90
N THR A 479 57.11 12.19 -12.59
CA THR A 479 58.39 12.06 -11.92
C THR A 479 58.71 10.60 -11.60
N LYS A 480 57.65 9.75 -11.54
CA LYS A 480 57.72 8.35 -11.15
C LYS A 480 58.21 8.20 -9.70
N ALA A 481 57.89 9.20 -8.87
CA ALA A 481 58.26 9.22 -7.47
C ALA A 481 57.03 8.81 -6.64
N TRP A 482 57.28 7.89 -5.70
CA TRP A 482 56.32 7.51 -4.68
C TRP A 482 56.35 8.53 -3.54
N ASN A 483 55.16 8.97 -3.12
CA ASN A 483 55.03 9.91 -2.01
C ASN A 483 54.28 9.25 -0.87
N GLY A 484 54.25 9.94 0.28
CA GLY A 484 53.52 9.46 1.43
C GLY A 484 54.18 8.24 2.07
N MET A 485 53.35 7.40 2.68
CA MET A 485 53.82 6.27 3.45
C MET A 485 54.50 5.24 2.55
N VAL A 486 53.99 5.02 1.34
CA VAL A 486 54.58 4.06 0.42
C VAL A 486 55.99 4.54 0.05
N GLY A 487 56.12 5.83 -0.25
CA GLY A 487 57.41 6.43 -0.54
C GLY A 487 58.38 6.26 0.63
N GLU A 488 57.89 6.53 1.84
CA GLU A 488 58.70 6.40 3.04
C GLU A 488 59.19 4.96 3.19
N LEU A 489 58.35 3.98 2.87
CA LEU A 489 58.74 2.58 2.97
C LEU A 489 59.81 2.24 1.94
N VAL A 490 59.58 2.64 0.69
CA VAL A 490 60.40 2.16 -0.42
C VAL A 490 61.84 2.70 -0.29
N TYR A 491 61.96 4.00 -0.01
CA TYR A 491 63.25 4.68 -0.03
C TYR A 491 64.11 4.36 1.19
N GLY A 492 63.54 3.69 2.19
CA GLY A 492 64.29 3.12 3.30
C GLY A 492 64.11 3.90 4.61
N ARG A 493 63.41 5.04 4.57
CA ARG A 493 63.25 5.89 5.75
C ARG A 493 62.39 5.21 6.83
N ALA A 494 61.54 4.25 6.44
CA ALA A 494 60.71 3.50 7.38
C ALA A 494 60.79 2.00 7.08
N ASP A 495 60.55 1.21 8.13
CA ASP A 495 60.70 -0.24 8.11
C ASP A 495 59.34 -0.95 8.09
N VAL A 496 58.30 -0.31 8.64
CA VAL A 496 56.94 -0.84 8.65
C VAL A 496 55.98 0.34 8.46
N ALA A 497 54.77 0.04 7.97
CA ALA A 497 53.67 0.98 7.94
C ALA A 497 52.45 0.30 8.56
N VAL A 498 51.91 0.88 9.63
CA VAL A 498 50.79 0.28 10.33
C VAL A 498 49.59 1.22 10.23
N ALA A 499 49.43 1.85 9.07
CA ALA A 499 48.29 2.72 8.84
C ALA A 499 47.17 1.94 8.17
N PRO A 500 45.96 2.52 8.02
CA PRO A 500 44.93 1.93 7.15
C PRO A 500 45.32 2.06 5.68
N LEU A 501 46.31 1.25 5.29
CA LEU A 501 46.88 1.33 3.96
C LEU A 501 46.27 0.22 3.12
N THR A 502 45.56 0.59 2.06
CA THR A 502 44.83 -0.37 1.26
C THR A 502 45.80 -1.22 0.45
N ILE A 503 45.48 -2.51 0.34
CA ILE A 503 46.22 -3.43 -0.50
C ILE A 503 45.81 -3.22 -1.95
N THR A 504 46.77 -2.80 -2.78
CA THR A 504 46.54 -2.55 -4.19
C THR A 504 47.65 -3.18 -5.00
N LEU A 505 47.34 -3.43 -6.28
CA LEU A 505 48.27 -4.10 -7.19
C LEU A 505 49.52 -3.27 -7.39
N VAL A 506 49.36 -1.97 -7.63
CA VAL A 506 50.47 -1.06 -7.89
C VAL A 506 51.41 -1.04 -6.68
N ARG A 507 50.84 -1.04 -5.47
CA ARG A 507 51.64 -0.99 -4.27
C ARG A 507 52.31 -2.34 -4.02
N GLU A 508 51.62 -3.45 -4.33
CA GLU A 508 52.16 -4.78 -4.10
C GLU A 508 53.40 -5.03 -4.95
N GLU A 509 53.54 -4.31 -6.07
CA GLU A 509 54.70 -4.42 -6.95
C GLU A 509 55.97 -3.83 -6.33
N VAL A 510 55.84 -2.96 -5.30
CA VAL A 510 56.97 -2.18 -4.79
C VAL A 510 57.18 -2.40 -3.29
N ILE A 511 56.12 -2.80 -2.56
CA ILE A 511 56.22 -3.08 -1.13
C ILE A 511 55.50 -4.41 -0.88
N ASP A 512 55.85 -5.05 0.24
CA ASP A 512 55.18 -6.28 0.65
C ASP A 512 54.04 -5.95 1.60
N PHE A 513 52.92 -6.64 1.41
CA PHE A 513 51.78 -6.56 2.33
C PHE A 513 51.58 -7.89 3.06
N SER A 514 51.14 -7.80 4.32
CA SER A 514 50.68 -8.97 5.04
C SER A 514 49.24 -9.30 4.62
N LYS A 515 48.69 -10.39 5.18
CA LYS A 515 47.29 -10.69 4.99
C LYS A 515 46.46 -9.54 5.58
N PRO A 516 45.31 -9.19 4.98
CA PRO A 516 44.53 -8.05 5.46
C PRO A 516 44.09 -8.20 6.91
N PHE A 517 44.15 -7.09 7.67
CA PHE A 517 43.69 -7.11 9.04
C PHE A 517 42.33 -6.43 9.20
N MET A 518 41.73 -5.94 8.11
CA MET A 518 40.42 -5.35 8.18
C MET A 518 39.85 -5.28 6.76
N SER A 519 38.55 -5.57 6.63
CA SER A 519 37.89 -5.54 5.32
C SER A 519 37.18 -4.21 5.16
N LEU A 520 36.93 -3.85 3.90
CA LEU A 520 36.25 -2.60 3.58
C LEU A 520 35.88 -2.60 2.10
N GLY A 521 35.18 -1.54 1.70
CA GLY A 521 34.93 -1.25 0.31
C GLY A 521 34.75 0.24 0.11
N ILE A 522 34.77 0.67 -1.16
CA ILE A 522 34.42 2.04 -1.48
C ILE A 522 32.91 2.21 -1.23
N SER A 523 32.56 3.31 -0.57
CA SER A 523 31.18 3.57 -0.22
C SER A 523 30.86 5.06 -0.38
N ILE A 524 29.57 5.36 -0.50
CA ILE A 524 29.07 6.72 -0.69
C ILE A 524 28.58 7.27 0.64
N MET A 525 29.02 8.51 0.93
CA MET A 525 28.60 9.24 2.11
C MET A 525 27.83 10.46 1.64
N ILE A 526 26.63 10.65 2.21
CA ILE A 526 25.72 11.72 1.86
C ILE A 526 25.22 12.36 3.14
N LYS A 527 24.85 13.65 3.05
CA LYS A 527 24.26 14.35 4.19
C LYS A 527 22.90 13.73 4.50
N LYS A 528 22.67 13.39 5.77
CA LYS A 528 21.40 12.83 6.20
C LYS A 528 20.35 13.92 6.10
N PRO A 529 19.23 13.70 5.37
CA PRO A 529 18.11 14.65 5.39
C PRO A 529 17.44 14.69 6.77
N GLN A 530 16.76 15.80 7.06
CA GLN A 530 16.23 16.05 8.40
C GLN A 530 14.98 15.18 8.60
N LYS A 531 14.88 14.59 9.81
CA LYS A 531 13.76 13.78 10.23
C LYS A 531 12.73 14.74 10.82
N SER A 532 11.46 14.58 10.41
CA SER A 532 10.39 15.45 10.89
C SER A 532 10.11 15.25 12.38
N LYS A 533 10.26 14.00 12.89
CA LYS A 533 9.90 13.52 14.22
C LYS A 533 8.42 13.74 14.59
N PRO A 534 7.67 12.68 15.00
CA PRO A 534 6.25 12.82 15.31
C PRO A 534 6.06 13.59 16.62
N GLY A 535 5.01 14.42 16.65
CA GLY A 535 4.70 15.24 17.81
C GLY A 535 3.86 14.48 18.84
N VAL A 536 3.71 15.09 20.03
CA VAL A 536 2.81 14.60 21.07
C VAL A 536 1.38 14.55 20.52
N PHE A 537 0.99 15.57 19.76
CA PHE A 537 -0.33 15.61 19.16
C PHE A 537 -0.30 15.18 17.69
N SER A 538 0.46 14.13 17.39
CA SER A 538 0.53 13.64 16.02
C SER A 538 -0.81 13.09 15.50
N PHE A 539 -1.76 12.76 16.38
CA PHE A 539 -3.04 12.21 15.95
C PHE A 539 -3.82 13.29 15.20
N LEU A 540 -3.47 14.57 15.38
CA LEU A 540 -4.08 15.63 14.59
C LEU A 540 -3.53 15.73 13.16
N ASP A 541 -2.46 15.01 12.83
CA ASP A 541 -1.69 15.27 11.63
C ASP A 541 -2.44 14.99 10.34
N PRO A 542 -3.33 13.98 10.24
CA PRO A 542 -4.00 13.73 8.98
C PRO A 542 -4.81 14.90 8.39
N LEU A 543 -5.14 15.92 9.19
CA LEU A 543 -5.86 17.08 8.68
C LEU A 543 -5.02 18.33 8.95
N ALA A 544 -4.99 19.21 7.96
CA ALA A 544 -4.41 20.53 8.12
C ALA A 544 -5.05 21.28 9.29
N TYR A 545 -4.24 22.14 9.91
CA TYR A 545 -4.64 22.98 11.01
C TYR A 545 -5.91 23.74 10.65
N GLU A 546 -6.01 24.24 9.42
CA GLU A 546 -7.16 25.04 9.04
C GLU A 546 -8.44 24.21 8.96
N ILE A 547 -8.36 22.93 8.62
CA ILE A 547 -9.55 22.09 8.73
C ILE A 547 -9.99 22.01 10.19
N TRP A 548 -9.08 21.71 11.14
CA TRP A 548 -9.46 21.65 12.56
C TRP A 548 -10.09 22.97 13.00
N MET A 549 -9.53 24.10 12.58
CA MET A 549 -10.09 25.37 12.98
C MET A 549 -11.49 25.54 12.40
N CYS A 550 -11.64 25.25 11.11
CA CYS A 550 -12.95 25.36 10.46
C CYS A 550 -13.95 24.35 11.00
N ILE A 551 -13.53 23.13 11.38
CA ILE A 551 -14.44 22.20 12.05
C ILE A 551 -15.03 22.85 13.29
N VAL A 552 -14.18 23.48 14.11
CA VAL A 552 -14.66 24.17 15.29
C VAL A 552 -15.61 25.32 14.94
N PHE A 553 -15.29 26.16 13.94
CA PHE A 553 -16.28 27.19 13.62
C PHE A 553 -17.57 26.60 13.05
N ALA A 554 -17.45 25.56 12.21
CA ALA A 554 -18.63 24.91 11.69
C ALA A 554 -19.49 24.36 12.83
N TYR A 555 -18.85 23.75 13.83
CA TYR A 555 -19.53 23.21 14.99
C TYR A 555 -20.33 24.28 15.71
N ILE A 556 -19.75 25.47 15.90
CA ILE A 556 -20.45 26.58 16.52
C ILE A 556 -21.58 27.07 15.63
N GLY A 557 -21.28 27.34 14.37
CA GLY A 557 -22.34 27.75 13.45
C GLY A 557 -23.54 26.79 13.44
N VAL A 558 -23.28 25.48 13.33
CA VAL A 558 -24.36 24.51 13.27
C VAL A 558 -25.18 24.56 14.54
N SER A 559 -24.50 24.64 15.68
CA SER A 559 -25.15 24.63 16.96
C SER A 559 -26.01 25.87 17.14
N VAL A 560 -25.50 27.05 16.76
CA VAL A 560 -26.28 28.26 16.90
C VAL A 560 -27.48 28.21 15.96
N VAL A 561 -27.28 27.92 14.67
CA VAL A 561 -28.42 27.83 13.78
C VAL A 561 -29.44 26.79 14.25
N LEU A 562 -29.02 25.60 14.73
CA LEU A 562 -29.98 24.65 15.26
C LEU A 562 -30.84 25.31 16.34
N PHE A 563 -30.20 25.83 17.38
CA PHE A 563 -30.89 26.56 18.46
C PHE A 563 -31.86 27.57 17.85
N LEU A 564 -31.35 28.50 17.07
CA LEU A 564 -32.18 29.54 16.46
C LEU A 564 -33.43 28.91 15.85
N VAL A 565 -33.27 28.08 14.81
CA VAL A 565 -34.44 27.54 14.12
C VAL A 565 -35.41 26.93 15.15
N SER A 566 -34.95 25.98 15.95
CA SER A 566 -35.82 25.29 16.90
C SER A 566 -36.62 26.28 17.77
N ARG A 567 -35.91 27.16 18.49
CA ARG A 567 -36.57 28.05 19.44
C ARG A 567 -37.52 29.02 18.76
N PHE A 568 -37.08 29.65 17.67
CA PHE A 568 -37.93 30.68 17.04
C PHE A 568 -39.16 30.03 16.38
N SER A 569 -39.06 28.72 16.03
CA SER A 569 -40.16 28.00 15.38
C SER A 569 -41.55 28.61 15.69
N ASN A 591 -35.14 18.11 26.96
CA ASN A 591 -35.76 17.48 25.75
C ASN A 591 -35.92 18.44 24.57
N GLU A 592 -35.50 19.70 24.73
CA GLU A 592 -35.63 20.71 23.71
C GLU A 592 -34.25 21.24 23.35
N PHE A 593 -34.19 21.95 22.23
CA PHE A 593 -32.98 22.38 21.60
C PHE A 593 -32.74 23.80 22.02
N GLY A 594 -32.49 24.00 23.31
CA GLY A 594 -31.81 25.23 23.72
C GLY A 594 -30.34 25.17 23.33
N ILE A 595 -29.60 26.22 23.61
CA ILE A 595 -28.25 26.33 23.09
C ILE A 595 -27.36 25.22 23.62
N PHE A 596 -27.50 24.84 24.89
CA PHE A 596 -26.58 23.89 25.50
C PHE A 596 -26.85 22.50 24.95
N ASN A 597 -28.12 22.15 24.74
CA ASN A 597 -28.45 20.89 24.13
C ASN A 597 -28.13 20.87 22.64
N SER A 598 -28.23 22.01 21.95
CA SER A 598 -27.80 22.12 20.57
C SER A 598 -26.31 21.81 20.48
N LEU A 599 -25.51 22.43 21.34
CA LEU A 599 -24.10 22.12 21.39
C LEU A 599 -23.85 20.65 21.68
N TRP A 600 -24.66 20.02 22.55
CA TRP A 600 -24.42 18.63 22.92
C TRP A 600 -24.81 17.71 21.76
N PHE A 601 -25.91 18.01 21.08
CA PHE A 601 -26.37 17.24 19.93
C PHE A 601 -25.33 17.25 18.83
N SER A 602 -24.87 18.43 18.47
CA SER A 602 -23.86 18.57 17.43
C SER A 602 -22.61 17.80 17.79
N LEU A 603 -22.19 17.84 19.05
CA LEU A 603 -20.95 17.22 19.44
C LEU A 603 -21.09 15.71 19.33
N GLY A 604 -22.18 15.19 19.82
CA GLY A 604 -22.40 13.76 19.73
C GLY A 604 -22.47 13.27 18.30
N ALA A 605 -23.14 14.03 17.41
CA ALA A 605 -23.24 13.67 16.02
C ALA A 605 -21.83 13.58 15.42
N PHE A 606 -21.06 14.63 15.64
CA PHE A 606 -19.74 14.67 15.09
C PHE A 606 -18.88 13.50 15.57
N MET A 607 -19.01 13.12 16.85
CA MET A 607 -18.11 12.15 17.46
C MET A 607 -18.70 10.76 17.32
N GLN A 608 -19.84 10.66 16.64
CA GLN A 608 -20.40 9.37 16.29
C GLN A 608 -20.84 8.62 17.52
N GLN A 609 -21.67 9.28 18.34
N GLN A 609 -21.48 9.33 18.46
CA GLN A 609 -22.12 8.73 19.60
CA GLN A 609 -21.86 8.76 19.73
C GLN A 609 -23.63 8.74 19.69
C GLN A 609 -23.37 8.79 19.81
N GLY A 610 -24.28 9.71 19.04
N GLY A 610 -24.00 9.14 18.68
CA GLY A 610 -25.74 9.82 19.14
CA GLY A 610 -25.45 9.10 18.60
C GLY A 610 -26.09 10.64 20.37
C GLY A 610 -26.04 10.31 19.31
N CYS A 611 -27.38 10.87 20.62
N CYS A 611 -27.21 10.15 19.93
CA CYS A 611 -27.77 11.83 21.65
CA CYS A 611 -27.95 11.30 20.44
C CYS A 611 -29.08 11.44 22.32
C CYS A 611 -28.95 10.87 21.51
N ASP A 612 -29.39 12.11 23.44
N ASP A 612 -29.29 11.80 22.40
CA ASP A 612 -30.71 11.98 24.03
CA ASP A 612 -30.37 11.58 23.36
C ASP A 612 -31.75 12.28 22.95
C ASP A 612 -31.66 12.18 22.81
N ILE A 613 -31.54 13.35 22.17
CA ILE A 613 -32.60 14.05 21.50
C ILE A 613 -32.28 14.15 20.01
N SER A 614 -33.32 14.36 19.20
CA SER A 614 -33.17 14.54 17.77
C SER A 614 -34.16 15.61 17.32
N PRO A 615 -33.82 16.49 16.37
CA PRO A 615 -34.78 17.50 15.93
C PRO A 615 -36.08 16.93 15.34
N ARG A 616 -37.21 17.63 15.54
CA ARG A 616 -38.49 17.16 15.00
C ARG A 616 -38.99 18.08 13.89
N SER A 617 -38.62 19.35 13.90
CA SER A 617 -39.07 20.27 12.87
C SER A 617 -38.37 20.04 11.53
N LEU A 618 -38.94 20.61 10.48
CA LEU A 618 -38.31 20.51 9.17
C LEU A 618 -36.98 21.26 9.14
N SER A 619 -36.92 22.47 9.70
CA SER A 619 -35.69 23.24 9.61
C SER A 619 -34.64 22.63 10.55
N GLY A 620 -35.06 22.12 11.71
CA GLY A 620 -34.14 21.37 12.56
C GLY A 620 -33.55 20.16 11.86
N ARG A 621 -34.37 19.45 11.06
CA ARG A 621 -33.91 18.26 10.38
C ARG A 621 -33.04 18.63 9.20
N ILE A 622 -33.27 19.77 8.57
CA ILE A 622 -32.35 20.19 7.52
C ILE A 622 -30.96 20.41 8.14
N VAL A 623 -30.90 21.12 9.26
CA VAL A 623 -29.64 21.42 9.91
C VAL A 623 -28.97 20.13 10.35
N GLY A 624 -29.71 19.27 11.03
CA GLY A 624 -29.19 17.98 11.45
C GLY A 624 -28.67 17.15 10.27
N GLY A 625 -29.46 17.07 9.18
CA GLY A 625 -29.10 16.28 8.01
C GLY A 625 -27.83 16.77 7.37
N VAL A 626 -27.67 18.10 7.18
CA VAL A 626 -26.40 18.54 6.60
C VAL A 626 -25.27 18.30 7.59
N TRP A 627 -25.47 18.46 8.88
CA TRP A 627 -24.39 18.21 9.80
C TRP A 627 -23.99 16.72 9.80
N TRP A 628 -24.96 15.78 9.69
CA TRP A 628 -24.64 14.38 9.54
C TRP A 628 -23.81 14.08 8.32
N PHE A 629 -24.12 14.78 7.22
CA PHE A 629 -23.44 14.58 5.96
C PHE A 629 -22.00 15.07 6.09
N PHE A 630 -21.86 16.27 6.65
CA PHE A 630 -20.56 16.86 6.88
C PHE A 630 -19.71 15.94 7.74
N THR A 631 -20.30 15.44 8.81
CA THR A 631 -19.60 14.55 9.72
C THR A 631 -19.14 13.30 9.00
N LEU A 632 -20.02 12.65 8.24
CA LEU A 632 -19.63 11.45 7.54
C LEU A 632 -18.43 11.69 6.64
N ILE A 633 -18.41 12.80 5.87
CA ILE A 633 -17.28 13.08 4.98
C ILE A 633 -16.04 13.34 5.83
N ILE A 634 -16.08 14.25 6.79
CA ILE A 634 -14.90 14.67 7.51
C ILE A 634 -14.32 13.53 8.36
N ILE A 635 -15.12 12.82 9.16
CA ILE A 635 -14.60 11.72 9.96
C ILE A 635 -14.04 10.62 9.06
N SER A 636 -14.74 10.30 7.98
CA SER A 636 -14.27 9.25 7.10
C SER A 636 -12.94 9.65 6.50
N SER A 637 -12.78 10.92 6.12
CA SER A 637 -11.54 11.43 5.58
C SER A 637 -10.43 11.34 6.61
N TYR A 638 -10.72 11.72 7.85
CA TYR A 638 -9.75 11.62 8.93
C TYR A 638 -9.26 10.18 9.12
N THR A 639 -10.13 9.19 9.12
CA THR A 639 -9.71 7.84 9.48
C THR A 639 -9.09 7.15 8.26
N ALA A 640 -9.54 7.52 7.06
CA ALA A 640 -8.94 7.00 5.85
C ALA A 640 -7.48 7.47 5.84
N ASN A 641 -7.29 8.79 5.92
CA ASN A 641 -5.99 9.41 5.91
C ASN A 641 -5.19 9.05 7.15
N LEU A 642 -5.82 8.79 8.28
CA LEU A 642 -5.05 8.38 9.46
C LEU A 642 -4.37 7.06 9.18
N ALA A 643 -5.10 6.13 8.56
CA ALA A 643 -4.58 4.80 8.27
C ALA A 643 -3.31 4.89 7.42
N ALA A 644 -3.32 5.82 6.45
CA ALA A 644 -2.17 6.11 5.59
C ALA A 644 -0.94 6.55 6.38
N PHE A 645 -1.10 7.49 7.31
CA PHE A 645 -0.01 7.98 8.15
C PHE A 645 0.56 6.91 9.09
N LEU A 646 -0.25 5.90 9.45
CA LEU A 646 0.15 4.89 10.40
C LEU A 646 0.86 3.73 9.71
N THR A 647 0.95 3.78 8.38
CA THR A 647 1.54 2.70 7.58
C THR A 647 2.64 3.15 6.63
N VAL A 648 2.90 4.46 6.48
CA VAL A 648 3.96 4.94 5.61
C VAL A 648 5.30 4.84 6.36
N GLU A 649 6.20 4.00 5.81
CA GLU A 649 7.57 3.89 6.28
C GLU A 649 8.47 3.42 5.13
N ARG A 650 8.78 4.36 4.23
CA ARG A 650 9.84 4.22 3.24
C ARG A 650 10.44 5.58 2.91
N MET A 651 11.34 6.03 3.80
CA MET A 651 12.11 7.24 3.57
C MET A 651 13.26 6.88 2.63
N VAL A 652 13.03 7.10 1.33
CA VAL A 652 13.88 6.59 0.26
C VAL A 652 14.94 7.64 -0.10
N SER A 653 16.21 7.21 -0.10
CA SER A 653 17.35 8.07 -0.41
C SER A 653 17.37 8.39 -1.91
N PRO A 654 17.69 9.63 -2.33
CA PRO A 654 17.79 9.96 -3.75
C PRO A 654 18.80 9.11 -4.52
N ILE A 655 19.96 8.80 -3.90
CA ILE A 655 21.01 8.08 -4.61
C ILE A 655 20.77 6.57 -4.53
N GLU A 656 20.83 5.98 -3.33
CA GLU A 656 20.55 4.56 -3.07
C GLU A 656 21.48 3.57 -3.80
N SER A 657 22.44 4.05 -4.59
CA SER A 657 23.34 3.23 -5.38
C SER A 657 24.37 4.14 -6.08
N ALA A 658 25.35 3.52 -6.74
CA ALA A 658 26.38 4.23 -7.49
C ALA A 658 25.82 4.78 -8.80
N GLU A 659 25.03 3.94 -9.51
CA GLU A 659 24.47 4.31 -10.80
C GLU A 659 23.67 5.60 -10.68
N ASP A 660 22.83 5.71 -9.66
CA ASP A 660 22.01 6.89 -9.45
C ASP A 660 22.89 8.13 -9.21
N LEU A 661 24.07 7.96 -8.60
CA LEU A 661 24.99 9.08 -8.44
C LEU A 661 25.60 9.46 -9.78
N ALA A 662 25.88 8.46 -10.64
CA ALA A 662 26.49 8.69 -11.93
C ALA A 662 25.50 9.37 -12.90
N LYS A 663 24.22 9.00 -12.83
CA LYS A 663 23.23 9.46 -13.80
C LYS A 663 22.93 10.95 -13.63
N GLN A 664 22.81 11.39 -12.37
CA GLN A 664 22.51 12.77 -12.05
C GLN A 664 23.78 13.62 -12.17
N THR A 665 23.59 14.94 -12.13
CA THR A 665 24.69 15.91 -12.21
C THR A 665 24.52 17.07 -11.23
N GLU A 666 23.44 17.08 -10.43
CA GLU A 666 23.19 18.15 -9.48
C GLU A 666 24.15 18.06 -8.29
N ILE A 667 24.44 16.83 -7.86
CA ILE A 667 25.33 16.56 -6.73
C ILE A 667 26.71 16.20 -7.29
N ALA A 668 27.73 16.93 -6.82
CA ALA A 668 29.12 16.66 -7.14
C ALA A 668 29.67 15.66 -6.13
N TYR A 669 30.47 14.72 -6.64
CA TYR A 669 31.05 13.69 -5.80
C TYR A 669 32.54 13.61 -6.07
N GLY A 670 33.30 13.56 -4.97
CA GLY A 670 34.75 13.56 -5.04
C GLY A 670 35.35 12.43 -4.20
N THR A 671 36.67 12.42 -4.18
CA THR A 671 37.48 11.39 -3.54
C THR A 671 38.63 12.11 -2.84
N LEU A 672 39.43 11.37 -2.08
CA LEU A 672 40.65 11.86 -1.48
C LEU A 672 41.77 11.78 -2.50
N GLU A 673 42.65 12.79 -2.49
CA GLU A 673 43.81 12.85 -3.38
C GLU A 673 44.91 11.94 -2.82
N ALA A 674 45.63 11.29 -3.76
CA ALA A 674 46.74 10.39 -3.47
C ALA A 674 46.26 9.22 -2.60
N GLY A 675 45.11 8.66 -2.97
CA GLY A 675 44.49 7.58 -2.22
C GLY A 675 44.16 6.40 -3.14
N SER A 676 43.91 5.25 -2.51
CA SER A 676 43.57 4.05 -3.23
C SER A 676 42.25 4.19 -3.99
N THR A 677 41.31 5.00 -3.47
CA THR A 677 40.01 5.15 -4.11
C THR A 677 40.16 5.91 -5.43
N LYS A 678 40.95 6.98 -5.41
CA LYS A 678 41.24 7.75 -6.61
C LYS A 678 41.87 6.85 -7.67
N GLU A 679 42.87 6.06 -7.24
CA GLU A 679 43.60 5.16 -8.13
C GLU A 679 42.67 4.08 -8.67
N PHE A 680 41.73 3.61 -7.84
CA PHE A 680 40.74 2.62 -8.24
C PHE A 680 39.89 3.16 -9.37
N PHE A 681 39.44 4.41 -9.22
CA PHE A 681 38.58 5.04 -10.21
C PHE A 681 39.34 5.33 -11.50
N ARG A 682 40.59 5.79 -11.38
CA ARG A 682 41.39 6.09 -12.55
C ARG A 682 41.55 4.85 -13.43
N ARG A 683 41.96 3.73 -12.83
CA ARG A 683 42.37 2.56 -13.57
C ARG A 683 41.19 1.63 -13.86
N SER A 684 39.95 2.11 -13.73
CA SER A 684 38.80 1.23 -13.85
C SER A 684 38.43 1.09 -15.33
N LYS A 685 37.82 -0.06 -15.67
CA LYS A 685 37.34 -0.38 -17.00
C LYS A 685 35.85 -0.74 -16.98
N ILE A 686 35.19 -0.66 -15.82
CA ILE A 686 33.76 -0.88 -15.70
C ILE A 686 33.07 0.39 -16.20
N ALA A 687 31.96 0.21 -16.92
CA ALA A 687 31.26 1.29 -17.61
C ALA A 687 30.95 2.44 -16.65
N VAL A 688 30.33 2.10 -15.51
CA VAL A 688 29.87 3.08 -14.55
C VAL A 688 31.08 3.82 -13.97
N PHE A 689 32.12 3.06 -13.61
CA PHE A 689 33.29 3.63 -12.98
C PHE A 689 34.09 4.48 -13.96
N GLU A 690 34.15 4.05 -15.22
CA GLU A 690 34.81 4.84 -16.26
C GLU A 690 34.09 6.18 -16.43
N LYS A 691 32.75 6.14 -16.46
CA LYS A 691 31.94 7.35 -16.55
C LYS A 691 32.24 8.26 -15.37
N MET A 692 32.28 7.68 -14.17
CA MET A 692 32.52 8.44 -12.95
C MET A 692 33.88 9.11 -13.00
N TRP A 693 34.90 8.37 -13.49
CA TRP A 693 36.25 8.90 -13.52
C TRP A 693 36.36 10.03 -14.53
N THR A 694 35.76 9.84 -15.71
CA THR A 694 35.81 10.86 -16.75
C THR A 694 35.18 12.16 -16.22
N TYR A 695 34.09 12.03 -15.46
CA TYR A 695 33.50 13.19 -14.80
C TYR A 695 34.47 13.79 -13.79
N MET A 696 35.02 12.97 -12.89
CA MET A 696 35.74 13.47 -11.73
C MET A 696 37.02 14.19 -12.17
N LYS A 697 37.72 13.64 -13.17
CA LYS A 697 38.98 14.19 -13.63
C LYS A 697 38.77 15.60 -14.22
N SER A 698 37.68 15.75 -14.98
CA SER A 698 37.48 16.96 -15.78
C SER A 698 36.73 18.04 -15.01
N ALA A 699 35.91 17.64 -14.03
CA ALA A 699 35.00 18.54 -13.35
C ALA A 699 35.77 19.66 -12.64
N GLU A 700 35.20 20.87 -12.71
CA GLU A 700 35.76 22.09 -12.16
C GLU A 700 34.66 22.83 -11.41
N PRO A 701 34.86 23.30 -10.15
CA PRO A 701 36.11 23.13 -9.39
C PRO A 701 36.38 21.69 -8.99
N SER A 702 37.62 21.42 -8.55
CA SER A 702 38.06 20.09 -8.18
C SER A 702 37.12 19.50 -7.15
N VAL A 703 36.58 18.32 -7.48
CA VAL A 703 35.74 17.54 -6.59
C VAL A 703 36.58 16.94 -5.48
N PHE A 704 37.87 16.69 -5.78
CA PHE A 704 38.75 15.98 -4.85
C PHE A 704 39.05 16.85 -3.64
N VAL A 705 39.54 16.19 -2.59
CA VAL A 705 39.84 16.81 -1.31
C VAL A 705 41.23 16.36 -0.88
N ARG A 706 41.77 17.00 0.17
CA ARG A 706 43.11 16.74 0.64
C ARG A 706 43.15 15.79 1.83
N THR A 707 42.08 15.73 2.63
CA THR A 707 42.02 14.86 3.80
C THR A 707 40.58 14.37 4.01
N THR A 708 40.43 13.28 4.77
CA THR A 708 39.10 12.72 5.04
C THR A 708 38.22 13.75 5.77
N GLU A 709 38.80 14.41 6.78
CA GLU A 709 38.10 15.45 7.52
C GLU A 709 37.61 16.54 6.56
N GLU A 710 38.44 16.87 5.56
CA GLU A 710 38.07 17.88 4.58
C GLU A 710 36.81 17.46 3.81
N GLY A 711 36.76 16.21 3.34
CA GLY A 711 35.62 15.68 2.62
C GLY A 711 34.37 15.61 3.51
N MET A 712 34.57 15.24 4.77
CA MET A 712 33.48 15.18 5.73
C MET A 712 32.86 16.56 5.91
N ILE A 713 33.70 17.59 6.10
CA ILE A 713 33.21 18.94 6.30
C ILE A 713 32.53 19.46 5.04
N ARG A 714 33.04 19.10 3.86
CA ARG A 714 32.48 19.56 2.60
C ARG A 714 31.08 18.97 2.40
N VAL A 715 30.87 17.70 2.76
CA VAL A 715 29.54 17.09 2.67
C VAL A 715 28.63 17.75 3.68
N ARG A 716 29.16 18.05 4.87
CA ARG A 716 28.38 18.68 5.92
C ARG A 716 27.96 20.10 5.52
N LYS A 717 28.88 20.84 4.88
CA LYS A 717 28.71 22.26 4.59
C LYS A 717 28.34 22.50 3.13
N SER A 718 28.01 21.44 2.36
CA SER A 718 27.58 21.60 0.97
C SER A 718 26.05 21.66 0.85
N LYS A 719 25.33 21.70 1.98
CA LYS A 719 23.88 21.73 2.02
C LYS A 719 23.29 20.60 1.18
N GLY A 720 23.82 19.39 1.41
CA GLY A 720 23.35 18.17 0.75
C GLY A 720 23.57 18.17 -0.76
N LYS A 721 24.66 18.78 -1.24
CA LYS A 721 24.97 18.80 -2.66
C LYS A 721 26.30 18.10 -2.98
N TYR A 722 26.92 17.43 -1.98
CA TYR A 722 28.20 16.76 -2.16
C TYR A 722 28.11 15.32 -1.63
N ALA A 723 28.55 14.36 -2.45
CA ALA A 723 28.54 12.94 -2.10
C ALA A 723 29.97 12.43 -2.09
N TYR A 724 30.50 12.13 -0.90
CA TYR A 724 31.91 11.77 -0.77
C TYR A 724 32.11 10.27 -0.91
N LEU A 725 33.06 9.87 -1.77
CA LEU A 725 33.39 8.46 -1.95
C LEU A 725 34.60 8.13 -1.08
N LEU A 726 34.38 7.34 -0.03
CA LEU A 726 35.44 6.99 0.90
C LEU A 726 35.32 5.52 1.27
N GLU A 727 36.23 5.04 2.12
CA GLU A 727 36.23 3.64 2.53
C GLU A 727 35.14 3.41 3.59
N SER A 728 34.56 2.21 3.54
CA SER A 728 33.36 1.91 4.32
C SER A 728 33.64 2.00 5.81
N THR A 729 34.84 1.66 6.24
CA THR A 729 35.19 1.69 7.65
C THR A 729 35.15 3.11 8.19
N MET A 730 35.82 4.03 7.49
CA MET A 730 35.80 5.44 7.86
C MET A 730 34.38 5.98 7.81
N ASN A 731 33.64 5.61 6.76
CA ASN A 731 32.27 6.06 6.59
C ASN A 731 31.42 5.66 7.81
N GLU A 732 31.52 4.40 8.21
CA GLU A 732 30.76 3.88 9.34
C GLU A 732 31.16 4.61 10.62
N TYR A 733 32.46 4.78 10.85
CA TYR A 733 32.94 5.46 12.04
C TYR A 733 32.39 6.88 12.11
N ILE A 734 32.44 7.62 11.00
CA ILE A 734 31.94 8.98 10.97
C ILE A 734 30.44 9.01 11.29
N GLU A 735 29.68 8.15 10.61
CA GLU A 735 28.22 8.12 10.78
C GLU A 735 27.82 7.80 12.23
N GLN A 736 28.74 7.24 13.02
CA GLN A 736 28.47 6.92 14.41
C GLN A 736 28.81 8.08 15.36
N ARG A 737 29.22 9.25 14.84
CA ARG A 737 29.67 10.32 15.72
C ARG A 737 29.03 11.67 15.38
N LYS A 738 28.84 12.46 16.44
CA LYS A 738 28.22 13.77 16.36
C LYS A 738 29.17 14.74 15.67
N PRO A 739 28.71 15.72 14.86
CA PRO A 739 27.29 15.96 14.57
C PRO A 739 26.74 15.02 13.49
N CYS A 740 26.05 13.98 13.97
CA CYS A 740 25.67 12.82 13.17
C CYS A 740 24.62 13.23 12.13
N ASP A 741 25.03 14.01 11.12
CA ASP A 741 24.14 14.40 10.05
C ASP A 741 24.57 13.77 8.72
N THR A 742 25.42 12.73 8.78
CA THR A 742 25.91 12.09 7.55
C THR A 742 25.52 10.62 7.60
N MET A 743 25.45 9.98 6.43
CA MET A 743 24.98 8.61 6.37
C MET A 743 25.53 7.90 5.13
N LYS A 744 25.76 6.59 5.28
CA LYS A 744 26.20 5.74 4.19
C LYS A 744 24.99 5.38 3.33
N VAL A 745 25.16 5.46 2.02
CA VAL A 745 24.12 5.12 1.07
C VAL A 745 24.56 3.92 0.24
N GLY A 746 23.66 2.94 0.14
CA GLY A 746 23.83 1.79 -0.74
C GLY A 746 24.83 0.78 -0.20
N GLY A 747 25.27 -0.12 -1.08
CA GLY A 747 26.27 -1.12 -0.76
C GLY A 747 27.69 -0.59 -0.98
N ASN A 748 28.65 -1.52 -1.01
CA ASN A 748 30.03 -1.21 -1.27
C ASN A 748 30.33 -1.45 -2.75
N LEU A 749 31.11 -0.54 -3.35
CA LEU A 749 31.43 -0.59 -4.77
C LEU A 749 32.38 -1.75 -5.07
N ASP A 750 33.26 -2.07 -4.11
CA ASP A 750 34.15 -3.21 -4.25
C ASP A 750 34.50 -3.78 -2.87
N SER A 751 35.41 -4.76 -2.86
CA SER A 751 35.84 -5.44 -1.65
C SER A 751 37.36 -5.47 -1.64
N LYS A 752 37.93 -5.05 -0.52
CA LYS A 752 39.38 -5.03 -0.33
C LYS A 752 39.68 -4.99 1.16
N GLY A 753 40.93 -4.72 1.52
CA GLY A 753 41.35 -4.75 2.91
C GLY A 753 42.65 -4.00 3.12
N TYR A 754 42.91 -3.59 4.36
CA TYR A 754 44.17 -2.97 4.74
C TYR A 754 45.19 -4.03 5.09
N GLY A 755 46.45 -3.74 4.80
CA GLY A 755 47.54 -4.62 5.13
C GLY A 755 48.65 -3.86 5.82
N ILE A 756 49.47 -4.62 6.56
CA ILE A 756 50.68 -4.07 7.15
C ILE A 756 51.77 -4.14 6.10
N ALA A 757 52.32 -2.98 5.73
CA ALA A 757 53.29 -2.92 4.65
C ALA A 757 54.71 -3.00 5.20
N THR A 758 55.64 -3.43 4.34
CA THR A 758 57.06 -3.48 4.65
C THR A 758 57.83 -3.23 3.36
N PRO A 759 59.09 -2.75 3.42
CA PRO A 759 59.92 -2.59 2.24
C PRO A 759 60.16 -3.93 1.56
N LYS A 760 60.18 -3.91 0.22
CA LYS A 760 60.42 -5.11 -0.56
C LYS A 760 61.78 -5.70 -0.18
N GLY A 761 61.80 -7.01 0.09
CA GLY A 761 63.00 -7.71 0.54
C GLY A 761 63.31 -7.51 2.02
N SER A 762 62.33 -7.06 2.81
CA SER A 762 62.52 -6.87 4.24
C SER A 762 62.49 -8.21 4.96
N ALA A 763 63.19 -8.24 6.11
CA ALA A 763 63.25 -9.42 6.97
C ALA A 763 62.06 -9.47 7.93
N LEU A 764 61.25 -8.40 7.97
CA LEU A 764 60.10 -8.31 8.86
C LEU A 764 58.84 -8.89 8.22
N ARG A 765 58.89 -9.19 6.91
CA ARG A 765 57.72 -9.59 6.13
C ARG A 765 57.06 -10.83 6.72
N GLY A 766 57.85 -11.90 6.95
CA GLY A 766 57.31 -13.17 7.41
C GLY A 766 56.72 -13.07 8.81
N PRO A 767 57.50 -12.60 9.81
CA PRO A 767 56.99 -12.43 11.17
C PRO A 767 55.74 -11.57 11.26
N VAL A 768 55.65 -10.49 10.46
CA VAL A 768 54.49 -9.61 10.50
C VAL A 768 53.25 -10.37 10.02
N ASN A 769 53.38 -11.13 8.94
CA ASN A 769 52.29 -11.93 8.42
C ASN A 769 51.78 -12.90 9.48
N LEU A 770 52.71 -13.61 10.11
CA LEU A 770 52.36 -14.58 11.13
C LEU A 770 51.72 -13.90 12.34
N ALA A 771 52.21 -12.69 12.69
CA ALA A 771 51.65 -11.94 13.79
C ALA A 771 50.20 -11.56 13.51
N VAL A 772 49.92 -11.13 12.27
CA VAL A 772 48.57 -10.75 11.91
C VAL A 772 47.65 -11.97 11.97
N LEU A 773 48.12 -13.12 11.47
CA LEU A 773 47.32 -14.33 11.56
C LEU A 773 47.02 -14.71 13.01
N LYS A 774 48.04 -14.63 13.87
CA LYS A 774 47.86 -14.90 15.29
C LYS A 774 46.82 -13.96 15.88
N LEU A 775 46.96 -12.65 15.60
CA LEU A 775 46.06 -11.66 16.15
C LEU A 775 44.63 -11.88 15.68
N SER A 776 44.46 -12.30 14.41
CA SER A 776 43.14 -12.56 13.85
C SER A 776 42.50 -13.78 14.50
N GLU A 777 43.29 -14.86 14.66
CA GLU A 777 42.75 -16.11 15.18
C GLU A 777 42.44 -16.02 16.67
N GLN A 778 43.04 -15.05 17.38
CA GLN A 778 42.89 -14.92 18.82
C GLN A 778 41.81 -13.90 19.20
N GLY A 779 41.12 -13.33 18.21
CA GLY A 779 40.04 -12.39 18.45
C GLY A 779 40.51 -10.98 18.79
N VAL A 780 41.82 -10.71 18.67
CA VAL A 780 42.37 -9.42 19.05
C VAL A 780 41.87 -8.35 18.09
N LEU A 781 41.93 -8.63 16.79
CA LEU A 781 41.49 -7.68 15.77
C LEU A 781 40.00 -7.40 15.93
N ASP A 782 39.20 -8.45 16.21
CA ASP A 782 37.77 -8.28 16.44
C ASP A 782 37.52 -7.35 17.62
N LYS A 783 38.22 -7.59 18.73
CA LYS A 783 38.05 -6.80 19.94
C LYS A 783 38.43 -5.34 19.70
N LEU A 784 39.55 -5.13 18.99
CA LEU A 784 40.02 -3.78 18.68
C LEU A 784 38.98 -3.04 17.83
N LYS A 785 38.46 -3.73 16.81
CA LYS A 785 37.44 -3.14 15.94
C LYS A 785 36.23 -2.74 16.76
N SER A 786 35.73 -3.68 17.58
CA SER A 786 34.53 -3.47 18.37
C SER A 786 34.74 -2.30 19.33
N LYS A 787 35.93 -2.20 19.93
CA LYS A 787 36.26 -1.12 20.84
C LYS A 787 36.20 0.22 20.12
N TRP A 788 36.92 0.34 19.01
CA TRP A 788 37.19 1.64 18.40
C TRP A 788 36.06 2.11 17.48
N TRP A 789 35.13 1.21 17.12
CA TRP A 789 34.03 1.58 16.23
C TRP A 789 32.71 1.64 16.99
N TYR A 790 32.31 0.50 17.56
CA TYR A 790 30.96 0.32 18.09
C TYR A 790 30.81 1.04 19.43
N ASP A 791 31.79 0.83 20.32
CA ASP A 791 31.75 1.37 21.68
C ASP A 791 31.88 2.89 21.70
N LYS A 792 32.36 3.49 20.61
CA LYS A 792 32.44 4.94 20.46
C LYS A 792 31.05 5.56 20.63
N GLY A 793 30.13 5.27 19.68
CA GLY A 793 28.69 5.51 19.80
C GLY A 793 28.35 6.85 20.46
N GLU A 794 28.86 7.94 19.86
CA GLU A 794 28.55 9.30 20.31
C GLU A 794 27.04 9.55 20.20
N CYS A 795 26.45 9.20 19.05
CA CYS A 795 25.01 8.99 18.93
C CYS A 795 24.76 7.50 18.74
N GLY A 796 23.90 6.94 19.61
CA GLY A 796 23.64 5.50 19.66
C GLY A 796 22.46 5.08 18.78
N SER A 797 21.91 6.01 17.98
CA SER A 797 20.78 5.74 17.10
C SER A 797 21.27 5.01 15.84
N LYS A 805 4.94 -4.79 7.46
CA LYS A 805 5.17 -3.59 8.32
C LYS A 805 3.98 -3.38 9.28
N THR A 806 3.64 -4.43 10.04
CA THR A 806 2.69 -4.35 11.16
C THR A 806 3.49 -4.09 12.44
N SER A 807 3.48 -2.84 12.91
CA SER A 807 4.03 -2.52 14.22
C SER A 807 2.93 -2.01 15.15
N ALA A 808 2.86 -2.57 16.37
CA ALA A 808 2.03 -2.01 17.42
C ALA A 808 2.33 -0.52 17.61
N LEU A 809 1.28 0.26 17.85
CA LEU A 809 1.45 1.60 18.37
C LEU A 809 2.05 1.50 19.78
N SER A 810 2.83 2.53 20.13
CA SER A 810 3.40 2.62 21.46
C SER A 810 2.70 3.72 22.23
N LEU A 811 2.75 3.63 23.55
CA LEU A 811 2.14 4.63 24.40
C LEU A 811 2.62 6.05 24.06
N SER A 812 3.87 6.19 23.66
CA SER A 812 4.41 7.51 23.33
C SER A 812 3.68 8.08 22.11
N ASN A 813 3.28 7.22 21.16
CA ASN A 813 2.56 7.68 19.98
C ASN A 813 1.17 8.26 20.30
N VAL A 814 0.57 7.90 21.43
CA VAL A 814 -0.77 8.35 21.73
C VAL A 814 -0.82 9.09 23.06
N ALA A 815 0.34 9.36 23.69
CA ALA A 815 0.34 9.97 25.01
C ALA A 815 -0.46 11.26 25.06
N GLY A 816 -0.39 12.05 23.97
CA GLY A 816 -1.10 13.33 23.91
C GLY A 816 -2.61 13.21 24.13
N VAL A 817 -3.19 12.15 23.55
CA VAL A 817 -4.61 11.90 23.77
C VAL A 817 -4.87 11.62 25.25
N PHE A 818 -3.96 10.89 25.93
CA PHE A 818 -4.15 10.70 27.37
C PHE A 818 -4.02 12.01 28.16
N TYR A 819 -3.10 12.91 27.78
CA TYR A 819 -2.98 14.18 28.49
C TYR A 819 -4.26 14.99 28.34
N ILE A 820 -4.81 15.06 27.11
CA ILE A 820 -6.07 15.77 26.89
C ILE A 820 -7.16 15.18 27.77
N LEU A 821 -7.24 13.84 27.81
CA LEU A 821 -8.26 13.16 28.60
C LEU A 821 -8.15 13.56 30.05
N ILE A 822 -6.99 13.39 30.69
CA ILE A 822 -6.86 13.69 32.13
C ILE A 822 -7.03 15.18 32.37
N GLY A 823 -6.53 16.04 31.46
CA GLY A 823 -6.83 17.46 31.54
C GLY A 823 -8.33 17.75 31.62
N GLY A 824 -9.09 17.13 30.69
CA GLY A 824 -10.53 17.26 30.64
C GLY A 824 -11.22 16.81 31.92
N LEU A 825 -10.77 15.70 32.51
CA LEU A 825 -11.32 15.23 33.78
C LEU A 825 -11.03 16.23 34.89
N GLY A 826 -9.83 16.79 34.91
CA GLY A 826 -9.51 17.84 35.86
C GLY A 826 -10.43 19.04 35.71
N LEU A 827 -10.54 19.52 34.48
CA LEU A 827 -11.44 20.64 34.20
C LEU A 827 -12.87 20.33 34.62
N ALA A 828 -13.34 19.10 34.38
CA ALA A 828 -14.71 18.76 34.70
C ALA A 828 -14.89 18.84 36.21
N MET A 829 -13.90 18.38 36.99
CA MET A 829 -14.03 18.40 38.43
C MET A 829 -14.04 19.84 38.92
N LEU A 830 -13.17 20.68 38.35
CA LEU A 830 -13.15 22.09 38.70
C LEU A 830 -14.51 22.74 38.44
N VAL A 831 -15.01 22.66 37.20
CA VAL A 831 -16.34 23.19 36.84
C VAL A 831 -17.41 22.69 37.81
N ALA A 832 -17.29 21.44 38.31
CA ALA A 832 -18.33 20.87 39.16
C ALA A 832 -18.31 21.52 40.53
N LEU A 833 -17.10 21.81 41.06
CA LEU A 833 -16.94 22.51 42.32
C LEU A 833 -17.50 23.93 42.23
N ILE A 834 -17.17 24.65 41.16
CA ILE A 834 -17.72 25.96 40.93
C ILE A 834 -19.25 25.88 40.90
N GLU A 835 -19.81 25.19 39.90
CA GLU A 835 -21.26 25.05 39.76
C GLU A 835 -21.90 24.66 41.08
N PHE A 836 -21.13 24.05 42.01
CA PHE A 836 -21.64 23.72 43.32
C PHE A 836 -21.67 24.97 44.19
N CYS A 837 -20.49 25.52 44.47
CA CYS A 837 -20.32 26.69 45.32
C CYS A 837 -21.23 27.85 44.89
N TYR A 838 -21.37 28.09 43.57
CA TYR A 838 -22.33 29.05 43.04
C TYR A 838 -23.76 28.74 43.48
N LYS A 839 -24.19 27.47 43.34
CA LYS A 839 -25.55 27.07 43.72
C LYS A 839 -25.70 26.93 45.24
N SER A 840 -24.60 26.76 45.99
CA SER A 840 -24.64 26.75 47.44
C SER A 840 -24.85 28.14 48.03
N ARG A 841 -24.40 29.20 47.31
CA ARG A 841 -24.64 30.59 47.67
C ARG A 841 -25.63 31.21 46.67
N ARG B 415 41.17 7.02 -50.08
CA ARG B 415 40.50 8.35 -49.97
C ARG B 415 39.87 8.51 -48.58
N THR B 416 40.12 9.67 -47.94
CA THR B 416 39.40 10.08 -46.74
C THR B 416 38.05 10.68 -47.16
N TYR B 417 36.97 10.12 -46.59
CA TYR B 417 35.62 10.45 -47.01
C TYR B 417 35.03 11.55 -46.12
N ILE B 418 34.18 12.38 -46.73
CA ILE B 418 33.48 13.43 -46.01
C ILE B 418 32.10 12.88 -45.66
N VAL B 419 31.83 12.71 -44.36
CA VAL B 419 30.55 12.25 -43.86
C VAL B 419 29.75 13.48 -43.40
N THR B 420 28.82 13.91 -44.26
CA THR B 420 27.97 15.05 -43.96
C THR B 420 27.00 14.70 -42.83
N THR B 421 26.65 15.71 -42.02
CA THR B 421 25.82 15.51 -40.85
C THR B 421 25.13 16.83 -40.53
N ILE B 422 24.31 16.85 -39.47
CA ILE B 422 23.62 18.03 -39.00
C ILE B 422 23.69 18.08 -37.48
N LEU B 423 23.51 19.26 -36.92
CA LEU B 423 23.39 19.43 -35.49
C LEU B 423 21.95 19.15 -35.09
N GLU B 424 21.76 18.13 -34.23
CA GLU B 424 20.45 17.82 -33.67
C GLU B 424 20.64 16.97 -32.42
N ASP B 425 20.06 17.40 -31.30
CA ASP B 425 20.20 16.65 -30.06
C ASP B 425 19.26 15.44 -30.12
N PRO B 426 19.64 14.24 -29.61
CA PRO B 426 20.98 13.90 -29.11
C PRO B 426 21.89 13.19 -30.11
N TYR B 427 21.72 13.51 -31.39
CA TYR B 427 22.43 12.82 -32.44
C TYR B 427 23.86 13.35 -32.55
N VAL B 428 24.00 14.67 -32.64
CA VAL B 428 25.28 15.33 -32.92
C VAL B 428 25.37 16.62 -32.10
N MET B 429 25.72 16.48 -30.82
CA MET B 429 25.88 17.64 -29.96
C MET B 429 27.32 18.15 -30.02
N LEU B 430 27.47 19.47 -29.86
CA LEU B 430 28.78 20.11 -29.83
C LEU B 430 29.35 19.98 -28.41
N LYS B 431 30.54 19.37 -28.30
CA LYS B 431 31.06 18.92 -27.01
C LYS B 431 31.32 20.11 -26.11
N LYS B 432 30.99 19.95 -24.82
CA LYS B 432 31.34 20.93 -23.81
C LYS B 432 32.87 21.06 -23.78
N ASN B 433 33.35 22.30 -24.00
CA ASN B 433 34.74 22.61 -24.28
C ASN B 433 35.15 21.91 -25.57
N ALA B 434 34.52 22.32 -26.67
CA ALA B 434 34.87 21.88 -28.02
C ALA B 434 36.21 22.49 -28.46
N ASN B 435 36.55 23.67 -27.88
CA ASN B 435 37.73 24.44 -28.26
C ASN B 435 39.01 23.63 -28.05
N GLN B 436 39.02 22.76 -27.03
CA GLN B 436 40.15 21.89 -26.72
C GLN B 436 40.38 20.83 -27.81
N PHE B 437 39.34 20.54 -28.62
CA PHE B 437 39.41 19.52 -29.67
C PHE B 437 39.27 20.15 -31.05
N GLU B 438 39.70 19.37 -32.06
CA GLU B 438 39.45 19.66 -33.46
C GLU B 438 39.34 18.34 -34.24
N GLY B 439 38.42 18.30 -35.21
CA GLY B 439 38.16 17.11 -36.02
C GLY B 439 36.94 16.36 -35.51
N ASN B 440 36.84 15.07 -35.89
CA ASN B 440 35.72 14.21 -35.53
C ASN B 440 35.61 14.03 -34.01
N ASP B 441 36.71 14.29 -33.29
CA ASP B 441 36.74 14.16 -31.84
C ASP B 441 36.14 15.40 -31.16
N ARG B 442 35.72 16.40 -31.92
CA ARG B 442 35.16 17.63 -31.36
C ARG B 442 33.68 17.43 -30.99
N TYR B 443 33.00 16.43 -31.60
CA TYR B 443 31.56 16.27 -31.53
C TYR B 443 31.16 15.02 -30.73
N GLU B 444 29.89 15.01 -30.28
CA GLU B 444 29.38 13.89 -29.50
C GLU B 444 27.91 13.65 -29.83
N GLY B 445 27.39 12.49 -29.42
CA GLY B 445 26.00 12.14 -29.64
C GLY B 445 25.85 10.80 -30.35
N TYR B 446 24.60 10.38 -30.51
CA TYR B 446 24.25 9.07 -31.04
C TYR B 446 24.91 8.84 -32.40
N CYS B 447 24.71 9.79 -33.32
CA CYS B 447 25.18 9.62 -34.68
C CYS B 447 26.71 9.68 -34.76
N VAL B 448 27.35 10.34 -33.80
CA VAL B 448 28.81 10.39 -33.76
C VAL B 448 29.35 8.97 -33.52
N GLU B 449 28.84 8.31 -32.48
CA GLU B 449 29.28 6.96 -32.18
C GLU B 449 28.86 5.99 -33.29
N LEU B 450 27.70 6.23 -33.92
CA LEU B 450 27.27 5.38 -35.02
C LEU B 450 28.25 5.48 -36.19
N ALA B 451 28.66 6.72 -36.51
CA ALA B 451 29.63 6.94 -37.58
C ALA B 451 30.95 6.27 -37.26
N ALA B 452 31.38 6.36 -35.98
CA ALA B 452 32.60 5.71 -35.54
C ALA B 452 32.52 4.20 -35.81
N GLU B 453 31.44 3.56 -35.34
CA GLU B 453 31.32 2.13 -35.41
C GLU B 453 31.16 1.64 -36.85
N ILE B 454 30.41 2.38 -37.66
CA ILE B 454 30.25 1.99 -39.06
C ILE B 454 31.58 2.11 -39.79
N ALA B 455 32.32 3.19 -39.52
CA ALA B 455 33.62 3.40 -40.15
C ALA B 455 34.55 2.25 -39.76
N LYS B 456 34.53 1.85 -38.48
CA LYS B 456 35.32 0.72 -38.01
C LYS B 456 34.99 -0.53 -38.84
N HIS B 457 33.70 -0.86 -38.92
CA HIS B 457 33.27 -2.10 -39.56
C HIS B 457 33.59 -2.12 -41.05
N VAL B 458 33.43 -0.98 -41.73
CA VAL B 458 33.72 -0.91 -43.16
C VAL B 458 35.23 -0.80 -43.37
N GLY B 459 35.94 -0.19 -42.40
CA GLY B 459 37.37 0.05 -42.49
C GLY B 459 37.67 1.25 -43.40
N TYR B 460 37.30 2.46 -42.95
CA TYR B 460 37.62 3.68 -43.68
C TYR B 460 37.90 4.82 -42.70
N SER B 461 38.55 5.88 -43.23
CA SER B 461 38.75 7.13 -42.54
C SER B 461 37.76 8.17 -43.06
N TYR B 462 37.34 9.07 -42.15
CA TYR B 462 36.28 10.02 -42.43
C TYR B 462 36.49 11.28 -41.61
N ARG B 463 35.96 12.39 -42.16
CA ARG B 463 35.85 13.66 -41.45
C ARG B 463 34.38 14.05 -41.39
N LEU B 464 33.86 14.26 -40.17
CA LEU B 464 32.48 14.65 -39.94
C LEU B 464 32.33 16.15 -40.24
N GLU B 465 31.73 16.46 -41.40
CA GLU B 465 31.45 17.83 -41.79
C GLU B 465 29.97 18.11 -41.54
N ILE B 466 29.70 19.07 -40.63
CA ILE B 466 28.34 19.52 -40.41
C ILE B 466 27.91 20.33 -41.63
N VAL B 467 26.69 20.05 -42.08
CA VAL B 467 26.13 20.74 -43.24
C VAL B 467 26.05 22.22 -42.92
N SER B 468 26.32 23.04 -43.94
CA SER B 468 26.35 24.49 -43.82
C SER B 468 24.92 25.06 -43.72
N ASP B 469 24.01 24.55 -44.57
CA ASP B 469 22.64 25.04 -44.65
C ASP B 469 21.91 24.86 -43.33
N GLY B 470 22.27 23.80 -42.57
CA GLY B 470 21.53 23.37 -41.39
C GLY B 470 20.16 22.80 -41.74
N LYS B 471 20.01 22.30 -42.98
CA LYS B 471 18.77 21.74 -43.48
C LYS B 471 18.96 20.24 -43.73
N TYR B 472 17.86 19.51 -43.84
CA TYR B 472 17.90 18.07 -44.04
C TYR B 472 17.90 17.75 -45.53
N GLY B 473 16.93 18.29 -46.28
CA GLY B 473 16.93 18.12 -47.71
C GLY B 473 15.52 18.05 -48.30
N ALA B 474 15.32 18.81 -49.38
CA ALA B 474 14.11 18.78 -50.19
C ALA B 474 14.41 19.49 -51.50
N ARG B 475 13.73 19.08 -52.57
CA ARG B 475 13.80 19.77 -53.85
C ARG B 475 13.07 21.10 -53.74
N ASP B 476 13.76 22.18 -54.16
CA ASP B 476 13.10 23.45 -54.43
C ASP B 476 12.16 23.24 -55.62
N PRO B 477 10.81 23.36 -55.47
CA PRO B 477 9.88 22.89 -56.50
C PRO B 477 10.01 23.60 -57.86
N ASP B 478 10.50 24.86 -57.84
CA ASP B 478 10.73 25.64 -59.05
C ASP B 478 12.01 25.17 -59.74
N THR B 479 13.14 25.24 -59.03
CA THR B 479 14.48 25.06 -59.59
C THR B 479 14.80 23.56 -59.73
N LYS B 480 14.14 22.71 -58.92
CA LYS B 480 14.40 21.28 -58.79
C LYS B 480 15.81 21.02 -58.27
N ALA B 481 16.28 21.85 -57.33
CA ALA B 481 17.60 21.74 -56.74
C ALA B 481 17.51 21.20 -55.31
N TRP B 482 18.38 20.23 -54.99
CA TRP B 482 18.49 19.66 -53.66
C TRP B 482 19.37 20.54 -52.78
N ASN B 483 18.97 20.71 -51.53
CA ASN B 483 19.70 21.46 -50.53
C ASN B 483 19.99 20.56 -49.34
N GLY B 484 20.87 21.01 -48.44
CA GLY B 484 21.23 20.30 -47.24
C GLY B 484 22.02 19.03 -47.53
N MET B 485 21.82 18.02 -46.68
CA MET B 485 22.60 16.79 -46.74
C MET B 485 22.32 16.01 -48.03
N VAL B 486 21.05 15.98 -48.46
CA VAL B 486 20.68 15.28 -49.67
C VAL B 486 21.36 15.94 -50.87
N GLY B 487 21.32 17.28 -50.91
CA GLY B 487 22.01 18.03 -51.94
C GLY B 487 23.49 17.74 -51.97
N GLU B 488 24.12 17.71 -50.79
CA GLU B 488 25.55 17.43 -50.70
C GLU B 488 25.86 16.04 -51.25
N LEU B 489 25.00 15.06 -50.95
CA LEU B 489 25.22 13.69 -51.42
C LEU B 489 25.08 13.62 -52.94
N VAL B 490 24.06 14.30 -53.49
CA VAL B 490 23.80 14.27 -54.90
C VAL B 490 24.96 14.93 -55.67
N TYR B 491 25.39 16.11 -55.20
CA TYR B 491 26.32 16.97 -55.94
C TYR B 491 27.76 16.71 -55.51
N GLY B 492 28.02 15.62 -54.77
CA GLY B 492 29.36 15.06 -54.63
C GLY B 492 30.20 15.67 -53.50
N ARG B 493 29.63 16.61 -52.73
CA ARG B 493 30.35 17.28 -51.65
C ARG B 493 30.65 16.30 -50.50
N ALA B 494 29.86 15.22 -50.36
CA ALA B 494 30.05 14.21 -49.35
C ALA B 494 29.83 12.81 -49.95
N ASP B 495 30.30 11.80 -49.20
CA ASP B 495 30.22 10.40 -49.60
C ASP B 495 29.21 9.61 -48.76
N VAL B 496 28.91 10.05 -47.53
CA VAL B 496 27.99 9.40 -46.62
C VAL B 496 27.27 10.49 -45.82
N ALA B 497 26.04 10.18 -45.38
CA ALA B 497 25.33 11.01 -44.42
C ALA B 497 24.91 10.12 -43.25
N VAL B 498 25.38 10.44 -42.04
CA VAL B 498 25.06 9.66 -40.87
C VAL B 498 24.27 10.52 -39.89
N ALA B 499 23.37 11.35 -40.44
CA ALA B 499 22.48 12.14 -39.62
C ALA B 499 21.15 11.41 -39.44
N PRO B 500 20.22 11.89 -38.57
CA PRO B 500 18.84 11.37 -38.56
C PRO B 500 18.10 11.77 -39.83
N LEU B 501 18.49 11.15 -40.96
CA LEU B 501 17.92 11.42 -42.25
C LEU B 501 16.80 10.41 -42.51
N THR B 502 15.59 10.93 -42.77
CA THR B 502 14.45 10.06 -42.93
C THR B 502 14.47 9.39 -44.30
N ILE B 503 14.10 8.11 -44.33
CA ILE B 503 13.95 7.38 -45.58
C ILE B 503 12.62 7.75 -46.20
N THR B 504 12.68 8.36 -47.38
CA THR B 504 11.50 8.80 -48.11
C THR B 504 11.66 8.44 -49.58
N LEU B 505 10.53 8.35 -50.29
CA LEU B 505 10.50 7.96 -51.69
C LEU B 505 11.27 8.95 -52.56
N VAL B 506 11.03 10.24 -52.37
CA VAL B 506 11.64 11.28 -53.20
C VAL B 506 13.16 11.24 -53.04
N ARG B 507 13.64 11.02 -51.82
CA ARG B 507 15.06 11.01 -51.56
C ARG B 507 15.67 9.68 -52.04
N GLU B 508 14.91 8.57 -51.93
CA GLU B 508 15.40 7.25 -52.33
C GLU B 508 15.65 7.20 -53.83
N GLU B 509 15.01 8.07 -54.61
CA GLU B 509 15.19 8.09 -56.06
C GLU B 509 16.52 8.71 -56.46
N VAL B 510 17.19 9.45 -55.54
CA VAL B 510 18.40 10.19 -55.88
C VAL B 510 19.59 9.79 -55.02
N ILE B 511 19.35 9.19 -53.84
CA ILE B 511 20.39 8.63 -53.01
C ILE B 511 19.98 7.24 -52.56
N ASP B 512 20.96 6.42 -52.18
CA ASP B 512 20.70 5.05 -51.76
C ASP B 512 20.73 5.04 -50.24
N PHE B 513 19.62 4.64 -49.62
CA PHE B 513 19.55 4.51 -48.18
C PHE B 513 19.91 3.08 -47.77
N SER B 514 20.45 2.98 -46.56
CA SER B 514 20.66 1.74 -45.87
C SER B 514 19.31 1.22 -45.34
N LYS B 515 19.34 0.01 -44.76
CA LYS B 515 18.24 -0.42 -43.94
C LYS B 515 18.16 0.51 -42.73
N PRO B 516 16.97 0.85 -42.22
CA PRO B 516 16.88 1.84 -41.14
C PRO B 516 17.59 1.38 -39.88
N PHE B 517 18.25 2.31 -39.20
CA PHE B 517 18.89 2.02 -37.92
C PHE B 517 18.08 2.54 -36.73
N MET B 518 16.92 3.15 -36.99
CA MET B 518 16.08 3.67 -35.92
C MET B 518 14.68 3.90 -36.49
N SER B 519 13.66 3.57 -35.68
CA SER B 519 12.27 3.78 -36.06
C SER B 519 11.76 5.09 -35.46
N LEU B 520 10.71 5.64 -36.05
CA LEU B 520 10.08 6.85 -35.56
C LEU B 520 8.74 7.05 -36.25
N GLY B 521 8.00 8.07 -35.82
CA GLY B 521 6.83 8.54 -36.52
C GLY B 521 6.60 10.01 -36.24
N ILE B 522 5.74 10.66 -37.04
CA ILE B 522 5.34 12.02 -36.75
C ILE B 522 4.47 12.02 -35.50
N SER B 523 4.76 12.98 -34.62
CA SER B 523 4.09 13.08 -33.34
C SER B 523 3.88 14.54 -32.95
N ILE B 524 2.95 14.76 -32.01
CA ILE B 524 2.54 16.09 -31.59
C ILE B 524 3.16 16.40 -30.23
N MET B 525 3.77 17.58 -30.13
CA MET B 525 4.30 18.10 -28.88
C MET B 525 3.47 19.32 -28.50
N ILE B 526 2.98 19.34 -27.25
CA ILE B 526 2.24 20.47 -26.70
C ILE B 526 2.86 20.85 -25.37
N LYS B 527 2.61 22.09 -24.94
CA LYS B 527 3.02 22.55 -23.62
C LYS B 527 2.25 21.76 -22.58
N LYS B 528 2.98 21.24 -21.57
CA LYS B 528 2.40 20.37 -20.56
C LYS B 528 1.39 21.16 -19.72
N PRO B 529 0.11 20.72 -19.66
CA PRO B 529 -0.88 21.45 -18.86
C PRO B 529 -0.59 21.27 -17.37
N GLN B 530 -1.14 22.17 -16.56
CA GLN B 530 -1.02 22.12 -15.11
C GLN B 530 -1.94 21.01 -14.58
N LYS B 531 -1.46 20.34 -13.53
CA LYS B 531 -2.20 19.31 -12.81
C LYS B 531 -3.46 19.90 -12.18
N SER B 532 -4.59 19.48 -12.74
CA SER B 532 -5.91 19.91 -12.31
C SER B 532 -6.20 19.40 -10.91
N LYS B 533 -6.63 20.31 -10.01
CA LYS B 533 -7.03 19.98 -8.65
C LYS B 533 -8.43 19.34 -8.68
N PRO B 534 -8.75 18.41 -7.74
CA PRO B 534 -10.05 17.71 -7.78
C PRO B 534 -11.16 18.69 -7.39
N GLY B 535 -12.39 18.39 -7.86
CA GLY B 535 -13.49 19.35 -7.85
C GLY B 535 -14.07 19.63 -6.46
N VAL B 536 -14.97 20.62 -6.37
CA VAL B 536 -15.66 20.91 -5.13
C VAL B 536 -16.46 19.69 -4.67
N PHE B 537 -17.05 18.96 -5.62
CA PHE B 537 -17.81 17.76 -5.30
C PHE B 537 -16.99 16.49 -5.45
N SER B 538 -15.68 16.55 -5.18
CA SER B 538 -14.86 15.35 -5.26
C SER B 538 -15.27 14.28 -4.25
N PHE B 539 -16.02 14.63 -3.19
CA PHE B 539 -16.41 13.64 -2.19
C PHE B 539 -17.36 12.63 -2.81
N LEU B 540 -18.00 12.96 -3.93
CA LEU B 540 -18.81 11.99 -4.65
C LEU B 540 -18.01 10.97 -5.45
N ASP B 541 -16.70 11.17 -5.63
CA ASP B 541 -15.94 10.46 -6.64
C ASP B 541 -15.78 8.98 -6.38
N PRO B 542 -15.69 8.48 -5.14
CA PRO B 542 -15.51 7.04 -4.96
C PRO B 542 -16.60 6.13 -5.53
N LEU B 543 -17.78 6.68 -5.83
CA LEU B 543 -18.87 5.88 -6.36
C LEU B 543 -19.28 6.48 -7.69
N ALA B 544 -19.56 5.59 -8.66
CA ALA B 544 -20.19 5.97 -9.91
C ALA B 544 -21.49 6.72 -9.70
N TYR B 545 -21.79 7.64 -10.63
CA TYR B 545 -23.02 8.42 -10.65
C TYR B 545 -24.23 7.50 -10.51
N GLU B 546 -24.22 6.33 -11.15
CA GLU B 546 -25.39 5.46 -11.12
C GLU B 546 -25.60 4.86 -9.74
N ILE B 547 -24.53 4.60 -8.97
CA ILE B 547 -24.70 4.18 -7.60
C ILE B 547 -25.40 5.31 -6.82
N TRP B 548 -24.93 6.56 -6.93
CA TRP B 548 -25.59 7.66 -6.23
C TRP B 548 -27.06 7.76 -6.59
N MET B 549 -27.39 7.64 -7.88
CA MET B 549 -28.78 7.72 -8.26
C MET B 549 -29.58 6.57 -7.63
N CYS B 550 -29.06 5.35 -7.73
CA CYS B 550 -29.74 4.21 -7.10
C CYS B 550 -29.82 4.31 -5.59
N ILE B 551 -28.79 4.85 -4.90
CA ILE B 551 -28.89 5.07 -3.46
C ILE B 551 -30.08 5.97 -3.16
N VAL B 552 -30.25 7.04 -3.92
CA VAL B 552 -31.41 7.91 -3.74
C VAL B 552 -32.73 7.19 -3.99
N PHE B 553 -32.84 6.39 -5.05
CA PHE B 553 -34.09 5.66 -5.21
C PHE B 553 -34.28 4.64 -4.10
N ALA B 554 -33.22 3.93 -3.72
CA ALA B 554 -33.31 2.98 -2.63
C ALA B 554 -33.78 3.67 -1.35
N TYR B 555 -33.23 4.86 -1.06
CA TYR B 555 -33.63 5.62 0.09
C TYR B 555 -35.12 5.92 0.09
N ILE B 556 -35.66 6.35 -1.05
CA ILE B 556 -37.10 6.59 -1.18
C ILE B 556 -37.89 5.29 -1.04
N GLY B 557 -37.51 4.26 -1.78
CA GLY B 557 -38.15 2.98 -1.63
C GLY B 557 -38.24 2.52 -0.18
N VAL B 558 -37.11 2.51 0.52
CA VAL B 558 -37.07 2.03 1.89
C VAL B 558 -38.01 2.86 2.77
N SER B 559 -37.98 4.18 2.58
CA SER B 559 -38.76 5.07 3.39
C SER B 559 -40.26 4.86 3.15
N VAL B 560 -40.67 4.72 1.88
CA VAL B 560 -42.07 4.49 1.59
C VAL B 560 -42.50 3.13 2.14
N VAL B 561 -41.77 2.06 1.85
CA VAL B 561 -42.16 0.76 2.39
C VAL B 561 -42.20 0.78 3.93
N LEU B 562 -41.23 1.40 4.60
CA LEU B 562 -41.31 1.49 6.07
C LEU B 562 -42.66 2.09 6.49
N PHE B 563 -42.98 3.30 6.01
CA PHE B 563 -44.25 3.97 6.27
C PHE B 563 -45.45 3.03 6.13
N LEU B 564 -45.57 2.40 4.96
CA LEU B 564 -46.68 1.49 4.66
C LEU B 564 -46.79 0.39 5.71
N VAL B 565 -45.73 -0.39 5.90
CA VAL B 565 -45.79 -1.54 6.79
C VAL B 565 -46.11 -1.07 8.21
N SER B 566 -45.62 0.11 8.61
CA SER B 566 -45.82 0.62 9.96
C SER B 566 -47.27 1.03 10.17
N ARG B 567 -47.89 1.65 9.16
CA ARG B 567 -49.31 1.99 9.22
C ARG B 567 -50.15 0.72 9.21
N PHE B 568 -49.63 -0.35 8.59
CA PHE B 568 -50.32 -1.64 8.60
C PHE B 568 -50.27 -2.27 10.01
N SER B 569 -49.14 -2.08 10.71
CA SER B 569 -48.95 -2.62 12.04
C SER B 569 -50.20 -2.38 12.89
N ASN B 591 -42.76 7.96 19.27
CA ASN B 591 -43.52 8.50 18.11
C ASN B 591 -43.58 7.42 17.02
N GLU B 592 -44.19 7.75 15.87
CA GLU B 592 -44.70 6.77 14.93
C GLU B 592 -44.09 7.06 13.57
N PHE B 593 -44.22 6.08 12.68
CA PHE B 593 -43.53 6.04 11.42
C PHE B 593 -44.49 6.54 10.37
N GLY B 594 -44.87 7.80 10.47
CA GLY B 594 -45.41 8.48 9.30
C GLY B 594 -44.34 8.72 8.25
N ILE B 595 -44.71 9.28 7.11
CA ILE B 595 -43.77 9.37 6.01
C ILE B 595 -42.57 10.24 6.36
N PHE B 596 -42.77 11.34 7.10
N PHE B 596 -42.74 11.35 7.08
CA PHE B 596 -41.70 12.29 7.39
CA PHE B 596 -41.63 12.27 7.32
C PHE B 596 -40.69 11.65 8.35
C PHE B 596 -40.70 11.74 8.42
N ASN B 597 -41.19 10.92 9.33
CA ASN B 597 -40.33 10.23 10.25
C ASN B 597 -39.66 9.03 9.59
N SER B 598 -40.33 8.37 8.65
CA SER B 598 -39.73 7.30 7.89
C SER B 598 -38.55 7.84 7.10
N LEU B 599 -38.73 8.96 6.44
CA LEU B 599 -37.64 9.61 5.74
C LEU B 599 -36.50 9.97 6.69
N TRP B 600 -36.81 10.41 7.91
CA TRP B 600 -35.79 10.84 8.84
C TRP B 600 -35.05 9.60 9.37
N PHE B 601 -35.77 8.54 9.70
CA PHE B 601 -35.17 7.32 10.21
C PHE B 601 -34.22 6.72 9.19
N SER B 602 -34.65 6.60 7.96
CA SER B 602 -33.83 6.05 6.90
C SER B 602 -32.58 6.89 6.72
N LEU B 603 -32.71 8.22 6.75
CA LEU B 603 -31.56 9.07 6.51
C LEU B 603 -30.56 8.90 7.64
N GLY B 604 -31.03 8.90 8.87
CA GLY B 604 -30.14 8.68 9.99
C GLY B 604 -29.45 7.32 9.92
N ALA B 605 -30.17 6.26 9.57
CA ALA B 605 -29.58 4.93 9.44
C ALA B 605 -28.46 4.97 8.41
N PHE B 606 -28.74 5.55 7.26
CA PHE B 606 -27.76 5.63 6.22
C PHE B 606 -26.53 6.40 6.67
N MET B 607 -26.69 7.48 7.45
CA MET B 607 -25.60 8.36 7.83
C MET B 607 -24.96 7.87 9.12
N GLN B 608 -25.46 6.74 9.65
CA GLN B 608 -24.86 6.09 10.80
C GLN B 608 -24.98 6.96 12.04
N GLN B 609 -26.19 7.45 12.27
CA GLN B 609 -26.48 8.39 13.31
C GLN B 609 -27.54 7.86 14.25
N GLY B 610 -28.66 7.34 13.74
N GLY B 610 -28.29 6.86 13.79
CA GLY B 610 -29.79 7.05 14.62
CA GLY B 610 -29.15 6.12 14.69
C GLY B 610 -30.50 8.32 15.12
C GLY B 610 -30.45 6.90 14.76
N CYS B 611 -31.72 8.12 15.62
N CYS B 611 -31.00 7.12 15.95
CA CYS B 611 -32.67 9.21 15.79
CA CYS B 611 -32.35 7.63 15.93
C CYS B 611 -33.64 8.79 16.90
C CYS B 611 -33.01 7.61 17.29
N ASP B 612 -34.80 9.43 16.97
N ASP B 612 -34.02 8.48 17.40
CA ASP B 612 -35.63 9.24 18.14
CA ASP B 612 -34.93 8.48 18.52
C ASP B 612 -36.23 7.82 18.16
C ASP B 612 -35.93 7.34 18.35
N ILE B 613 -36.58 7.28 16.99
N ILE B 613 -36.40 7.11 17.13
CA ILE B 613 -37.53 6.18 16.88
CA ILE B 613 -37.48 6.18 16.89
C ILE B 613 -36.90 4.95 16.21
C ILE B 613 -36.91 4.94 16.20
N SER B 614 -37.40 3.76 16.57
CA SER B 614 -36.98 2.51 15.95
C SER B 614 -38.22 1.67 15.69
N PRO B 615 -38.35 0.95 14.57
CA PRO B 615 -39.54 0.15 14.34
C PRO B 615 -39.79 -0.91 15.41
N ARG B 616 -41.06 -1.25 15.67
CA ARG B 616 -41.42 -2.23 16.66
C ARG B 616 -42.10 -3.44 16.03
N SER B 617 -42.69 -3.30 14.86
CA SER B 617 -43.30 -4.44 14.21
C SER B 617 -42.26 -5.37 13.60
N LEU B 618 -42.68 -6.59 13.29
CA LEU B 618 -41.84 -7.50 12.55
C LEU B 618 -41.50 -6.99 11.15
N SER B 619 -42.49 -6.47 10.42
CA SER B 619 -42.23 -6.05 9.05
C SER B 619 -41.39 -4.76 9.07
N GLY B 620 -41.65 -3.87 10.02
CA GLY B 620 -40.80 -2.69 10.17
C GLY B 620 -39.34 -3.08 10.46
N ARG B 621 -39.13 -4.11 11.27
CA ARG B 621 -37.80 -4.54 11.63
C ARG B 621 -37.13 -5.27 10.47
N ILE B 622 -37.89 -5.96 9.64
CA ILE B 622 -37.28 -6.53 8.45
C ILE B 622 -36.76 -5.41 7.55
N VAL B 623 -37.59 -4.37 7.32
CA VAL B 623 -37.18 -3.27 6.47
C VAL B 623 -35.95 -2.59 7.07
N GLY B 624 -36.01 -2.25 8.36
CA GLY B 624 -34.91 -1.64 9.05
C GLY B 624 -33.62 -2.47 8.95
N GLY B 625 -33.72 -3.78 9.23
CA GLY B 625 -32.59 -4.69 9.18
C GLY B 625 -31.93 -4.73 7.81
N VAL B 626 -32.71 -4.85 6.71
CA VAL B 626 -32.05 -4.89 5.41
C VAL B 626 -31.49 -3.51 5.09
N TRP B 627 -32.14 -2.42 5.50
CA TRP B 627 -31.53 -1.13 5.22
C TRP B 627 -30.22 -0.95 6.02
N TRP B 628 -30.14 -1.43 7.26
CA TRP B 628 -28.90 -1.42 8.01
C TRP B 628 -27.78 -2.20 7.35
N PHE B 629 -28.14 -3.35 6.77
CA PHE B 629 -27.17 -4.18 6.07
C PHE B 629 -26.67 -3.46 4.83
N PHE B 630 -27.60 -2.91 4.06
CA PHE B 630 -27.27 -2.15 2.88
C PHE B 630 -26.33 -1.01 3.24
N THR B 631 -26.68 -0.29 4.29
CA THR B 631 -25.87 0.84 4.72
C THR B 631 -24.47 0.40 5.08
N LEU B 632 -24.32 -0.66 5.88
CA LEU B 632 -23.01 -1.13 6.25
C LEU B 632 -22.15 -1.43 5.02
N ILE B 633 -22.67 -2.12 4.00
CA ILE B 633 -21.90 -2.45 2.81
C ILE B 633 -21.56 -1.15 2.06
N ILE B 634 -22.54 -0.31 1.76
CA ILE B 634 -22.31 0.85 0.92
C ILE B 634 -21.39 1.85 1.62
N ILE B 635 -21.65 2.23 2.87
CA ILE B 635 -20.79 3.19 3.58
C ILE B 635 -19.39 2.62 3.73
N SER B 636 -19.24 1.33 4.01
CA SER B 636 -17.91 0.75 4.15
C SER B 636 -17.14 0.89 2.86
N SER B 637 -17.82 0.61 1.74
CA SER B 637 -17.21 0.71 0.43
C SER B 637 -16.84 2.16 0.12
N TYR B 638 -17.75 3.07 0.38
CA TYR B 638 -17.50 4.47 0.13
C TYR B 638 -16.35 5.01 0.97
N THR B 639 -16.26 4.62 2.23
CA THR B 639 -15.33 5.28 3.12
C THR B 639 -13.95 4.68 2.99
N ALA B 640 -13.81 3.52 2.36
CA ALA B 640 -12.53 2.85 2.30
C ALA B 640 -11.40 3.79 1.91
N ASN B 641 -11.47 4.37 0.70
CA ASN B 641 -10.35 5.06 0.07
C ASN B 641 -10.67 6.55 -0.08
N LEU B 642 -11.41 7.13 0.86
CA LEU B 642 -12.09 8.36 0.54
C LEU B 642 -11.08 9.49 0.38
N ALA B 643 -10.12 9.52 1.31
CA ALA B 643 -9.16 10.62 1.34
C ALA B 643 -8.33 10.60 0.06
N ALA B 644 -8.06 9.41 -0.52
CA ALA B 644 -7.37 9.28 -1.80
C ALA B 644 -8.12 10.00 -2.94
N PHE B 645 -9.44 9.81 -3.05
CA PHE B 645 -10.24 10.51 -4.05
C PHE B 645 -10.27 12.03 -3.88
N LEU B 646 -10.10 12.52 -2.65
CA LEU B 646 -10.22 13.94 -2.35
C LEU B 646 -8.97 14.70 -2.79
N THR B 647 -7.88 13.96 -3.03
CA THR B 647 -6.55 14.51 -3.26
C THR B 647 -5.90 13.81 -4.44
N VAL B 648 -6.49 13.94 -5.64
CA VAL B 648 -6.05 13.19 -6.80
C VAL B 648 -6.11 14.12 -8.01
N GLU B 649 -4.92 14.38 -8.56
CA GLU B 649 -4.69 15.37 -9.59
C GLU B 649 -4.60 14.61 -10.91
N ARG B 650 -5.37 15.05 -11.89
CA ARG B 650 -5.33 14.39 -13.18
C ARG B 650 -5.30 15.53 -14.19
N MET B 651 -4.18 15.61 -14.92
CA MET B 651 -4.09 16.55 -16.02
C MET B 651 -4.86 16.01 -17.21
N VAL B 652 -5.68 16.88 -17.82
CA VAL B 652 -6.41 16.59 -19.04
C VAL B 652 -5.78 17.39 -20.17
N SER B 653 -5.35 16.67 -21.22
CA SER B 653 -4.72 17.26 -22.40
C SER B 653 -5.76 18.02 -23.22
N PRO B 654 -5.45 19.21 -23.77
CA PRO B 654 -6.42 19.95 -24.58
C PRO B 654 -6.90 19.18 -25.81
N ILE B 655 -5.99 18.49 -26.51
CA ILE B 655 -6.30 17.93 -27.82
C ILE B 655 -6.35 16.41 -27.74
N GLU B 656 -5.24 15.78 -27.33
CA GLU B 656 -5.11 14.33 -27.16
C GLU B 656 -5.34 13.51 -28.44
N SER B 657 -5.20 14.11 -29.63
CA SER B 657 -5.31 13.39 -30.89
C SER B 657 -4.89 14.27 -32.06
N ALA B 658 -4.76 13.66 -33.25
CA ALA B 658 -4.45 14.41 -34.47
C ALA B 658 -5.71 15.04 -35.04
N GLU B 659 -6.80 14.26 -35.10
CA GLU B 659 -8.11 14.72 -35.51
C GLU B 659 -8.51 15.94 -34.66
N ASP B 660 -8.32 15.82 -33.34
CA ASP B 660 -8.62 16.89 -32.40
C ASP B 660 -7.86 18.16 -32.75
N LEU B 661 -6.59 18.02 -33.14
CA LEU B 661 -5.77 19.17 -33.52
C LEU B 661 -6.26 19.78 -34.82
N ALA B 662 -6.77 18.93 -35.74
CA ALA B 662 -7.26 19.40 -37.03
C ALA B 662 -8.58 20.15 -36.89
N LYS B 663 -9.48 19.68 -36.01
CA LYS B 663 -10.83 20.21 -35.93
C LYS B 663 -10.85 21.63 -35.39
N GLN B 664 -10.06 21.88 -34.35
CA GLN B 664 -10.00 23.17 -33.66
C GLN B 664 -9.15 24.15 -34.46
N THR B 665 -9.18 25.42 -34.03
CA THR B 665 -8.38 26.48 -34.64
C THR B 665 -7.74 27.40 -33.61
N GLU B 666 -7.96 27.16 -32.31
CA GLU B 666 -7.41 28.00 -31.25
C GLU B 666 -5.89 27.80 -31.11
N ILE B 667 -5.44 26.55 -31.28
CA ILE B 667 -4.04 26.18 -31.21
C ILE B 667 -3.48 26.10 -32.65
N ALA B 668 -2.37 26.84 -32.87
CA ALA B 668 -1.62 26.82 -34.11
C ALA B 668 -0.59 25.69 -34.07
N TYR B 669 -0.44 24.96 -35.18
CA TYR B 669 0.51 23.85 -35.23
C TYR B 669 1.37 23.94 -36.47
N GLY B 670 2.67 23.71 -36.31
CA GLY B 670 3.62 23.83 -37.41
C GLY B 670 4.59 22.67 -37.51
N THR B 671 5.49 22.74 -38.49
CA THR B 671 6.49 21.72 -38.73
C THR B 671 7.86 22.39 -38.91
N LEU B 672 8.91 21.60 -39.15
CA LEU B 672 10.21 22.11 -39.52
C LEU B 672 10.23 22.32 -41.02
N GLU B 673 10.89 23.41 -41.48
CA GLU B 673 10.96 23.73 -42.89
C GLU B 673 12.07 22.89 -43.54
N ALA B 674 11.81 22.44 -44.78
CA ALA B 674 12.71 21.60 -45.56
C ALA B 674 13.05 20.32 -44.81
N GLY B 675 12.01 19.68 -44.27
CA GLY B 675 12.13 18.42 -43.55
C GLY B 675 11.14 17.40 -44.10
N SER B 676 11.34 16.16 -43.67
CA SER B 676 10.52 15.03 -44.09
C SER B 676 9.05 15.23 -43.67
N THR B 677 8.82 15.85 -42.51
CA THR B 677 7.45 15.98 -41.99
C THR B 677 6.64 16.93 -42.87
N LYS B 678 7.26 18.05 -43.26
CA LYS B 678 6.64 19.00 -44.16
C LYS B 678 6.29 18.32 -45.48
N GLU B 679 7.24 17.54 -46.03
CA GLU B 679 7.05 16.80 -47.26
C GLU B 679 5.92 15.78 -47.12
N PHE B 680 5.84 15.12 -45.96
CA PHE B 680 4.80 14.16 -45.68
C PHE B 680 3.42 14.81 -45.76
N PHE B 681 3.29 15.99 -45.14
CA PHE B 681 2.01 16.69 -45.10
C PHE B 681 1.64 17.24 -46.48
N ARG B 682 2.64 17.75 -47.19
CA ARG B 682 2.41 18.33 -48.50
C ARG B 682 1.83 17.28 -49.46
N ARG B 683 2.44 16.09 -49.50
CA ARG B 683 2.11 15.09 -50.49
C ARG B 683 1.02 14.13 -50.00
N SER B 684 0.29 14.48 -48.94
CA SER B 684 -0.62 13.52 -48.33
C SER B 684 -1.98 13.60 -49.04
N LYS B 685 -2.70 12.48 -49.03
CA LYS B 685 -4.04 12.37 -49.60
C LYS B 685 -5.07 11.91 -48.56
N ILE B 686 -4.66 11.71 -47.30
CA ILE B 686 -5.57 11.39 -46.21
C ILE B 686 -6.27 12.68 -45.80
N ALA B 687 -7.58 12.54 -45.53
CA ALA B 687 -8.48 13.67 -45.26
C ALA B 687 -7.90 14.57 -44.17
N VAL B 688 -7.54 13.98 -43.03
CA VAL B 688 -7.09 14.72 -41.87
C VAL B 688 -5.81 15.48 -42.22
N PHE B 689 -4.87 14.79 -42.88
CA PHE B 689 -3.58 15.41 -43.15
C PHE B 689 -3.70 16.44 -44.27
N GLU B 690 -4.60 16.22 -45.23
CA GLU B 690 -4.87 17.21 -46.26
C GLU B 690 -5.41 18.49 -45.61
N LYS B 691 -6.35 18.34 -44.66
CA LYS B 691 -6.90 19.47 -43.94
C LYS B 691 -5.79 20.20 -43.17
N MET B 692 -4.92 19.43 -42.52
CA MET B 692 -3.83 19.98 -41.74
C MET B 692 -2.90 20.81 -42.64
N TRP B 693 -2.59 20.27 -43.83
CA TRP B 693 -1.70 20.95 -44.74
C TRP B 693 -2.32 22.23 -45.29
N THR B 694 -3.62 22.16 -45.63
CA THR B 694 -4.32 23.32 -46.14
C THR B 694 -4.27 24.45 -45.11
N TYR B 695 -4.45 24.10 -43.83
CA TYR B 695 -4.30 25.07 -42.76
C TYR B 695 -2.86 25.61 -42.73
N MET B 696 -1.88 24.71 -42.70
CA MET B 696 -0.51 25.09 -42.42
C MET B 696 0.06 26.01 -43.49
N LYS B 697 -0.28 25.74 -44.76
CA LYS B 697 0.22 26.52 -45.89
C LYS B 697 -0.24 27.98 -45.79
N SER B 698 -1.49 28.21 -45.37
CA SER B 698 -2.09 29.52 -45.36
C SER B 698 -1.78 30.32 -44.08
N ALA B 699 -1.47 29.63 -42.97
CA ALA B 699 -1.36 30.27 -41.66
C ALA B 699 -0.34 31.40 -41.68
N GLU B 700 -0.68 32.52 -41.02
CA GLU B 700 0.16 33.70 -40.95
C GLU B 700 0.12 34.24 -39.51
N PRO B 701 1.27 34.48 -38.83
CA PRO B 701 2.61 34.21 -39.35
C PRO B 701 2.91 32.72 -39.53
N SER B 702 3.98 32.43 -40.28
CA SER B 702 4.34 31.06 -40.64
C SER B 702 4.42 30.21 -39.37
N VAL B 703 3.72 29.07 -39.43
CA VAL B 703 3.74 28.08 -38.37
C VAL B 703 5.04 27.29 -38.41
N PHE B 704 5.76 27.33 -39.54
CA PHE B 704 6.97 26.54 -39.73
C PHE B 704 8.15 27.16 -38.99
N VAL B 705 9.18 26.35 -38.76
CA VAL B 705 10.36 26.76 -38.03
C VAL B 705 11.59 26.33 -38.82
N ARG B 706 12.75 26.85 -38.39
CA ARG B 706 14.03 26.59 -39.05
C ARG B 706 14.79 25.47 -38.32
N THR B 707 14.47 25.22 -37.05
CA THR B 707 15.17 24.24 -36.26
C THR B 707 14.23 23.64 -35.22
N THR B 708 14.58 22.44 -34.74
CA THR B 708 13.83 21.78 -33.70
C THR B 708 13.82 22.62 -32.43
N GLU B 709 14.97 23.20 -32.06
CA GLU B 709 15.09 24.11 -30.91
C GLU B 709 14.09 25.25 -31.04
N GLU B 710 13.94 25.79 -32.26
CA GLU B 710 13.01 26.89 -32.50
C GLU B 710 11.57 26.45 -32.18
N GLY B 711 11.18 25.27 -32.66
CA GLY B 711 9.85 24.74 -32.41
C GLY B 711 9.61 24.46 -30.93
N MET B 712 10.64 23.94 -30.26
CA MET B 712 10.57 23.67 -28.83
C MET B 712 10.32 24.97 -28.06
N ILE B 713 11.09 26.02 -28.39
CA ILE B 713 10.94 27.30 -27.71
C ILE B 713 9.56 27.89 -28.02
N ARG B 714 9.09 27.69 -29.25
CA ARG B 714 7.80 28.23 -29.66
C ARG B 714 6.67 27.59 -28.84
N VAL B 715 6.73 26.27 -28.63
CA VAL B 715 5.71 25.60 -27.83
C VAL B 715 5.81 26.05 -26.38
N ARG B 716 7.05 26.25 -25.89
CA ARG B 716 7.25 26.60 -24.50
C ARG B 716 6.75 28.02 -24.21
N LYS B 717 6.91 28.94 -25.17
CA LYS B 717 6.62 30.35 -24.95
C LYS B 717 5.24 30.76 -25.48
N SER B 718 4.46 29.83 -26.05
CA SER B 718 3.15 30.16 -26.60
C SER B 718 2.02 29.96 -25.60
N LYS B 719 2.34 29.55 -24.36
CA LYS B 719 1.37 29.35 -23.30
C LYS B 719 0.26 28.41 -23.77
N GLY B 720 0.68 27.27 -24.32
CA GLY B 720 -0.22 26.21 -24.76
C GLY B 720 -1.09 26.61 -25.95
N LYS B 721 -0.59 27.49 -26.83
CA LYS B 721 -1.30 27.87 -28.04
C LYS B 721 -0.57 27.41 -29.31
N TYR B 722 0.54 26.65 -29.16
CA TYR B 722 1.30 26.13 -30.28
C TYR B 722 1.60 24.65 -30.07
N ALA B 723 1.31 23.83 -31.09
CA ALA B 723 1.56 22.40 -31.10
C ALA B 723 2.55 22.07 -32.22
N TYR B 724 3.73 21.57 -31.86
CA TYR B 724 4.77 21.29 -32.82
C TYR B 724 4.70 19.84 -33.30
N LEU B 725 4.72 19.65 -34.62
CA LEU B 725 4.71 18.32 -35.22
C LEU B 725 6.14 17.93 -35.58
N LEU B 726 6.69 16.96 -34.86
CA LEU B 726 8.07 16.55 -35.04
C LEU B 726 8.16 15.02 -34.96
N GLU B 727 9.37 14.49 -35.11
CA GLU B 727 9.57 13.04 -35.08
C GLU B 727 9.55 12.57 -33.63
N SER B 728 9.07 11.34 -33.44
CA SER B 728 8.81 10.81 -32.11
C SER B 728 10.10 10.71 -31.30
N THR B 729 11.23 10.44 -31.95
CA THR B 729 12.49 10.27 -31.26
C THR B 729 12.93 11.58 -30.60
N MET B 730 12.92 12.67 -31.39
CA MET B 730 13.26 13.99 -30.87
C MET B 730 12.23 14.40 -29.82
N ASN B 731 10.96 14.11 -30.06
CA ASN B 731 9.89 14.44 -29.12
C ASN B 731 10.15 13.80 -27.77
N GLU B 732 10.47 12.50 -27.77
CA GLU B 732 10.71 11.77 -26.53
C GLU B 732 11.93 12.36 -25.82
N TYR B 733 13.00 12.58 -26.56
CA TYR B 733 14.20 13.16 -25.98
C TYR B 733 13.90 14.50 -25.29
N ILE B 734 13.20 15.39 -25.99
CA ILE B 734 12.89 16.72 -25.48
C ILE B 734 12.04 16.60 -24.23
N GLU B 735 10.99 15.77 -24.27
CA GLU B 735 10.06 15.65 -23.14
C GLU B 735 10.77 15.19 -21.86
N GLN B 736 11.97 14.61 -22.00
CA GLN B 736 12.75 14.19 -20.83
C GLN B 736 13.72 15.28 -20.35
N ARG B 737 14.03 16.28 -21.17
CA ARG B 737 15.00 17.32 -20.85
C ARG B 737 14.35 18.36 -19.93
N LYS B 738 15.18 18.99 -19.08
CA LYS B 738 14.73 20.07 -18.20
C LYS B 738 14.39 21.31 -19.04
N PRO B 739 13.34 22.10 -18.71
CA PRO B 739 12.51 21.92 -17.52
C PRO B 739 11.38 20.89 -17.63
N CYS B 740 11.37 20.14 -18.75
CA CYS B 740 10.31 19.21 -19.12
C CYS B 740 8.94 19.81 -18.83
N ASP B 741 8.63 20.88 -19.58
CA ASP B 741 7.31 21.46 -19.60
C ASP B 741 6.61 21.21 -20.94
N THR B 742 7.07 20.17 -21.66
CA THR B 742 6.44 19.75 -22.90
C THR B 742 5.97 18.31 -22.72
N MET B 743 5.01 17.91 -23.57
CA MET B 743 4.47 16.56 -23.51
C MET B 743 4.08 16.12 -24.92
N LYS B 744 4.40 14.86 -25.23
CA LYS B 744 3.91 14.19 -26.42
C LYS B 744 2.47 13.78 -26.19
N VAL B 745 1.62 14.08 -27.19
CA VAL B 745 0.18 13.83 -27.07
C VAL B 745 -0.27 12.92 -28.19
N GLY B 746 -1.01 11.86 -27.81
CA GLY B 746 -1.56 10.91 -28.76
C GLY B 746 -0.51 9.93 -29.27
N GLY B 747 -0.87 9.23 -30.35
CA GLY B 747 -0.02 8.22 -30.97
C GLY B 747 0.88 8.82 -32.03
N ASN B 748 1.43 7.96 -32.89
CA ASN B 748 2.23 8.38 -34.02
C ASN B 748 1.36 8.41 -35.27
N LEU B 749 1.56 9.43 -36.10
CA LEU B 749 0.77 9.63 -37.31
C LEU B 749 1.14 8.59 -38.38
N ASP B 750 2.41 8.16 -38.38
CA ASP B 750 2.86 7.15 -39.33
C ASP B 750 4.07 6.40 -38.75
N SER B 751 4.68 5.56 -39.59
CA SER B 751 5.83 4.75 -39.23
C SER B 751 6.89 4.91 -40.32
N LYS B 752 8.12 5.16 -39.88
CA LYS B 752 9.25 5.31 -40.78
C LYS B 752 10.54 5.08 -40.00
N GLY B 753 11.66 5.37 -40.63
CA GLY B 753 12.96 5.09 -40.04
C GLY B 753 14.05 5.94 -40.67
N TYR B 754 15.18 6.06 -39.94
CA TYR B 754 16.35 6.76 -40.44
C TYR B 754 17.29 5.77 -41.11
N GLY B 755 17.79 6.16 -42.29
CA GLY B 755 18.73 5.35 -43.03
C GLY B 755 20.04 6.10 -43.21
N ILE B 756 21.15 5.34 -43.32
CA ILE B 756 22.43 5.89 -43.71
C ILE B 756 22.43 6.06 -45.23
N ALA B 757 22.65 7.28 -45.69
CA ALA B 757 22.56 7.57 -47.11
C ALA B 757 23.94 7.48 -47.76
N THR B 758 23.94 7.23 -49.07
CA THR B 758 25.14 7.22 -49.90
C THR B 758 24.73 7.76 -51.27
N PRO B 759 25.66 8.35 -52.06
CA PRO B 759 25.35 8.82 -53.41
C PRO B 759 24.98 7.63 -54.29
N LYS B 760 24.00 7.85 -55.17
CA LYS B 760 23.50 6.80 -56.04
C LYS B 760 24.64 6.32 -56.93
N GLY B 761 24.78 5.00 -57.01
CA GLY B 761 25.86 4.34 -57.74
C GLY B 761 27.19 4.32 -57.00
N SER B 762 27.18 4.53 -55.67
CA SER B 762 28.41 4.47 -54.88
C SER B 762 28.83 3.01 -54.64
N ALA B 763 30.14 2.82 -54.41
CA ALA B 763 30.71 1.53 -54.10
C ALA B 763 30.65 1.23 -52.61
N LEU B 764 30.28 2.24 -51.79
CA LEU B 764 30.24 2.10 -50.34
C LEU B 764 28.86 1.65 -49.86
N ARG B 765 27.88 1.58 -50.78
CA ARG B 765 26.49 1.29 -50.48
C ARG B 765 26.34 -0.05 -49.75
N GLY B 766 26.94 -1.11 -50.32
CA GLY B 766 26.78 -2.46 -49.81
C GLY B 766 27.40 -2.63 -48.43
N PRO B 767 28.70 -2.29 -48.24
CA PRO B 767 29.33 -2.38 -46.93
C PRO B 767 28.58 -1.62 -45.84
N VAL B 768 28.03 -0.44 -46.15
CA VAL B 768 27.25 0.34 -45.18
C VAL B 768 26.02 -0.44 -44.72
N ASN B 769 25.29 -1.02 -45.68
CA ASN B 769 24.12 -1.82 -45.39
C ASN B 769 24.48 -2.97 -44.45
N LEU B 770 25.55 -3.69 -44.80
CA LEU B 770 25.97 -4.83 -44.01
C LEU B 770 26.44 -4.38 -42.63
N ALA B 771 27.08 -3.20 -42.54
CA ALA B 771 27.52 -2.67 -41.25
C ALA B 771 26.33 -2.39 -40.35
N VAL B 772 25.27 -1.81 -40.93
CA VAL B 772 24.07 -1.51 -40.16
C VAL B 772 23.43 -2.80 -39.67
N LEU B 773 23.34 -3.81 -40.55
CA LEU B 773 22.79 -5.10 -40.15
C LEU B 773 23.60 -5.72 -39.02
N LYS B 774 24.93 -5.67 -39.13
CA LYS B 774 25.80 -6.20 -38.08
C LYS B 774 25.55 -5.46 -36.77
N LEU B 775 25.52 -4.12 -36.83
CA LEU B 775 25.32 -3.31 -35.63
C LEU B 775 23.97 -3.62 -34.98
N SER B 776 22.94 -3.86 -35.80
CA SER B 776 21.63 -4.17 -35.28
C SER B 776 21.61 -5.56 -34.63
N GLU B 777 22.22 -6.55 -35.29
CA GLU B 777 22.20 -7.92 -34.81
C GLU B 777 23.08 -8.10 -33.57
N GLN B 778 24.04 -7.19 -33.34
CA GLN B 778 24.99 -7.31 -32.24
C GLN B 778 24.56 -6.48 -31.02
N GLY B 779 23.37 -5.86 -31.09
CA GLY B 779 22.81 -5.11 -29.98
C GLY B 779 23.43 -3.72 -29.80
N VAL B 780 24.25 -3.28 -30.75
CA VAL B 780 24.96 -2.02 -30.65
C VAL B 780 23.95 -0.86 -30.71
N LEU B 781 23.02 -0.92 -31.68
CA LEU B 781 22.08 0.15 -31.89
C LEU B 781 21.16 0.30 -30.67
N ASP B 782 20.73 -0.82 -30.08
CA ASP B 782 19.91 -0.78 -28.88
C ASP B 782 20.65 -0.09 -27.75
N LYS B 783 21.92 -0.47 -27.54
CA LYS B 783 22.72 0.08 -26.46
C LYS B 783 22.93 1.59 -26.66
N LEU B 784 23.23 1.99 -27.90
CA LEU B 784 23.41 3.40 -28.22
C LEU B 784 22.14 4.20 -27.91
N LYS B 785 20.99 3.67 -28.34
CA LYS B 785 19.71 4.31 -28.09
C LYS B 785 19.50 4.47 -26.58
N SER B 786 19.67 3.35 -25.84
CA SER B 786 19.43 3.35 -24.41
C SER B 786 20.34 4.35 -23.70
N LYS B 787 21.59 4.43 -24.16
CA LYS B 787 22.55 5.35 -23.57
C LYS B 787 22.12 6.80 -23.79
N TRP B 788 21.77 7.14 -25.03
CA TRP B 788 21.60 8.54 -25.42
C TRP B 788 20.20 9.08 -25.15
N TRP B 789 19.22 8.21 -24.86
CA TRP B 789 17.87 8.68 -24.58
C TRP B 789 17.53 8.50 -23.11
N TYR B 790 17.56 7.25 -22.64
CA TYR B 790 17.04 6.88 -21.32
C TYR B 790 17.95 7.41 -20.22
N ASP B 791 19.27 7.20 -20.39
CA ASP B 791 20.26 7.53 -19.36
C ASP B 791 20.40 9.04 -19.17
N LYS B 792 19.94 9.83 -20.15
CA LYS B 792 19.96 11.28 -20.05
C LYS B 792 19.12 11.73 -18.84
N GLY B 793 17.79 11.50 -18.91
CA GLY B 793 16.85 11.62 -17.80
C GLY B 793 17.13 12.78 -16.85
N GLU B 794 17.10 14.01 -17.41
CA GLU B 794 17.42 15.23 -16.69
C GLU B 794 16.44 15.43 -15.53
N CYS B 795 15.14 15.30 -15.83
CA CYS B 795 14.09 15.16 -14.82
C CYS B 795 13.58 13.73 -14.85
N GLY B 796 13.59 13.09 -13.67
CA GLY B 796 13.22 11.69 -13.53
C GLY B 796 11.75 11.47 -13.16
N SER B 797 10.93 12.53 -13.28
CA SER B 797 9.52 12.48 -12.96
C SER B 797 8.74 11.79 -14.10
N LYS B 805 4.23 10.75 0.38
CA LYS B 805 3.02 9.96 -0.03
C LYS B 805 1.82 10.32 0.86
N THR B 806 2.00 10.24 2.19
CA THR B 806 0.96 10.56 3.15
C THR B 806 1.09 12.03 3.57
N SER B 807 0.20 12.87 3.03
CA SER B 807 0.07 14.25 3.48
C SER B 807 -1.31 14.50 4.12
N ALA B 808 -1.33 15.45 5.05
CA ALA B 808 -2.55 16.03 5.56
C ALA B 808 -3.47 16.45 4.44
N LEU B 809 -4.78 16.24 4.63
CA LEU B 809 -5.79 16.91 3.82
C LEU B 809 -5.70 18.40 4.09
N SER B 810 -5.99 19.19 3.07
CA SER B 810 -5.99 20.63 3.19
C SER B 810 -7.43 21.12 3.08
N LEU B 811 -7.68 22.32 3.58
CA LEU B 811 -9.00 22.90 3.52
C LEU B 811 -9.54 22.95 2.10
N SER B 812 -8.69 23.16 1.09
CA SER B 812 -9.15 23.21 -0.28
C SER B 812 -9.70 21.86 -0.71
N ASN B 813 -9.13 20.75 -0.20
CA ASN B 813 -9.61 19.42 -0.53
C ASN B 813 -11.02 19.14 -0.02
N VAL B 814 -11.48 19.85 1.00
CA VAL B 814 -12.77 19.56 1.61
C VAL B 814 -13.65 20.77 1.57
N ALA B 815 -13.23 21.87 0.90
CA ALA B 815 -14.01 23.10 0.91
C ALA B 815 -15.46 22.88 0.49
N GLY B 816 -15.70 21.99 -0.46
CA GLY B 816 -17.04 21.77 -0.96
C GLY B 816 -18.00 21.25 0.08
N VAL B 817 -17.50 20.38 0.95
CA VAL B 817 -18.29 19.91 2.09
C VAL B 817 -18.69 21.10 2.97
N PHE B 818 -17.76 22.06 3.21
CA PHE B 818 -18.12 23.26 3.94
C PHE B 818 -19.16 24.11 3.21
N TYR B 819 -19.08 24.27 1.89
CA TYR B 819 -20.06 25.08 1.17
C TYR B 819 -21.44 24.46 1.27
N ILE B 820 -21.55 23.12 1.12
CA ILE B 820 -22.83 22.45 1.30
C ILE B 820 -23.36 22.69 2.72
N LEU B 821 -22.49 22.58 3.72
CA LEU B 821 -22.91 22.79 5.09
C LEU B 821 -23.48 24.19 5.28
N ILE B 822 -22.73 25.24 4.93
CA ILE B 822 -23.23 26.61 5.14
C ILE B 822 -24.46 26.87 4.27
N GLY B 823 -24.48 26.34 3.05
CA GLY B 823 -25.68 26.42 2.23
C GLY B 823 -26.92 25.85 2.93
N GLY B 824 -26.77 24.63 3.49
CA GLY B 824 -27.82 23.97 4.25
C GLY B 824 -28.29 24.80 5.45
N LEU B 825 -27.38 25.45 6.18
CA LEU B 825 -27.77 26.29 7.29
C LEU B 825 -28.55 27.50 6.80
N GLY B 826 -28.13 28.08 5.68
CA GLY B 826 -28.88 29.16 5.06
C GLY B 826 -30.29 28.71 4.71
N LEU B 827 -30.37 27.58 4.00
CA LEU B 827 -31.66 27.02 3.63
C LEU B 827 -32.53 26.76 4.86
N ALA B 828 -31.95 26.25 5.93
CA ALA B 828 -32.73 25.94 7.11
C ALA B 828 -33.30 27.22 7.69
N MET B 829 -32.53 28.30 7.70
CA MET B 829 -33.03 29.55 8.26
C MET B 829 -34.14 30.09 7.38
N LEU B 830 -33.97 30.01 6.07
CA LEU B 830 -35.01 30.45 5.15
C LEU B 830 -36.31 29.67 5.38
N VAL B 831 -36.27 28.34 5.31
CA VAL B 831 -37.42 27.48 5.59
C VAL B 831 -38.07 27.84 6.92
N ALA B 832 -37.28 28.25 7.93
CA ALA B 832 -37.83 28.52 9.25
C ALA B 832 -38.62 29.81 9.24
N LEU B 833 -38.14 30.82 8.51
CA LEU B 833 -38.84 32.08 8.33
C LEU B 833 -40.17 31.89 7.59
N ILE B 834 -40.14 31.11 6.52
CA ILE B 834 -41.37 30.75 5.81
C ILE B 834 -42.34 30.06 6.77
N GLU B 835 -41.99 28.87 7.27
CA GLU B 835 -42.84 28.12 8.17
C GLU B 835 -43.36 29.01 9.29
N PHE B 836 -42.67 30.13 9.59
CA PHE B 836 -43.12 31.06 10.60
C PHE B 836 -44.22 31.94 10.01
N CYS B 837 -43.88 32.73 9.00
CA CYS B 837 -44.79 33.65 8.34
C CYS B 837 -46.08 32.96 7.90
N TYR B 838 -46.00 31.74 7.36
CA TYR B 838 -47.18 30.92 7.07
C TYR B 838 -48.05 30.70 8.31
N LYS B 839 -47.44 30.30 9.44
CA LYS B 839 -48.18 30.04 10.66
C LYS B 839 -48.57 31.34 11.38
N SER B 840 -47.90 32.47 11.09
CA SER B 840 -48.29 33.78 11.61
C SER B 840 -49.54 34.32 10.93
N ARG B 841 -49.79 33.93 9.66
CA ARG B 841 -51.00 34.30 8.95
C ARG B 841 -52.20 33.50 9.49
N ARG C 415 6.39 -12.41 -69.12
CA ARG C 415 6.66 -13.58 -68.24
C ARG C 415 5.86 -13.48 -66.95
N THR C 416 5.21 -14.59 -66.56
CA THR C 416 4.64 -14.75 -65.23
C THR C 416 5.75 -15.16 -64.26
N TYR C 417 5.91 -14.38 -63.18
CA TYR C 417 6.92 -14.62 -62.16
C TYR C 417 6.36 -15.50 -61.03
N ILE C 418 7.26 -16.27 -60.42
CA ILE C 418 6.91 -17.20 -59.35
C ILE C 418 7.21 -16.51 -58.03
N VAL C 419 6.17 -16.23 -57.24
CA VAL C 419 6.31 -15.57 -55.94
C VAL C 419 6.15 -16.63 -54.85
N THR C 420 7.27 -17.07 -54.26
CA THR C 420 7.22 -18.06 -53.19
C THR C 420 6.64 -17.45 -51.93
N THR C 421 5.94 -18.26 -51.13
CA THR C 421 5.41 -17.83 -49.84
C THR C 421 5.28 -19.05 -48.92
N ILE C 422 4.76 -18.83 -47.71
CA ILE C 422 4.62 -19.86 -46.70
C ILE C 422 3.26 -19.65 -46.04
N LEU C 423 2.65 -20.76 -45.60
CA LEU C 423 1.37 -20.73 -44.92
C LEU C 423 1.58 -20.29 -43.47
N GLU C 424 0.97 -19.14 -43.13
CA GLU C 424 1.07 -18.58 -41.80
C GLU C 424 -0.04 -17.55 -41.61
N ASP C 425 -0.82 -17.73 -40.54
CA ASP C 425 -1.90 -16.80 -40.24
C ASP C 425 -1.29 -15.54 -39.63
N PRO C 426 -1.73 -14.30 -40.00
CA PRO C 426 -2.68 -14.03 -41.06
C PRO C 426 -2.05 -13.59 -42.39
N TYR C 427 -0.78 -13.94 -42.60
CA TYR C 427 -0.07 -13.40 -43.76
C TYR C 427 -0.59 -14.03 -45.04
N VAL C 428 -0.65 -15.37 -45.06
CA VAL C 428 -1.20 -16.11 -46.20
C VAL C 428 -2.00 -17.28 -45.63
N MET C 429 -3.23 -17.43 -46.12
CA MET C 429 -4.14 -18.44 -45.60
C MET C 429 -4.97 -18.97 -46.76
N LEU C 430 -5.32 -20.27 -46.67
CA LEU C 430 -6.26 -20.89 -47.57
C LEU C 430 -7.68 -20.55 -47.09
N LYS C 431 -8.47 -19.96 -48.00
CA LYS C 431 -9.79 -19.45 -47.67
C LYS C 431 -10.69 -20.57 -47.18
N LYS C 432 -11.53 -20.27 -46.19
CA LYS C 432 -12.53 -21.22 -45.71
C LYS C 432 -13.45 -21.58 -46.87
N ASN C 433 -13.50 -22.89 -47.18
CA ASN C 433 -14.09 -23.43 -48.41
C ASN C 433 -13.35 -22.86 -49.62
N ALA C 434 -12.07 -23.22 -49.71
CA ALA C 434 -11.21 -22.84 -50.84
C ALA C 434 -11.60 -23.59 -52.11
N ASN C 435 -12.28 -24.74 -51.97
CA ASN C 435 -12.69 -25.57 -53.10
C ASN C 435 -13.58 -24.80 -54.08
N GLN C 436 -14.39 -23.87 -53.56
CA GLN C 436 -15.26 -23.01 -54.36
C GLN C 436 -14.45 -22.02 -55.21
N PHE C 437 -13.20 -21.74 -54.84
CA PHE C 437 -12.34 -20.78 -55.52
C PHE C 437 -11.15 -21.51 -56.15
N GLU C 438 -10.60 -20.90 -57.20
CA GLU C 438 -9.67 -21.58 -58.11
C GLU C 438 -8.73 -20.56 -58.74
N GLY C 439 -7.47 -20.97 -58.93
CA GLY C 439 -6.40 -20.12 -59.43
C GLY C 439 -5.66 -19.43 -58.29
N ASN C 440 -5.00 -18.31 -58.65
CA ASN C 440 -4.20 -17.53 -57.72
C ASN C 440 -5.06 -16.92 -56.61
N ASP C 441 -6.38 -16.88 -56.81
CA ASP C 441 -7.32 -16.35 -55.83
C ASP C 441 -7.73 -17.46 -54.83
N ARG C 442 -6.86 -18.46 -54.60
CA ARG C 442 -7.14 -19.55 -53.69
C ARG C 442 -6.90 -19.14 -52.23
N TYR C 443 -6.10 -18.07 -52.01
CA TYR C 443 -5.62 -17.69 -50.68
C TYR C 443 -6.15 -16.32 -50.27
N GLU C 444 -5.98 -16.02 -48.98
CA GLU C 444 -6.18 -14.70 -48.42
C GLU C 444 -5.05 -14.41 -47.43
N GLY C 445 -4.98 -13.15 -47.00
CA GLY C 445 -4.09 -12.75 -45.92
C GLY C 445 -3.33 -11.49 -46.29
N TYR C 446 -2.61 -10.96 -45.28
CA TYR C 446 -1.89 -9.70 -45.41
C TYR C 446 -0.94 -9.75 -46.61
N CYS C 447 -0.09 -10.78 -46.67
CA CYS C 447 0.92 -10.88 -47.70
C CYS C 447 0.32 -11.11 -49.08
N VAL C 448 -0.88 -11.69 -49.15
CA VAL C 448 -1.57 -11.89 -50.42
C VAL C 448 -1.89 -10.52 -51.02
N GLU C 449 -2.54 -9.66 -50.24
CA GLU C 449 -2.87 -8.31 -50.71
C GLU C 449 -1.59 -7.51 -50.97
N LEU C 450 -0.55 -7.71 -50.15
CA LEU C 450 0.69 -6.99 -50.36
C LEU C 450 1.31 -7.38 -51.70
N ALA C 451 1.30 -8.68 -52.02
CA ALA C 451 1.80 -9.16 -53.30
C ALA C 451 0.98 -8.57 -54.45
N ALA C 452 -0.34 -8.50 -54.28
CA ALA C 452 -1.22 -7.90 -55.27
C ALA C 452 -0.81 -6.44 -55.53
N GLU C 453 -0.64 -5.66 -54.47
CA GLU C 453 -0.34 -4.24 -54.57
C GLU C 453 1.05 -4.01 -55.19
N ILE C 454 2.02 -4.84 -54.79
CA ILE C 454 3.36 -4.74 -55.36
C ILE C 454 3.31 -5.05 -56.85
N ALA C 455 2.58 -6.11 -57.22
CA ALA C 455 2.44 -6.50 -58.62
C ALA C 455 1.85 -5.34 -59.43
N LYS C 456 0.80 -4.72 -58.87
CA LYS C 456 0.17 -3.57 -59.50
C LYS C 456 1.21 -2.47 -59.77
N HIS C 457 1.96 -2.10 -58.73
CA HIS C 457 2.89 -0.98 -58.82
C HIS C 457 4.03 -1.28 -59.79
N VAL C 458 4.57 -2.50 -59.75
CA VAL C 458 5.75 -2.84 -60.53
C VAL C 458 5.33 -3.16 -61.97
N GLY C 459 4.10 -3.69 -62.16
CA GLY C 459 3.62 -4.08 -63.46
C GLY C 459 4.20 -5.43 -63.91
N TYR C 460 3.76 -6.48 -63.22
CA TYR C 460 4.04 -7.86 -63.60
C TYR C 460 2.85 -8.73 -63.18
N SER C 461 2.77 -9.91 -63.81
CA SER C 461 1.86 -10.99 -63.40
C SER C 461 2.65 -12.06 -62.65
N TYR C 462 1.97 -12.77 -61.75
CA TYR C 462 2.64 -13.67 -60.83
C TYR C 462 1.73 -14.84 -60.45
N ARG C 463 2.38 -15.95 -60.09
CA ARG C 463 1.72 -17.14 -59.56
C ARG C 463 2.29 -17.42 -58.16
N LEU C 464 1.37 -17.48 -57.19
CA LEU C 464 1.73 -17.63 -55.78
C LEU C 464 1.98 -19.11 -55.50
N GLU C 465 3.26 -19.48 -55.38
CA GLU C 465 3.67 -20.84 -55.09
C GLU C 465 4.01 -20.93 -53.60
N ILE C 466 3.40 -21.87 -52.90
CA ILE C 466 3.79 -22.11 -51.51
C ILE C 466 5.10 -22.89 -51.53
N VAL C 467 6.02 -22.52 -50.63
CA VAL C 467 7.26 -23.26 -50.47
C VAL C 467 6.93 -24.72 -50.10
N SER C 468 7.71 -25.65 -50.67
CA SER C 468 7.45 -27.08 -50.52
C SER C 468 7.87 -27.57 -49.14
N ASP C 469 9.08 -27.18 -48.69
CA ASP C 469 9.62 -27.63 -47.42
C ASP C 469 8.73 -27.18 -46.26
N GLY C 470 8.06 -26.02 -46.41
CA GLY C 470 7.29 -25.42 -45.34
C GLY C 470 8.19 -24.77 -44.27
N LYS C 471 9.43 -24.45 -44.64
CA LYS C 471 10.36 -23.77 -43.74
C LYS C 471 10.54 -22.33 -44.21
N TYR C 472 11.01 -21.46 -43.31
CA TYR C 472 11.32 -20.09 -43.69
C TYR C 472 12.65 -20.05 -44.43
N GLY C 473 13.70 -20.60 -43.81
CA GLY C 473 14.99 -20.65 -44.46
C GLY C 473 16.17 -20.56 -43.52
N ALA C 474 17.18 -21.38 -43.83
CA ALA C 474 18.39 -21.55 -43.03
C ALA C 474 19.37 -22.39 -43.83
N ARG C 475 20.67 -22.19 -43.61
CA ARG C 475 21.65 -23.07 -44.25
C ARG C 475 22.20 -24.03 -43.22
N ASP C 476 22.04 -25.33 -43.55
CA ASP C 476 22.61 -26.42 -42.78
C ASP C 476 24.15 -26.29 -42.80
N PRO C 477 24.82 -26.08 -41.63
CA PRO C 477 26.24 -25.71 -41.60
C PRO C 477 27.17 -26.73 -42.26
N ASP C 478 26.76 -28.01 -42.27
CA ASP C 478 27.53 -29.10 -42.87
C ASP C 478 27.46 -29.05 -44.39
N THR C 479 26.23 -29.12 -44.95
CA THR C 479 26.01 -29.21 -46.39
C THR C 479 26.13 -27.84 -47.06
N LYS C 480 25.94 -26.77 -46.27
CA LYS C 480 25.91 -25.38 -46.70
C LYS C 480 24.76 -25.14 -47.69
N ALA C 481 23.66 -25.90 -47.52
CA ALA C 481 22.51 -25.83 -48.41
C ALA C 481 21.41 -25.02 -47.73
N TRP C 482 20.86 -24.06 -48.48
CA TRP C 482 19.72 -23.25 -48.06
C TRP C 482 18.44 -24.02 -48.37
N ASN C 483 17.51 -24.03 -47.41
CA ASN C 483 16.21 -24.65 -47.57
C ASN C 483 15.13 -23.59 -47.45
N GLY C 484 13.88 -23.99 -47.73
CA GLY C 484 12.75 -23.11 -47.58
C GLY C 484 12.73 -22.01 -48.64
N MET C 485 12.16 -20.87 -48.27
CA MET C 485 11.95 -19.78 -49.19
C MET C 485 13.28 -19.17 -49.65
N VAL C 486 14.25 -19.05 -48.75
CA VAL C 486 15.55 -18.50 -49.11
C VAL C 486 16.23 -19.42 -50.14
N GLY C 487 16.17 -20.74 -49.90
CA GLY C 487 16.69 -21.72 -50.84
C GLY C 487 16.02 -21.58 -52.21
N GLU C 488 14.68 -21.46 -52.19
CA GLU C 488 13.90 -21.32 -53.41
C GLU C 488 14.32 -20.08 -54.19
N LEU C 489 14.62 -18.99 -53.47
CA LEU C 489 15.03 -17.76 -54.13
C LEU C 489 16.40 -17.90 -54.76
N VAL C 490 17.35 -18.47 -54.00
CA VAL C 490 18.75 -18.45 -54.42
C VAL C 490 18.95 -19.31 -55.66
N TYR C 491 18.36 -20.52 -55.64
CA TYR C 491 18.61 -21.52 -56.67
C TYR C 491 17.88 -21.22 -57.98
N GLY C 492 16.99 -20.23 -57.98
CA GLY C 492 16.40 -19.68 -59.19
C GLY C 492 14.95 -20.13 -59.40
N ARG C 493 14.43 -21.01 -58.54
CA ARG C 493 13.10 -21.56 -58.73
C ARG C 493 11.99 -20.53 -58.46
N ALA C 494 12.31 -19.47 -57.69
CA ALA C 494 11.38 -18.37 -57.45
C ALA C 494 12.08 -17.03 -57.68
N ASP C 495 11.26 -16.01 -58.00
CA ASP C 495 11.73 -14.69 -58.39
C ASP C 495 11.48 -13.65 -57.30
N VAL C 496 10.48 -13.87 -56.42
CA VAL C 496 10.18 -13.00 -55.29
C VAL C 496 9.69 -13.88 -54.13
N ALA C 497 9.86 -13.38 -52.90
CA ALA C 497 9.23 -13.95 -51.72
C ALA C 497 8.47 -12.85 -50.99
N VAL C 498 7.17 -13.04 -50.80
CA VAL C 498 6.34 -12.04 -50.14
C VAL C 498 5.80 -12.64 -48.85
N ALA C 499 6.63 -13.42 -48.16
CA ALA C 499 6.23 -13.98 -46.87
C ALA C 499 6.72 -13.07 -45.75
N PRO C 500 6.30 -13.30 -44.47
CA PRO C 500 6.93 -12.64 -43.33
C PRO C 500 8.35 -13.15 -43.11
N LEU C 501 9.25 -12.74 -44.00
CA LEU C 501 10.63 -13.21 -44.00
C LEU C 501 11.48 -12.15 -43.33
N THR C 502 12.10 -12.51 -42.21
CA THR C 502 12.84 -11.57 -41.41
C THR C 502 14.13 -11.16 -42.13
N ILE C 503 14.47 -9.87 -42.02
CA ILE C 503 15.72 -9.36 -42.56
C ILE C 503 16.83 -9.71 -41.58
N THR C 504 17.77 -10.53 -42.06
CA THR C 504 18.91 -10.95 -41.27
C THR C 504 20.18 -10.78 -42.09
N LEU C 505 21.31 -10.71 -41.37
CA LEU C 505 22.61 -10.48 -41.98
C LEU C 505 22.97 -11.63 -42.91
N VAL C 506 22.80 -12.87 -42.43
CA VAL C 506 23.17 -14.05 -43.18
C VAL C 506 22.37 -14.12 -44.48
N ARG C 507 21.09 -13.75 -44.43
CA ARG C 507 20.24 -13.79 -45.62
C ARG C 507 20.60 -12.64 -46.56
N GLU C 508 20.95 -11.47 -46.00
CA GLU C 508 21.28 -10.32 -46.83
C GLU C 508 22.54 -10.58 -47.68
N GLU C 509 23.38 -11.52 -47.25
CA GLU C 509 24.58 -11.89 -47.99
C GLU C 509 24.28 -12.71 -49.26
N VAL C 510 23.07 -13.27 -49.38
CA VAL C 510 22.77 -14.22 -50.45
C VAL C 510 21.56 -13.77 -51.28
N ILE C 511 20.67 -12.96 -50.70
CA ILE C 511 19.49 -12.44 -51.37
C ILE C 511 19.38 -10.95 -51.08
N ASP C 512 18.61 -10.25 -51.93
CA ASP C 512 18.35 -8.85 -51.70
C ASP C 512 17.03 -8.68 -50.95
N PHE C 513 17.02 -7.75 -50.00
CA PHE C 513 15.81 -7.36 -49.32
C PHE C 513 15.41 -5.93 -49.66
N SER C 514 14.09 -5.68 -49.67
CA SER C 514 13.59 -4.31 -49.74
C SER C 514 13.62 -3.68 -48.36
N LYS C 515 13.24 -2.42 -48.26
CA LYS C 515 13.05 -1.80 -46.97
C LYS C 515 11.95 -2.54 -46.23
N PRO C 516 12.03 -2.70 -44.88
CA PRO C 516 11.03 -3.47 -44.16
C PRO C 516 9.62 -2.92 -44.32
N PHE C 517 8.65 -3.82 -44.48
CA PHE C 517 7.26 -3.43 -44.58
C PHE C 517 6.51 -3.65 -43.27
N MET C 518 7.17 -4.18 -42.24
CA MET C 518 6.52 -4.35 -40.95
C MET C 518 7.62 -4.52 -39.90
N SER C 519 7.40 -3.92 -38.71
CA SER C 519 8.33 -4.03 -37.61
C SER C 519 7.88 -5.14 -36.67
N LEU C 520 8.84 -5.65 -35.89
CA LEU C 520 8.56 -6.70 -34.94
C LEU C 520 9.77 -6.88 -34.02
N GLY C 521 9.60 -7.77 -33.04
CA GLY C 521 10.70 -8.22 -32.21
C GLY C 521 10.44 -9.63 -31.72
N ILE C 522 11.47 -10.28 -31.18
CA ILE C 522 11.26 -11.54 -30.50
C ILE C 522 10.51 -11.24 -29.20
N SER C 523 9.50 -12.06 -28.91
CA SER C 523 8.66 -11.86 -27.75
C SER C 523 8.30 -13.20 -27.13
N ILE C 524 7.94 -13.14 -25.84
CA ILE C 524 7.59 -14.32 -25.05
C ILE C 524 6.07 -14.44 -25.00
N MET C 525 5.62 -15.66 -25.27
CA MET C 525 4.22 -16.00 -25.25
C MET C 525 3.99 -17.04 -24.17
N ILE C 526 3.06 -16.77 -23.25
CA ILE C 526 2.77 -17.63 -22.11
C ILE C 526 1.26 -17.85 -22.06
N LYS C 527 0.85 -19.00 -21.53
CA LYS C 527 -0.56 -19.29 -21.31
C LYS C 527 -1.11 -18.30 -20.27
N LYS C 528 -2.25 -17.67 -20.58
CA LYS C 528 -2.85 -16.68 -19.68
C LYS C 528 -3.32 -17.39 -18.41
N PRO C 529 -2.84 -16.97 -17.21
CA PRO C 529 -3.27 -17.60 -15.96
C PRO C 529 -4.74 -17.30 -15.69
N GLN C 530 -5.38 -18.21 -14.92
CA GLN C 530 -6.82 -18.13 -14.69
C GLN C 530 -7.11 -17.01 -13.70
N LYS C 531 -8.17 -16.23 -13.99
CA LYS C 531 -8.58 -15.10 -13.18
C LYS C 531 -10.10 -15.09 -13.04
N SER C 532 -10.55 -15.32 -11.81
CA SER C 532 -11.96 -15.36 -11.46
C SER C 532 -12.52 -13.93 -11.47
N LYS C 533 -13.72 -13.76 -12.06
CA LYS C 533 -14.45 -12.49 -12.04
C LYS C 533 -15.09 -12.30 -10.66
N PRO C 534 -15.23 -11.05 -10.14
CA PRO C 534 -15.85 -10.86 -8.82
C PRO C 534 -17.34 -11.12 -8.93
N GLY C 535 -17.90 -11.86 -7.97
CA GLY C 535 -19.30 -12.27 -8.00
C GLY C 535 -20.28 -11.12 -7.72
N VAL C 536 -21.57 -11.41 -7.90
CA VAL C 536 -22.65 -10.50 -7.52
C VAL C 536 -22.54 -10.18 -6.02
N PHE C 537 -22.24 -11.20 -5.20
CA PHE C 537 -22.08 -11.01 -3.77
C PHE C 537 -20.62 -10.88 -3.37
N SER C 538 -19.83 -10.14 -4.15
CA SER C 538 -18.43 -9.97 -3.83
C SER C 538 -18.20 -9.20 -2.51
N PHE C 539 -19.20 -8.47 -2.02
CA PHE C 539 -19.04 -7.69 -0.79
C PHE C 539 -18.86 -8.65 0.39
N LEU C 540 -19.26 -9.92 0.24
CA LEU C 540 -19.00 -10.90 1.28
C LEU C 540 -17.57 -11.41 1.31
N ASP C 541 -16.76 -11.09 0.31
CA ASP C 541 -15.49 -11.76 0.07
C ASP C 541 -14.46 -11.53 1.15
N PRO C 542 -14.37 -10.37 1.82
CA PRO C 542 -13.34 -10.20 2.85
C PRO C 542 -13.38 -11.18 4.01
N LEU C 543 -14.49 -11.90 4.23
CA LEU C 543 -14.55 -12.90 5.29
C LEU C 543 -14.88 -14.25 4.67
N ALA C 544 -14.21 -15.28 5.13
CA ALA C 544 -14.55 -16.65 4.81
C ALA C 544 -16.01 -16.96 5.13
N TYR C 545 -16.58 -17.86 4.33
CA TYR C 545 -17.94 -18.37 4.48
C TYR C 545 -18.16 -18.82 5.92
N GLU C 546 -17.18 -19.49 6.53
CA GLU C 546 -17.37 -20.01 7.86
C GLU C 546 -17.47 -18.90 8.91
N ILE C 547 -16.78 -17.77 8.72
CA ILE C 547 -17.00 -16.64 9.62
C ILE C 547 -18.46 -16.17 9.49
N TRP C 548 -18.99 -15.96 8.26
CA TRP C 548 -20.38 -15.52 8.11
C TRP C 548 -21.33 -16.50 8.80
N MET C 549 -21.09 -17.81 8.62
CA MET C 549 -21.97 -18.78 9.25
C MET C 549 -21.89 -18.66 10.78
N CYS C 550 -20.66 -18.62 11.31
CA CYS C 550 -20.49 -18.49 12.75
C CYS C 550 -21.00 -17.16 13.30
N ILE C 551 -20.88 -16.04 12.55
CA ILE C 551 -21.51 -14.80 12.96
C ILE C 551 -23.02 -15.02 13.19
N VAL C 552 -23.70 -15.68 12.25
CA VAL C 552 -25.11 -15.98 12.41
C VAL C 552 -25.38 -16.88 13.62
N PHE C 553 -24.59 -17.93 13.83
CA PHE C 553 -24.83 -18.71 15.05
C PHE C 553 -24.55 -17.89 16.32
N ALA C 554 -23.48 -17.11 16.31
CA ALA C 554 -23.17 -16.27 17.45
C ALA C 554 -24.33 -15.31 17.74
N TYR C 555 -24.89 -14.71 16.67
CA TYR C 555 -25.99 -13.80 16.78
C TYR C 555 -27.19 -14.47 17.47
N ILE C 556 -27.51 -15.70 17.09
CA ILE C 556 -28.59 -16.43 17.73
C ILE C 556 -28.24 -16.77 19.18
N GLY C 557 -27.06 -17.35 19.41
CA GLY C 557 -26.64 -17.61 20.77
C GLY C 557 -26.74 -16.38 21.68
N VAL C 558 -26.20 -15.23 21.23
CA VAL C 558 -26.19 -14.04 22.05
C VAL C 558 -27.63 -13.62 22.37
N SER C 559 -28.48 -13.67 21.35
CA SER C 559 -29.85 -13.22 21.49
C SER C 559 -30.62 -14.11 22.46
N VAL C 560 -30.44 -15.44 22.35
CA VAL C 560 -31.11 -16.35 23.26
C VAL C 560 -30.59 -16.15 24.68
N VAL C 561 -29.27 -16.18 24.89
CA VAL C 561 -28.76 -15.95 26.24
C VAL C 561 -29.22 -14.60 26.80
N LEU C 562 -29.22 -13.51 26.03
CA LEU C 562 -29.71 -12.24 26.57
C LEU C 562 -31.15 -12.43 27.11
N PHE C 563 -32.06 -12.89 26.24
CA PHE C 563 -33.44 -13.18 26.62
C PHE C 563 -33.47 -14.02 27.90
N LEU C 564 -32.82 -15.18 27.90
CA LEU C 564 -32.79 -16.06 29.06
C LEU C 564 -32.44 -15.26 30.30
N VAL C 565 -31.23 -14.70 30.38
CA VAL C 565 -30.80 -14.01 31.58
C VAL C 565 -31.87 -12.99 32.03
N SER C 566 -32.23 -12.08 31.14
CA SER C 566 -33.21 -11.04 31.47
C SER C 566 -34.52 -11.63 32.00
N ARG C 567 -35.18 -12.49 31.22
CA ARG C 567 -36.50 -13.02 31.59
C ARG C 567 -36.48 -13.81 32.87
N PHE C 568 -35.81 -14.97 32.89
CA PHE C 568 -35.81 -15.83 34.07
C PHE C 568 -35.27 -15.08 35.30
N SER C 569 -34.67 -13.88 35.12
CA SER C 569 -34.16 -13.10 36.24
C SER C 569 -34.82 -13.45 37.58
N ASN C 591 -40.15 -2.46 25.88
CA ASN C 591 -39.09 -1.94 26.78
C ASN C 591 -38.35 -3.05 27.56
N GLU C 592 -38.71 -4.30 27.33
CA GLU C 592 -38.10 -5.44 28.01
C GLU C 592 -37.49 -6.36 26.95
N PHE C 593 -36.64 -7.24 27.41
CA PHE C 593 -35.80 -8.09 26.60
C PHE C 593 -36.49 -9.43 26.49
N GLY C 594 -37.66 -9.45 25.86
CA GLY C 594 -38.17 -10.70 25.33
C GLY C 594 -37.36 -11.12 24.12
N ILE C 595 -37.68 -12.27 23.54
CA ILE C 595 -36.84 -12.84 22.52
C ILE C 595 -36.76 -11.92 21.29
N PHE C 596 -37.86 -11.27 20.91
CA PHE C 596 -37.88 -10.52 19.67
C PHE C 596 -37.09 -9.24 19.84
N ASN C 597 -37.19 -8.61 20.99
CA ASN C 597 -36.38 -7.44 21.27
C ASN C 597 -34.92 -7.78 21.51
N SER C 598 -34.62 -8.96 22.07
CA SER C 598 -33.26 -9.44 22.18
C SER C 598 -32.65 -9.57 20.79
N LEU C 599 -33.38 -10.21 19.88
CA LEU C 599 -32.93 -10.30 18.51
C LEU C 599 -32.71 -8.92 17.91
N TRP C 600 -33.56 -7.95 18.20
CA TRP C 600 -33.46 -6.64 17.59
C TRP C 600 -32.27 -5.89 18.19
N PHE C 601 -32.06 -5.98 19.49
CA PHE C 601 -30.95 -5.35 20.16
C PHE C 601 -29.62 -5.85 19.61
N SER C 602 -29.47 -7.17 19.55
CA SER C 602 -28.27 -7.77 19.02
C SER C 602 -28.00 -7.31 17.60
N LEU C 603 -29.04 -7.24 16.78
CA LEU C 603 -28.86 -6.92 15.37
C LEU C 603 -28.40 -5.47 15.26
N GLY C 604 -29.03 -4.59 15.99
CA GLY C 604 -28.62 -3.20 15.93
C GLY C 604 -27.20 -2.97 16.43
N ALA C 605 -26.81 -3.68 17.50
CA ALA C 605 -25.45 -3.59 18.02
C ALA C 605 -24.48 -3.99 16.91
N PHE C 606 -24.73 -5.16 16.34
CA PHE C 606 -23.86 -5.65 15.30
C PHE C 606 -23.73 -4.70 14.13
N MET C 607 -24.83 -4.05 13.72
CA MET C 607 -24.86 -3.26 12.52
C MET C 607 -24.51 -1.82 12.83
N GLN C 608 -24.20 -1.54 14.10
CA GLN C 608 -23.73 -0.23 14.47
C GLN C 608 -24.79 0.83 14.30
N GLN C 609 -25.96 0.56 14.87
CA GLN C 609 -27.11 1.41 14.72
C GLN C 609 -27.69 1.76 16.09
N GLY C 610 -27.38 1.02 17.15
N GLY C 610 -27.15 1.05 17.06
CA GLY C 610 -27.96 1.27 18.46
CA GLY C 610 -27.23 1.43 18.43
C GLY C 610 -29.38 0.71 18.53
C GLY C 610 -28.43 0.71 18.99
N CYS C 611 -30.18 1.10 19.53
N CYS C 611 -29.29 1.46 19.69
CA CYS C 611 -31.48 0.48 19.74
CA CYS C 611 -30.29 0.78 20.48
C CYS C 611 -32.38 1.33 20.63
C CYS C 611 -31.47 1.71 20.73
N ASP C 612 -33.65 0.94 20.70
N ASP C 612 -32.64 1.10 20.90
CA ASP C 612 -34.55 1.54 21.67
CA ASP C 612 -33.78 1.74 21.53
C ASP C 612 -33.96 1.35 23.07
C ASP C 612 -33.78 1.41 23.02
N ILE C 613 -33.46 0.15 23.35
CA ILE C 613 -33.36 -0.37 24.70
C ILE C 613 -31.93 -0.83 24.95
N SER C 614 -31.54 -0.89 26.22
CA SER C 614 -30.24 -1.37 26.63
C SER C 614 -30.40 -2.21 27.89
N PRO C 615 -29.68 -3.32 28.08
CA PRO C 615 -29.83 -4.10 29.30
C PRO C 615 -29.52 -3.32 30.60
N ARG C 616 -30.21 -3.65 31.70
CA ARG C 616 -29.96 -2.96 32.97
C ARG C 616 -29.33 -3.89 33.99
N SER C 617 -29.57 -5.20 33.89
CA SER C 617 -29.02 -6.14 34.84
C SER C 617 -27.53 -6.35 34.64
N LEU C 618 -26.89 -6.94 35.65
CA LEU C 618 -25.49 -7.28 35.53
C LEU C 618 -25.26 -8.34 34.45
N SER C 619 -26.08 -9.39 34.43
CA SER C 619 -25.86 -10.48 33.49
C SER C 619 -26.22 -9.99 32.08
N GLY C 620 -27.27 -9.17 31.95
CA GLY C 620 -27.58 -8.55 30.68
C GLY C 620 -26.44 -7.70 30.15
N ARG C 621 -25.76 -6.97 31.03
CA ARG C 621 -24.67 -6.10 30.62
C ARG C 621 -23.43 -6.90 30.32
N ILE C 622 -23.23 -8.05 30.98
CA ILE C 622 -22.11 -8.89 30.58
C ILE C 622 -22.32 -9.35 29.15
N VAL C 623 -23.54 -9.84 28.84
CA VAL C 623 -23.82 -10.35 27.51
C VAL C 623 -23.67 -9.21 26.49
N GLY C 624 -24.29 -8.08 26.76
CA GLY C 624 -24.17 -6.93 25.89
C GLY C 624 -22.73 -6.50 25.67
N GLY C 625 -21.95 -6.41 26.75
CA GLY C 625 -20.56 -5.98 26.69
C GLY C 625 -19.72 -6.91 25.82
N VAL C 626 -19.85 -8.24 25.99
CA VAL C 626 -19.06 -9.12 25.14
C VAL C 626 -19.57 -9.06 23.70
N TRP C 627 -20.87 -8.91 23.47
CA TRP C 627 -21.33 -8.76 22.10
C TRP C 627 -20.80 -7.46 21.46
N TRP C 628 -20.73 -6.36 22.22
CA TRP C 628 -20.12 -5.13 21.70
C TRP C 628 -18.66 -5.31 21.31
N PHE C 629 -17.94 -6.08 22.12
CA PHE C 629 -16.54 -6.31 21.88
C PHE C 629 -16.38 -7.16 20.61
N PHE C 630 -17.17 -8.22 20.52
CA PHE C 630 -17.15 -9.08 19.35
C PHE C 630 -17.46 -8.27 18.11
N THR C 631 -18.49 -7.44 18.19
CA THR C 631 -18.86 -6.58 17.08
C THR C 631 -17.72 -5.69 16.63
N LEU C 632 -17.10 -4.98 17.59
CA LEU C 632 -16.02 -4.09 17.26
C LEU C 632 -14.89 -4.81 16.51
N ILE C 633 -14.49 -6.02 16.97
CA ILE C 633 -13.43 -6.75 16.29
C ILE C 633 -13.91 -7.17 14.91
N ILE C 634 -15.04 -7.84 14.79
CA ILE C 634 -15.47 -8.42 13.52
C ILE C 634 -15.77 -7.32 12.49
N ILE C 635 -16.54 -6.28 12.82
CA ILE C 635 -16.83 -5.23 11.84
C ILE C 635 -15.55 -4.52 11.43
N SER C 636 -14.67 -4.25 12.39
CA SER C 636 -13.43 -3.55 12.06
C SER C 636 -12.60 -4.42 11.13
N SER C 637 -12.56 -5.73 11.37
CA SER C 637 -11.85 -6.66 10.50
C SER C 637 -12.44 -6.67 9.11
N TYR C 638 -13.76 -6.72 9.00
CA TYR C 638 -14.42 -6.68 7.73
C TYR C 638 -14.08 -5.41 6.93
N THR C 639 -14.08 -4.25 7.56
CA THR C 639 -13.92 -3.02 6.79
C THR C 639 -12.44 -2.76 6.51
N ALA C 640 -11.57 -3.22 7.41
CA ALA C 640 -10.14 -3.13 7.19
C ALA C 640 -9.83 -3.95 5.94
N ASN C 641 -10.19 -5.24 6.00
CA ASN C 641 -9.94 -6.18 4.94
C ASN C 641 -10.75 -5.83 3.70
N LEU C 642 -11.91 -5.19 3.83
CA LEU C 642 -12.65 -4.79 2.64
C LEU C 642 -11.83 -3.78 1.86
N ALA C 643 -11.23 -2.82 2.57
CA ALA C 643 -10.48 -1.75 1.94
C ALA C 643 -9.35 -2.32 1.08
N ALA C 644 -8.70 -3.38 1.61
CA ALA C 644 -7.64 -4.10 0.92
C ALA C 644 -8.11 -4.71 -0.41
N PHE C 645 -9.26 -5.38 -0.41
CA PHE C 645 -9.81 -6.00 -1.60
C PHE C 645 -10.25 -4.97 -2.67
N LEU C 646 -10.58 -3.75 -2.25
CA LEU C 646 -11.12 -2.76 -3.18
C LEU C 646 -9.99 -2.05 -3.91
N THR C 647 -8.74 -2.25 -3.44
CA THR C 647 -7.57 -1.58 -3.96
C THR C 647 -6.44 -2.59 -4.16
N VAL C 648 -6.66 -3.56 -5.06
CA VAL C 648 -5.71 -4.65 -5.26
C VAL C 648 -5.63 -4.93 -6.76
N GLU C 649 -4.42 -4.74 -7.30
CA GLU C 649 -4.12 -4.96 -8.70
C GLU C 649 -3.53 -6.35 -8.84
N ARG C 650 -4.03 -7.11 -9.83
CA ARG C 650 -3.49 -8.40 -10.21
C ARG C 650 -2.94 -8.29 -11.63
N MET C 651 -1.61 -8.44 -11.75
CA MET C 651 -0.86 -8.06 -12.93
C MET C 651 0.46 -8.82 -12.98
N VAL C 652 0.70 -9.67 -11.98
CA VAL C 652 2.02 -10.24 -11.73
C VAL C 652 2.23 -11.44 -12.66
N SER C 653 2.86 -11.12 -13.81
CA SER C 653 3.25 -12.11 -14.81
C SER C 653 4.39 -12.97 -14.27
N PRO C 654 4.39 -14.30 -14.51
CA PRO C 654 5.43 -15.17 -13.96
C PRO C 654 6.86 -14.79 -14.37
N ILE C 655 7.04 -14.35 -15.62
CA ILE C 655 8.35 -14.06 -16.17
C ILE C 655 8.59 -12.55 -16.24
N GLU C 656 7.72 -11.80 -16.94
CA GLU C 656 7.78 -10.34 -17.08
C GLU C 656 9.07 -9.82 -17.73
N SER C 657 9.96 -10.71 -18.20
CA SER C 657 11.20 -10.37 -18.88
C SER C 657 11.86 -11.67 -19.38
N ALA C 658 12.96 -11.51 -20.13
CA ALA C 658 13.74 -12.63 -20.63
C ALA C 658 14.57 -13.25 -19.50
N GLU C 659 15.21 -12.40 -18.67
CA GLU C 659 16.09 -12.84 -17.60
C GLU C 659 15.34 -13.79 -16.67
N ASP C 660 14.11 -13.42 -16.29
CA ASP C 660 13.32 -14.24 -15.38
C ASP C 660 13.00 -15.61 -16.01
N LEU C 661 12.87 -15.67 -17.35
CA LEU C 661 12.67 -16.95 -18.01
C LEU C 661 13.97 -17.76 -17.99
N ALA C 662 15.12 -17.09 -18.12
CA ALA C 662 16.41 -17.77 -18.12
C ALA C 662 16.77 -18.33 -16.74
N LYS C 663 16.43 -17.60 -15.67
CA LYS C 663 16.85 -17.96 -14.32
C LYS C 663 16.15 -19.24 -13.85
N GLN C 664 14.86 -19.35 -14.13
CA GLN C 664 14.06 -20.50 -13.73
C GLN C 664 14.29 -21.67 -14.69
N THR C 665 13.81 -22.84 -14.29
CA THR C 665 13.92 -24.07 -15.07
C THR C 665 12.64 -24.89 -15.07
N GLU C 666 11.58 -24.42 -14.38
CA GLU C 666 10.32 -25.15 -14.31
C GLU C 666 9.59 -25.08 -15.65
N ILE C 667 9.66 -23.91 -16.33
CA ILE C 667 9.04 -23.70 -17.63
C ILE C 667 10.09 -23.88 -18.71
N ALA C 668 9.79 -24.77 -19.67
CA ALA C 668 10.62 -24.96 -20.85
C ALA C 668 10.16 -24.00 -21.95
N TYR C 669 11.14 -23.41 -22.65
CA TYR C 669 10.87 -22.43 -23.68
C TYR C 669 11.62 -22.80 -24.94
N GLY C 670 10.88 -22.77 -26.06
CA GLY C 670 11.43 -23.16 -27.35
C GLY C 670 11.16 -22.12 -28.43
N THR C 671 11.60 -22.46 -29.64
CA THR C 671 11.49 -21.58 -30.80
C THR C 671 11.01 -22.40 -31.99
N LEU C 672 10.79 -21.76 -33.13
CA LEU C 672 10.46 -22.43 -34.38
C LEU C 672 11.77 -22.87 -35.03
N GLU C 673 11.74 -24.05 -35.68
CA GLU C 673 12.91 -24.60 -36.35
C GLU C 673 13.06 -23.94 -37.71
N ALA C 674 14.34 -23.77 -38.11
CA ALA C 674 14.74 -23.20 -39.40
C ALA C 674 14.18 -21.79 -39.55
N GLY C 675 14.30 -21.00 -38.48
CA GLY C 675 13.71 -19.67 -38.42
C GLY C 675 14.74 -18.66 -37.96
N SER C 676 14.43 -17.38 -38.18
CA SER C 676 15.28 -16.28 -37.79
C SER C 676 15.48 -16.23 -36.28
N THR C 677 14.48 -16.66 -35.48
CA THR C 677 14.57 -16.56 -34.04
C THR C 677 15.62 -17.54 -33.51
N LYS C 678 15.56 -18.78 -34.02
CA LYS C 678 16.52 -19.82 -33.68
C LYS C 678 17.93 -19.34 -34.03
N GLU C 679 18.08 -18.79 -35.24
CA GLU C 679 19.38 -18.32 -35.72
C GLU C 679 19.86 -17.13 -34.88
N PHE C 680 18.93 -16.28 -34.45
CA PHE C 680 19.26 -15.14 -33.60
C PHE C 680 19.85 -15.63 -32.28
N PHE C 681 19.22 -16.65 -31.69
CA PHE C 681 19.68 -17.17 -30.41
C PHE C 681 21.00 -17.90 -30.55
N ARG C 682 21.15 -18.67 -31.64
CA ARG C 682 22.36 -19.44 -31.88
C ARG C 682 23.57 -18.52 -31.94
N ARG C 683 23.47 -17.45 -32.76
CA ARG C 683 24.66 -16.66 -33.05
C ARG C 683 24.78 -15.46 -32.12
N SER C 684 24.13 -15.52 -30.94
CA SER C 684 24.14 -14.37 -30.05
C SER C 684 25.39 -14.40 -29.19
N LYS C 685 25.84 -13.21 -28.76
CA LYS C 685 26.97 -13.02 -27.88
C LYS C 685 26.58 -12.23 -26.62
N ILE C 686 25.29 -11.90 -26.46
CA ILE C 686 24.80 -11.28 -25.24
C ILE C 686 24.68 -12.38 -24.18
N ALA C 687 25.04 -12.03 -22.94
CA ALA C 687 25.14 -12.98 -21.85
C ALA C 687 23.85 -13.78 -21.69
N VAL C 688 22.73 -13.06 -21.61
CA VAL C 688 21.43 -13.66 -21.36
C VAL C 688 21.07 -14.60 -22.51
N PHE C 689 21.29 -14.13 -23.74
CA PHE C 689 20.89 -14.87 -24.93
C PHE C 689 21.80 -16.09 -25.12
N GLU C 690 23.09 -15.95 -24.79
CA GLU C 690 24.01 -17.08 -24.85
C GLU C 690 23.57 -18.16 -23.84
N LYS C 691 23.21 -17.73 -22.63
CA LYS C 691 22.69 -18.65 -21.61
C LYS C 691 21.44 -19.37 -22.12
N MET C 692 20.55 -18.61 -22.74
CA MET C 692 19.29 -19.15 -23.26
C MET C 692 19.58 -20.19 -24.34
N TRP C 693 20.54 -19.89 -25.23
CA TRP C 693 20.86 -20.78 -26.33
C TRP C 693 21.48 -22.08 -25.81
N THR C 694 22.41 -21.95 -24.85
CA THR C 694 23.07 -23.11 -24.29
C THR C 694 22.03 -24.05 -23.68
N TYR C 695 21.03 -23.49 -22.99
CA TYR C 695 19.92 -24.28 -22.49
C TYR C 695 19.16 -24.94 -23.63
N MET C 696 18.74 -24.15 -24.63
CA MET C 696 17.79 -24.61 -25.63
C MET C 696 18.40 -25.74 -26.47
N LYS C 697 19.69 -25.61 -26.80
CA LYS C 697 20.39 -26.57 -27.65
C LYS C 697 20.42 -27.95 -26.99
N SER C 698 20.65 -27.98 -25.67
CA SER C 698 20.87 -29.21 -24.90
C SER C 698 19.66 -29.58 -24.04
N ALA C 699 18.46 -29.06 -24.35
CA ALA C 699 17.23 -29.46 -23.68
C ALA C 699 16.65 -30.69 -24.37
N GLU C 700 16.18 -31.63 -23.54
CA GLU C 700 15.56 -32.87 -23.96
C GLU C 700 14.29 -33.09 -23.12
N PRO C 701 13.09 -33.34 -23.71
CA PRO C 701 12.88 -33.41 -25.16
C PRO C 701 13.02 -32.04 -25.84
N SER C 702 13.15 -32.06 -27.18
CA SER C 702 13.38 -30.85 -27.96
C SER C 702 12.33 -29.80 -27.62
N VAL C 703 12.82 -28.63 -27.21
CA VAL C 703 11.97 -27.48 -26.93
C VAL C 703 11.41 -26.90 -28.22
N PHE C 704 12.14 -27.08 -29.32
CA PHE C 704 11.78 -26.47 -30.60
C PHE C 704 10.52 -27.12 -31.16
N VAL C 705 9.92 -26.43 -32.14
CA VAL C 705 8.69 -26.88 -32.80
C VAL C 705 8.90 -26.73 -34.30
N ARG C 706 7.92 -27.21 -35.08
CA ARG C 706 8.01 -27.22 -36.53
C ARG C 706 7.22 -26.08 -37.16
N THR C 707 6.17 -25.60 -36.47
CA THR C 707 5.32 -24.54 -37.00
C THR C 707 4.81 -23.65 -35.85
N THR C 708 4.38 -22.42 -36.18
CA THR C 708 3.86 -21.51 -35.18
C THR C 708 2.63 -22.09 -34.49
N GLU C 709 1.72 -22.68 -35.27
CA GLU C 709 0.54 -23.36 -34.75
C GLU C 709 0.96 -24.44 -33.75
N GLU C 710 2.04 -25.16 -34.05
CA GLU C 710 2.53 -26.21 -33.17
C GLU C 710 2.92 -25.61 -31.81
N GLY C 711 3.67 -24.51 -31.82
CA GLY C 711 4.06 -23.83 -30.60
C GLY C 711 2.87 -23.27 -29.82
N MET C 712 1.89 -22.74 -30.56
CA MET C 712 0.68 -22.20 -29.95
C MET C 712 -0.06 -23.32 -29.21
N ILE C 713 -0.24 -24.47 -29.87
CA ILE C 713 -0.94 -25.58 -29.26
C ILE C 713 -0.11 -26.13 -28.09
N ARG C 714 1.22 -26.10 -28.20
CA ARG C 714 2.08 -26.60 -27.14
C ARG C 714 1.93 -25.74 -25.89
N VAL C 715 1.85 -24.41 -26.03
CA VAL C 715 1.67 -23.53 -24.89
C VAL C 715 0.26 -23.74 -24.32
N ARG C 716 -0.73 -23.94 -25.21
CA ARG C 716 -2.11 -24.08 -24.78
C ARG C 716 -2.31 -25.40 -24.04
N LYS C 717 -1.61 -26.46 -24.46
CA LYS C 717 -1.82 -27.81 -23.92
C LYS C 717 -0.70 -28.20 -22.94
N SER C 718 0.17 -27.28 -22.55
CA SER C 718 1.26 -27.56 -21.62
C SER C 718 0.89 -27.24 -20.17
N LYS C 719 -0.37 -26.83 -19.92
CA LYS C 719 -0.86 -26.43 -18.61
C LYS C 719 0.07 -25.37 -17.99
N GLY C 720 0.40 -24.35 -18.79
CA GLY C 720 1.21 -23.23 -18.38
C GLY C 720 2.66 -23.60 -18.00
N LYS C 721 3.23 -24.59 -18.71
CA LYS C 721 4.62 -25.00 -18.46
C LYS C 721 5.51 -24.76 -19.68
N TYR C 722 5.00 -24.08 -20.72
CA TYR C 722 5.75 -23.83 -21.95
C TYR C 722 5.66 -22.35 -22.33
N ALA C 723 6.83 -21.73 -22.57
CA ALA C 723 6.92 -20.32 -22.96
C ALA C 723 7.50 -20.25 -24.36
N TYR C 724 6.68 -19.84 -25.33
CA TYR C 724 7.09 -19.85 -26.72
C TYR C 724 7.73 -18.53 -27.11
N LEU C 725 8.90 -18.61 -27.76
CA LEU C 725 9.60 -17.43 -28.25
C LEU C 725 9.29 -17.25 -29.73
N LEU C 726 8.50 -16.22 -30.06
CA LEU C 726 8.09 -15.99 -31.42
C LEU C 726 8.13 -14.50 -31.71
N GLU C 727 7.81 -14.14 -32.96
CA GLU C 727 7.82 -12.74 -33.36
C GLU C 727 6.59 -12.03 -32.83
N SER C 728 6.76 -10.75 -32.50
CA SER C 728 5.75 -10.00 -31.76
C SER C 728 4.45 -9.90 -32.55
N THR C 729 4.54 -9.83 -33.88
CA THR C 729 3.36 -9.67 -34.71
C THR C 729 2.47 -10.90 -34.62
N MET C 730 3.07 -12.09 -34.77
CA MET C 730 2.34 -13.35 -34.63
C MET C 730 1.79 -13.46 -33.22
N ASN C 731 2.60 -13.10 -32.22
CA ASN C 731 2.18 -13.18 -30.82
C ASN C 731 0.91 -12.34 -30.61
N GLU C 732 0.91 -11.11 -31.10
CA GLU C 732 -0.24 -10.21 -30.98
C GLU C 732 -1.45 -10.77 -31.68
N TYR C 733 -1.27 -11.25 -32.91
CA TYR C 733 -2.38 -11.83 -33.66
C TYR C 733 -3.00 -12.99 -32.91
N ILE C 734 -2.18 -13.92 -32.40
CA ILE C 734 -2.69 -15.08 -31.68
C ILE C 734 -3.46 -14.64 -30.45
N GLU C 735 -2.87 -13.74 -29.65
CA GLU C 735 -3.45 -13.30 -28.39
C GLU C 735 -4.81 -12.62 -28.62
N GLN C 736 -5.11 -12.21 -29.86
CA GLN C 736 -6.38 -11.57 -30.17
C GLN C 736 -7.45 -12.61 -30.53
N ARG C 737 -7.07 -13.69 -31.23
CA ARG C 737 -8.06 -14.59 -31.80
C ARG C 737 -8.48 -15.63 -30.76
N LYS C 738 -9.75 -16.06 -30.83
CA LYS C 738 -10.37 -16.96 -29.86
C LYS C 738 -9.73 -18.35 -30.00
N PRO C 739 -9.51 -19.13 -28.91
CA PRO C 739 -10.02 -18.84 -27.57
C PRO C 739 -9.22 -17.83 -26.75
N CYS C 740 -8.10 -17.34 -27.31
CA CYS C 740 -7.24 -16.36 -26.68
C CYS C 740 -7.05 -16.60 -25.19
N ASP C 741 -6.37 -17.70 -24.87
CA ASP C 741 -5.89 -17.98 -23.53
C ASP C 741 -4.36 -17.85 -23.46
N THR C 742 -3.78 -17.09 -24.40
CA THR C 742 -2.36 -16.80 -24.42
C THR C 742 -2.15 -15.31 -24.24
N MET C 743 -0.94 -14.94 -23.82
CA MET C 743 -0.62 -13.54 -23.58
C MET C 743 0.87 -13.30 -23.81
N LYS C 744 1.17 -12.11 -24.35
CA LYS C 744 2.53 -11.64 -24.50
C LYS C 744 3.02 -11.11 -23.16
N VAL C 745 4.23 -11.50 -22.76
CA VAL C 745 4.78 -11.00 -21.50
C VAL C 745 6.07 -10.24 -21.74
N GLY C 746 6.14 -9.07 -21.10
CA GLY C 746 7.31 -8.21 -21.16
C GLY C 746 7.40 -7.46 -22.48
N GLY C 747 8.60 -6.92 -22.73
CA GLY C 747 8.90 -6.21 -23.95
C GLY C 747 9.38 -7.14 -25.06
N ASN C 748 9.99 -6.54 -26.07
CA ASN C 748 10.59 -7.26 -27.19
C ASN C 748 12.09 -7.39 -26.95
N LEU C 749 12.63 -8.57 -27.27
CA LEU C 749 14.02 -8.88 -27.02
C LEU C 749 14.93 -8.12 -28.00
N ASP C 750 14.43 -7.86 -29.21
CA ASP C 750 15.15 -7.01 -30.16
C ASP C 750 14.16 -6.29 -31.07
N SER C 751 14.69 -5.59 -32.06
CA SER C 751 13.88 -4.91 -33.05
C SER C 751 14.42 -5.25 -34.44
N LYS C 752 13.50 -5.64 -35.32
CA LYS C 752 13.81 -5.94 -36.70
C LYS C 752 12.54 -5.75 -37.53
N GLY C 753 12.54 -6.33 -38.74
CA GLY C 753 11.42 -6.18 -39.64
C GLY C 753 11.45 -7.19 -40.77
N TYR C 754 10.31 -7.38 -41.43
CA TYR C 754 10.20 -8.25 -42.59
C TYR C 754 10.46 -7.45 -43.86
N GLY C 755 11.12 -8.11 -44.81
CA GLY C 755 11.37 -7.51 -46.11
C GLY C 755 10.91 -8.40 -47.25
N ILE C 756 10.71 -7.78 -48.41
CA ILE C 756 10.41 -8.53 -49.62
C ILE C 756 11.74 -8.95 -50.23
N ALA C 757 11.92 -10.26 -50.38
CA ALA C 757 13.19 -10.80 -50.84
C ALA C 757 13.18 -10.98 -52.36
N THR C 758 14.37 -11.00 -52.94
CA THR C 758 14.57 -11.25 -54.36
C THR C 758 15.92 -11.94 -54.53
N PRO C 759 16.14 -12.71 -55.63
CA PRO C 759 17.43 -13.33 -55.89
C PRO C 759 18.49 -12.26 -56.13
N LYS C 760 19.71 -12.52 -55.64
CA LYS C 760 20.79 -11.56 -55.79
C LYS C 760 21.06 -11.31 -57.27
N GLY C 761 21.16 -10.02 -57.63
CA GLY C 761 21.32 -9.59 -59.01
C GLY C 761 20.02 -9.60 -59.82
N SER C 762 18.86 -9.62 -59.14
CA SER C 762 17.56 -9.60 -59.80
C SER C 762 17.26 -8.19 -60.31
N ALA C 763 16.44 -8.14 -61.36
CA ALA C 763 15.98 -6.91 -61.98
C ALA C 763 14.74 -6.36 -61.26
N LEU C 764 14.16 -7.14 -60.33
CA LEU C 764 12.99 -6.75 -59.58
C LEU C 764 13.36 -5.96 -58.32
N ARG C 765 14.66 -5.94 -57.95
CA ARG C 765 15.11 -5.41 -56.67
C ARG C 765 14.71 -3.94 -56.51
N GLY C 766 15.06 -3.11 -57.50
CA GLY C 766 14.83 -1.67 -57.42
C GLY C 766 13.35 -1.32 -57.37
N PRO C 767 12.56 -1.76 -58.38
CA PRO C 767 11.12 -1.50 -58.38
C PRO C 767 10.39 -1.96 -57.12
N VAL C 768 10.78 -3.12 -56.56
CA VAL C 768 10.12 -3.66 -55.36
C VAL C 768 10.39 -2.71 -54.18
N ASN C 769 11.63 -2.25 -54.04
CA ASN C 769 11.98 -1.31 -52.98
C ASN C 769 11.11 -0.05 -53.08
N LEU C 770 11.06 0.52 -54.29
CA LEU C 770 10.30 1.74 -54.52
C LEU C 770 8.81 1.50 -54.27
N ALA C 771 8.31 0.32 -54.65
CA ALA C 771 6.92 -0.04 -54.45
C ALA C 771 6.59 -0.06 -52.96
N VAL C 772 7.48 -0.64 -52.15
CA VAL C 772 7.26 -0.71 -50.72
C VAL C 772 7.24 0.69 -50.13
N LEU C 773 8.17 1.57 -50.55
CA LEU C 773 8.16 2.94 -50.08
C LEU C 773 6.87 3.65 -50.44
N LYS C 774 6.40 3.47 -51.69
CA LYS C 774 5.12 4.03 -52.12
C LYS C 774 3.99 3.52 -51.24
N LEU C 775 3.94 2.20 -51.04
CA LEU C 775 2.89 1.58 -50.25
C LEU C 775 2.91 2.09 -48.80
N SER C 776 4.10 2.30 -48.26
CA SER C 776 4.26 2.80 -46.89
C SER C 776 3.78 4.24 -46.78
N GLU C 777 4.20 5.09 -47.74
CA GLU C 777 3.89 6.52 -47.68
C GLU C 777 2.41 6.79 -47.95
N GLN C 778 1.71 5.85 -48.60
CA GLN C 778 0.32 6.04 -48.99
C GLN C 778 -0.65 5.44 -47.98
N GLY C 779 -0.13 4.91 -46.86
CA GLY C 779 -0.96 4.38 -45.79
C GLY C 779 -1.48 2.96 -46.07
N VAL C 780 -1.03 2.34 -47.17
CA VAL C 780 -1.56 1.05 -47.58
C VAL C 780 -1.15 -0.03 -46.56
N LEU C 781 0.13 -0.02 -46.18
CA LEU C 781 0.66 -0.99 -45.21
C LEU C 781 -0.05 -0.83 -43.87
N ASP C 782 -0.27 0.42 -43.43
CA ASP C 782 -0.98 0.68 -42.18
C ASP C 782 -2.40 0.11 -42.24
N LYS C 783 -3.11 0.38 -43.34
CA LYS C 783 -4.48 -0.09 -43.50
C LYS C 783 -4.55 -1.61 -43.49
N LEU C 784 -3.61 -2.26 -44.22
CA LEU C 784 -3.56 -3.70 -44.28
C LEU C 784 -3.33 -4.30 -42.90
N LYS C 785 -2.39 -3.71 -42.15
CA LYS C 785 -2.09 -4.17 -40.80
C LYS C 785 -3.33 -4.07 -39.94
N SER C 786 -3.97 -2.88 -39.96
CA SER C 786 -5.13 -2.62 -39.12
C SER C 786 -6.27 -3.58 -39.48
N LYS C 787 -6.43 -3.88 -40.77
CA LYS C 787 -7.44 -4.81 -41.23
C LYS C 787 -7.20 -6.20 -40.65
N TRP C 788 -5.98 -6.71 -40.85
CA TRP C 788 -5.71 -8.13 -40.61
C TRP C 788 -5.38 -8.45 -39.15
N TRP C 789 -5.11 -7.43 -38.33
CA TRP C 789 -4.75 -7.66 -36.93
C TRP C 789 -5.86 -7.22 -35.99
N TYR C 790 -6.25 -5.94 -36.09
CA TYR C 790 -7.12 -5.30 -35.10
C TYR C 790 -8.58 -5.68 -35.31
N ASP C 791 -9.03 -5.85 -36.56
CA ASP C 791 -10.46 -6.00 -36.86
C ASP C 791 -11.06 -7.28 -36.29
N LYS C 792 -10.22 -8.28 -35.98
CA LYS C 792 -10.67 -9.51 -35.36
C LYS C 792 -11.36 -9.22 -34.02
N GLY C 793 -10.58 -8.72 -33.04
CA GLY C 793 -11.00 -8.52 -31.66
C GLY C 793 -12.01 -9.54 -31.13
N GLU C 794 -11.67 -10.84 -31.22
CA GLU C 794 -12.51 -11.93 -30.75
C GLU C 794 -12.77 -11.78 -29.25
N CYS C 795 -11.69 -11.58 -28.48
CA CYS C 795 -11.72 -11.13 -27.10
C CYS C 795 -11.10 -9.74 -27.06
N GLY C 796 -11.81 -8.79 -26.42
CA GLY C 796 -11.42 -7.39 -26.39
C GLY C 796 -10.59 -7.02 -25.16
N SER C 797 -10.13 -8.03 -24.40
CA SER C 797 -9.35 -7.81 -23.19
C SER C 797 -7.90 -7.49 -23.54
N LYS C 805 -5.14 2.07 -8.38
CA LYS C 805 -5.53 3.49 -8.66
C LYS C 805 -6.73 3.85 -7.79
N THR C 806 -7.21 5.10 -7.89
CA THR C 806 -8.55 5.49 -7.46
C THR C 806 -9.52 5.27 -8.62
N SER C 807 -10.29 4.17 -8.56
CA SER C 807 -11.43 3.99 -9.47
C SER C 807 -12.73 3.96 -8.67
N ALA C 808 -13.73 4.75 -9.11
CA ALA C 808 -15.07 4.62 -8.59
C ALA C 808 -15.55 3.17 -8.67
N LEU C 809 -16.27 2.73 -7.64
CA LEU C 809 -17.05 1.52 -7.74
C LEU C 809 -18.15 1.74 -8.75
N SER C 810 -18.52 0.66 -9.45
CA SER C 810 -19.59 0.69 -10.43
C SER C 810 -20.80 -0.01 -9.86
N LEU C 811 -21.97 0.31 -10.42
CA LEU C 811 -23.20 -0.31 -9.96
C LEU C 811 -23.14 -1.84 -10.01
N SER C 812 -22.42 -2.40 -11.00
CA SER C 812 -22.33 -3.83 -11.13
C SER C 812 -21.57 -4.42 -9.94
N ASN C 813 -20.59 -3.69 -9.39
CA ASN C 813 -19.85 -4.17 -8.23
C ASN C 813 -20.70 -4.29 -6.96
N VAL C 814 -21.82 -3.57 -6.87
CA VAL C 814 -22.61 -3.57 -5.65
C VAL C 814 -24.03 -4.00 -5.94
N ALA C 815 -24.35 -4.44 -7.17
CA ALA C 815 -25.73 -4.74 -7.52
C ALA C 815 -26.36 -5.77 -6.56
N GLY C 816 -25.57 -6.74 -6.09
CA GLY C 816 -26.07 -7.77 -5.19
C GLY C 816 -26.67 -7.21 -3.89
N VAL C 817 -26.02 -6.17 -3.35
CA VAL C 817 -26.56 -5.50 -2.19
C VAL C 817 -27.92 -4.88 -2.52
N PHE C 818 -28.08 -4.30 -3.71
CA PHE C 818 -29.39 -3.80 -4.10
C PHE C 818 -30.43 -4.90 -4.23
N TYR C 819 -30.07 -6.07 -4.77
CA TYR C 819 -31.03 -7.15 -4.90
C TYR C 819 -31.49 -7.62 -3.52
N ILE C 820 -30.55 -7.78 -2.57
CA ILE C 820 -30.92 -8.16 -1.21
C ILE C 820 -31.87 -7.13 -0.62
N LEU C 821 -31.57 -5.84 -0.80
CA LEU C 821 -32.41 -4.78 -0.29
C LEU C 821 -33.82 -4.88 -0.83
N ILE C 822 -34.00 -4.91 -2.16
CA ILE C 822 -35.35 -4.96 -2.72
C ILE C 822 -36.04 -6.29 -2.36
N GLY C 823 -35.29 -7.39 -2.33
CA GLY C 823 -35.82 -8.64 -1.82
C GLY C 823 -36.43 -8.50 -0.43
N GLY C 824 -35.64 -7.88 0.48
CA GLY C 824 -36.07 -7.64 1.85
C GLY C 824 -37.32 -6.77 1.95
N LEU C 825 -37.42 -5.72 1.12
CA LEU C 825 -38.60 -4.88 1.07
C LEU C 825 -39.81 -5.69 0.63
N GLY C 826 -39.63 -6.54 -0.39
CA GLY C 826 -40.70 -7.41 -0.82
C GLY C 826 -41.16 -8.33 0.31
N LEU C 827 -40.19 -9.00 0.94
CA LEU C 827 -40.50 -9.86 2.05
C LEU C 827 -41.23 -9.11 3.18
N ALA C 828 -40.81 -7.88 3.46
CA ALA C 828 -41.42 -7.12 4.54
C ALA C 828 -42.87 -6.86 4.20
N MET C 829 -43.17 -6.54 2.93
CA MET C 829 -44.54 -6.24 2.54
C MET C 829 -45.37 -7.51 2.64
N LEU C 830 -44.82 -8.64 2.20
CA LEU C 830 -45.51 -9.91 2.31
C LEU C 830 -45.85 -10.23 3.76
N VAL C 831 -44.85 -10.27 4.66
CA VAL C 831 -45.05 -10.47 6.08
C VAL C 831 -46.13 -9.52 6.64
N ALA C 832 -46.23 -8.28 6.13
CA ALA C 832 -47.15 -7.31 6.68
C ALA C 832 -48.58 -7.67 6.29
N LEU C 833 -48.77 -8.15 5.05
CA LEU C 833 -50.08 -8.61 4.58
C LEU C 833 -50.55 -9.82 5.38
N ILE C 834 -49.66 -10.79 5.59
CA ILE C 834 -49.98 -11.94 6.43
C ILE C 834 -50.38 -11.46 7.83
N GLU C 835 -49.44 -10.87 8.56
CA GLU C 835 -49.70 -10.38 9.92
C GLU C 835 -51.00 -9.58 9.97
N PHE C 836 -51.45 -9.03 8.82
CA PHE C 836 -52.72 -8.31 8.76
C PHE C 836 -53.86 -9.32 8.71
N CYS C 837 -53.92 -10.09 7.62
CA CYS C 837 -54.96 -11.07 7.38
C CYS C 837 -55.15 -12.02 8.58
N TYR C 838 -54.06 -12.47 9.21
CA TYR C 838 -54.12 -13.24 10.45
C TYR C 838 -54.87 -12.48 11.55
N LYS C 839 -54.52 -11.20 11.78
CA LYS C 839 -55.16 -10.39 12.82
C LYS C 839 -56.56 -9.92 12.40
N SER C 840 -56.86 -9.90 11.09
CA SER C 840 -58.21 -9.58 10.60
C SER C 840 -59.19 -10.74 10.83
N ARG C 841 -58.68 -11.99 10.86
CA ARG C 841 -59.47 -13.17 11.20
C ARG C 841 -59.02 -13.70 12.56
N ARG D 415 55.78 -27.68 -18.95
CA ARG D 415 55.46 -28.81 -18.04
C ARG D 415 54.16 -28.50 -17.30
N THR D 416 53.12 -29.30 -17.55
CA THR D 416 51.81 -29.12 -16.94
C THR D 416 51.80 -29.80 -15.57
N TYR D 417 51.56 -29.01 -14.51
CA TYR D 417 51.48 -29.52 -13.15
C TYR D 417 50.01 -29.48 -12.68
N ILE D 418 49.82 -30.15 -11.54
CA ILE D 418 48.56 -30.51 -10.98
C ILE D 418 48.15 -29.40 -9.99
N VAL D 419 46.97 -28.84 -10.26
CA VAL D 419 46.18 -28.04 -9.34
C VAL D 419 45.29 -28.95 -8.50
N THR D 420 45.67 -29.25 -7.25
CA THR D 420 44.85 -30.08 -6.38
C THR D 420 43.59 -29.32 -5.97
N THR D 421 42.50 -30.07 -5.77
CA THR D 421 41.19 -29.47 -5.55
C THR D 421 40.33 -30.45 -4.78
N ILE D 422 39.10 -30.04 -4.44
CA ILE D 422 38.13 -30.86 -3.77
C ILE D 422 36.76 -30.64 -4.41
N LEU D 423 35.87 -31.63 -4.26
CA LEU D 423 34.49 -31.48 -4.68
C LEU D 423 33.74 -30.75 -3.59
N GLU D 424 33.19 -29.57 -3.93
CA GLU D 424 32.34 -28.83 -3.01
C GLU D 424 31.50 -27.83 -3.79
N ASP D 425 30.18 -27.87 -3.61
CA ASP D 425 29.29 -26.97 -4.32
C ASP D 425 29.36 -25.59 -3.66
N PRO D 426 29.36 -24.47 -4.42
CA PRO D 426 29.41 -24.42 -5.88
C PRO D 426 30.80 -24.17 -6.46
N TYR D 427 31.82 -24.67 -5.78
CA TYR D 427 33.20 -24.39 -6.17
C TYR D 427 33.64 -25.30 -7.31
N VAL D 428 33.38 -26.60 -7.17
CA VAL D 428 33.84 -27.62 -8.09
C VAL D 428 32.75 -28.67 -8.15
N MET D 429 32.13 -28.81 -9.33
CA MET D 429 31.07 -29.76 -9.59
C MET D 429 31.43 -30.56 -10.84
N LEU D 430 31.00 -31.83 -10.85
CA LEU D 430 30.96 -32.65 -12.06
C LEU D 430 29.72 -32.25 -12.86
N LYS D 431 29.94 -31.86 -14.13
CA LYS D 431 28.90 -31.38 -15.01
C LYS D 431 27.81 -32.44 -15.19
N LYS D 432 26.57 -31.99 -15.30
CA LYS D 432 25.46 -32.82 -15.77
C LYS D 432 25.83 -33.44 -17.12
N ASN D 433 25.81 -34.79 -17.15
CA ASN D 433 26.37 -35.61 -18.22
C ASN D 433 27.88 -35.36 -18.29
N ALA D 434 28.56 -35.74 -17.20
CA ALA D 434 30.01 -35.65 -17.07
C ALA D 434 30.72 -36.64 -17.99
N ASN D 435 30.06 -37.78 -18.26
CA ASN D 435 30.65 -38.89 -18.99
C ASN D 435 31.04 -38.46 -20.41
N GLN D 436 30.27 -37.52 -20.99
CA GLN D 436 30.48 -37.03 -22.35
C GLN D 436 31.78 -36.23 -22.46
N PHE D 437 32.34 -35.74 -21.34
CA PHE D 437 33.56 -34.94 -21.32
C PHE D 437 34.72 -35.68 -20.68
N GLU D 438 35.94 -35.18 -20.95
CA GLU D 438 37.16 -35.72 -20.39
C GLU D 438 38.17 -34.59 -20.15
N GLY D 439 38.88 -34.68 -19.01
CA GLY D 439 39.89 -33.71 -18.62
C GLY D 439 39.33 -32.60 -17.75
N ASN D 440 39.98 -31.44 -17.78
CA ASN D 440 39.57 -30.26 -17.02
C ASN D 440 38.18 -29.76 -17.43
N ASP D 441 37.70 -30.18 -18.62
CA ASP D 441 36.37 -29.83 -19.08
C ASP D 441 35.28 -30.71 -18.43
N ARG D 442 35.65 -31.66 -17.56
CA ARG D 442 34.70 -32.50 -16.86
C ARG D 442 34.05 -31.77 -15.68
N TYR D 443 34.68 -30.67 -15.20
CA TYR D 443 34.29 -29.99 -13.98
C TYR D 443 33.79 -28.58 -14.27
N GLU D 444 32.98 -28.06 -13.33
CA GLU D 444 32.47 -26.71 -13.38
C GLU D 444 32.36 -26.17 -11.95
N GLY D 445 32.16 -24.86 -11.83
CA GLY D 445 32.02 -24.21 -10.56
C GLY D 445 32.98 -23.03 -10.41
N TYR D 446 32.83 -22.32 -9.28
CA TYR D 446 33.55 -21.09 -9.02
C TYR D 446 35.06 -21.30 -9.16
N CYS D 447 35.58 -22.31 -8.45
CA CYS D 447 37.02 -22.53 -8.42
C CYS D 447 37.56 -23.01 -9.76
N VAL D 448 36.70 -23.66 -10.58
CA VAL D 448 37.11 -24.09 -11.91
C VAL D 448 37.45 -22.85 -12.76
N GLU D 449 36.51 -21.90 -12.81
CA GLU D 449 36.74 -20.67 -13.56
C GLU D 449 37.91 -19.87 -12.96
N LEU D 450 38.04 -19.89 -11.63
CA LEU D 450 39.11 -19.15 -10.99
C LEU D 450 40.47 -19.74 -11.40
N ALA D 451 40.56 -21.08 -11.41
CA ALA D 451 41.79 -21.75 -11.82
C ALA D 451 42.11 -21.43 -13.28
N ALA D 452 41.08 -21.42 -14.14
CA ALA D 452 41.24 -21.05 -15.53
C ALA D 452 41.87 -19.66 -15.67
N GLU D 453 41.27 -18.68 -14.98
CA GLU D 453 41.66 -17.28 -15.11
C GLU D 453 43.06 -17.06 -14.54
N ILE D 454 43.36 -17.71 -13.41
CA ILE D 454 44.66 -17.53 -12.80
C ILE D 454 45.73 -18.15 -13.69
N ALA D 455 45.44 -19.33 -14.26
CA ALA D 455 46.38 -19.98 -15.18
C ALA D 455 46.63 -19.06 -16.37
N LYS D 456 45.57 -18.44 -16.91
CA LYS D 456 45.71 -17.49 -18.01
C LYS D 456 46.68 -16.37 -17.62
N HIS D 457 46.44 -15.73 -16.48
CA HIS D 457 47.20 -14.57 -16.07
C HIS D 457 48.66 -14.91 -15.79
N VAL D 458 48.91 -16.08 -15.18
CA VAL D 458 50.28 -16.49 -14.90
C VAL D 458 50.94 -17.03 -16.17
N GLY D 459 50.14 -17.57 -17.10
CA GLY D 459 50.63 -18.13 -18.34
C GLY D 459 51.19 -19.54 -18.13
N TYR D 460 50.27 -20.48 -17.85
CA TYR D 460 50.62 -21.80 -17.35
C TYR D 460 49.60 -22.82 -17.84
N SER D 461 50.06 -24.08 -17.97
CA SER D 461 49.19 -25.21 -18.27
C SER D 461 49.06 -26.05 -17.01
N TYR D 462 47.88 -26.66 -16.83
CA TYR D 462 47.56 -27.34 -15.59
C TYR D 462 46.53 -28.45 -15.86
N ARG D 463 46.57 -29.49 -15.02
CA ARG D 463 45.52 -30.51 -14.98
C ARG D 463 45.04 -30.61 -13.53
N LEU D 464 43.75 -30.36 -13.30
CA LEU D 464 43.21 -30.31 -11.94
C LEU D 464 42.85 -31.73 -11.48
N GLU D 465 43.60 -32.19 -10.46
CA GLU D 465 43.32 -33.45 -9.80
C GLU D 465 42.52 -33.18 -8.51
N ILE D 466 41.34 -33.79 -8.42
CA ILE D 466 40.58 -33.84 -7.19
C ILE D 466 41.34 -34.69 -6.18
N VAL D 467 41.43 -34.18 -4.96
CA VAL D 467 42.11 -34.87 -3.88
C VAL D 467 41.39 -36.19 -3.62
N SER D 468 42.19 -37.22 -3.30
CA SER D 468 41.69 -38.57 -3.09
C SER D 468 40.99 -38.70 -1.74
N ASP D 469 41.58 -38.14 -0.68
CA ASP D 469 41.08 -38.25 0.68
C ASP D 469 39.69 -37.60 0.79
N GLY D 470 39.44 -36.56 -0.02
CA GLY D 470 38.24 -35.75 0.06
C GLY D 470 38.19 -34.88 1.32
N LYS D 471 39.38 -34.59 1.88
CA LYS D 471 39.54 -33.76 3.06
C LYS D 471 40.26 -32.46 2.70
N TYR D 472 40.24 -31.50 3.63
CA TYR D 472 40.84 -30.20 3.41
C TYR D 472 42.27 -30.18 3.92
N GLY D 473 42.47 -30.54 5.19
CA GLY D 473 43.81 -30.62 5.74
C GLY D 473 43.87 -30.39 7.24
N ALA D 474 44.58 -31.27 7.96
CA ALA D 474 44.96 -31.05 9.35
C ALA D 474 46.08 -32.02 9.70
N ARG D 475 46.95 -31.62 10.63
CA ARG D 475 47.97 -32.51 11.16
C ARG D 475 47.34 -33.57 12.06
N ASP D 476 47.68 -34.84 11.80
CA ASP D 476 47.43 -35.89 12.78
C ASP D 476 48.38 -35.66 13.95
N PRO D 477 47.90 -35.34 15.19
CA PRO D 477 48.79 -34.85 16.25
C PRO D 477 49.88 -35.84 16.68
N ASP D 478 49.59 -37.15 16.52
CA ASP D 478 50.52 -38.21 16.86
C ASP D 478 51.59 -38.35 15.77
N THR D 479 51.15 -38.60 14.53
CA THR D 479 52.03 -38.94 13.42
C THR D 479 52.69 -37.69 12.82
N LYS D 480 52.07 -36.52 13.03
CA LYS D 480 52.46 -35.22 12.48
C LYS D 480 52.37 -35.25 10.95
N ALA D 481 51.36 -35.97 10.43
CA ALA D 481 51.17 -36.11 9.01
C ALA D 481 50.02 -35.21 8.56
N TRP D 482 50.29 -34.46 7.49
CA TRP D 482 49.28 -33.68 6.78
C TRP D 482 48.52 -34.58 5.80
N ASN D 483 47.21 -34.37 5.75
CA ASN D 483 46.32 -35.12 4.87
C ASN D 483 45.56 -34.14 3.99
N GLY D 484 44.96 -34.68 2.92
CA GLY D 484 44.15 -33.89 2.01
C GLY D 484 45.00 -32.94 1.16
N MET D 485 44.42 -31.78 0.84
CA MET D 485 45.03 -30.85 -0.08
C MET D 485 46.34 -30.29 0.47
N VAL D 486 46.35 -29.98 1.78
CA VAL D 486 47.54 -29.45 2.41
C VAL D 486 48.64 -30.50 2.39
N GLY D 487 48.28 -31.76 2.68
CA GLY D 487 49.23 -32.87 2.59
C GLY D 487 49.83 -32.98 1.19
N GLU D 488 48.98 -32.90 0.17
CA GLU D 488 49.43 -33.01 -1.21
C GLU D 488 50.41 -31.87 -1.53
N LEU D 489 50.12 -30.66 -1.04
CA LEU D 489 50.99 -29.52 -1.30
C LEU D 489 52.34 -29.68 -0.61
N VAL D 490 52.33 -30.17 0.64
CA VAL D 490 53.54 -30.33 1.41
C VAL D 490 54.43 -31.40 0.76
N TYR D 491 53.83 -32.54 0.39
CA TYR D 491 54.61 -33.70 -0.05
C TYR D 491 55.02 -33.59 -1.51
N GLY D 492 54.45 -32.63 -2.26
CA GLY D 492 54.90 -32.31 -3.60
C GLY D 492 54.05 -32.93 -4.70
N ARG D 493 52.90 -33.53 -4.34
CA ARG D 493 52.01 -34.17 -5.30
C ARG D 493 51.35 -33.13 -6.22
N ALA D 494 51.24 -31.87 -5.76
CA ALA D 494 50.65 -30.79 -6.52
C ALA D 494 51.48 -29.51 -6.36
N ASP D 495 51.22 -28.55 -7.26
CA ASP D 495 51.92 -27.27 -7.27
C ASP D 495 51.03 -26.10 -6.79
N VAL D 496 49.71 -26.24 -6.90
CA VAL D 496 48.76 -25.21 -6.49
C VAL D 496 47.51 -25.89 -5.94
N ALA D 497 46.82 -25.21 -5.00
CA ALA D 497 45.49 -25.61 -4.58
C ALA D 497 44.53 -24.46 -4.78
N VAL D 498 43.50 -24.67 -5.60
CA VAL D 498 42.57 -23.58 -5.92
C VAL D 498 41.18 -23.97 -5.42
N ALA D 499 41.14 -24.63 -4.26
CA ALA D 499 39.88 -25.02 -3.64
C ALA D 499 39.49 -23.97 -2.61
N PRO D 500 38.27 -24.03 -2.00
CA PRO D 500 37.95 -23.20 -0.85
C PRO D 500 38.76 -23.58 0.38
N LEU D 501 40.06 -23.28 0.34
CA LEU D 501 40.99 -23.62 1.41
C LEU D 501 41.13 -22.39 2.31
N THR D 502 40.83 -22.58 3.60
CA THR D 502 40.85 -21.47 4.53
C THR D 502 42.29 -21.11 4.88
N ILE D 503 42.55 -19.80 5.01
CA ILE D 503 43.83 -19.30 5.49
C ILE D 503 43.87 -19.41 6.99
N THR D 504 44.79 -20.23 7.51
CA THR D 504 44.95 -20.46 8.94
C THR D 504 46.43 -20.45 9.27
N LEU D 505 46.73 -20.21 10.54
CA LEU D 505 48.10 -20.08 11.05
C LEU D 505 48.85 -21.40 10.85
N VAL D 506 48.23 -22.52 11.23
CA VAL D 506 48.86 -23.83 11.17
C VAL D 506 49.24 -24.15 9.72
N ARG D 507 48.35 -23.80 8.78
CA ARG D 507 48.60 -24.09 7.38
C ARG D 507 49.64 -23.11 6.81
N GLU D 508 49.61 -21.85 7.26
CA GLU D 508 50.52 -20.84 6.76
C GLU D 508 51.98 -21.18 7.08
N GLU D 509 52.21 -22.00 8.11
CA GLU D 509 53.55 -22.37 8.51
C GLU D 509 54.14 -23.44 7.59
N VAL D 510 53.33 -24.08 6.74
CA VAL D 510 53.80 -25.18 5.90
C VAL D 510 53.55 -24.93 4.41
N ILE D 511 52.59 -24.06 4.07
CA ILE D 511 52.32 -23.66 2.70
C ILE D 511 52.19 -22.14 2.65
N ASP D 512 52.43 -21.58 1.47
CA ASP D 512 52.35 -20.13 1.26
C ASP D 512 50.97 -19.82 0.67
N PHE D 513 50.21 -18.97 1.36
CA PHE D 513 48.90 -18.58 0.86
C PHE D 513 49.00 -17.29 0.06
N SER D 514 48.05 -17.15 -0.88
CA SER D 514 47.86 -15.90 -1.58
C SER D 514 47.09 -14.92 -0.69
N LYS D 515 46.88 -13.70 -1.20
CA LYS D 515 45.87 -12.84 -0.60
C LYS D 515 44.50 -13.51 -0.78
N PRO D 516 43.58 -13.37 0.20
CA PRO D 516 42.29 -14.04 0.09
C PRO D 516 41.49 -13.58 -1.12
N PHE D 517 40.82 -14.52 -1.79
CA PHE D 517 39.96 -14.20 -2.92
C PHE D 517 38.48 -14.25 -2.57
N MET D 518 38.15 -14.57 -1.31
CA MET D 518 36.77 -14.61 -0.86
C MET D 518 36.77 -14.56 0.66
N SER D 519 35.82 -13.80 1.22
CA SER D 519 35.67 -13.69 2.66
C SER D 519 34.61 -14.67 3.16
N LEU D 520 34.68 -15.02 4.44
CA LEU D 520 33.70 -15.88 5.07
C LEU D 520 33.84 -15.80 6.58
N GLY D 521 32.93 -16.48 7.27
CA GLY D 521 33.04 -16.73 8.70
C GLY D 521 32.33 -18.02 9.07
N ILE D 522 32.57 -18.49 10.29
CA ILE D 522 31.83 -19.64 10.78
C ILE D 522 30.41 -19.20 11.10
N SER D 523 29.45 -20.04 10.71
CA SER D 523 28.05 -19.71 10.86
C SER D 523 27.23 -20.96 11.19
N ILE D 524 26.02 -20.74 11.73
CA ILE D 524 25.15 -21.81 12.18
C ILE D 524 24.04 -22.02 11.14
N MET D 525 23.84 -23.29 10.77
CA MET D 525 22.72 -23.69 9.92
C MET D 525 21.78 -24.52 10.78
N ILE D 526 20.49 -24.15 10.76
CA ILE D 526 19.46 -24.92 11.44
C ILE D 526 18.35 -25.21 10.45
N LYS D 527 17.55 -26.25 10.75
CA LYS D 527 16.36 -26.55 9.97
C LYS D 527 15.38 -25.40 10.15
N LYS D 528 14.84 -24.92 9.02
CA LYS D 528 13.90 -23.79 9.00
C LYS D 528 12.67 -24.10 9.84
N PRO D 529 12.37 -23.28 10.88
CA PRO D 529 11.19 -23.51 11.72
C PRO D 529 9.91 -23.26 10.95
N GLN D 530 8.80 -23.84 11.42
CA GLN D 530 7.50 -23.63 10.82
C GLN D 530 6.99 -22.22 11.14
N LYS D 531 6.32 -21.63 10.14
CA LYS D 531 5.65 -20.35 10.27
C LYS D 531 4.54 -20.43 11.31
N SER D 532 4.80 -19.74 12.42
CA SER D 532 3.88 -19.64 13.53
C SER D 532 2.66 -18.82 13.10
N LYS D 533 1.46 -19.39 13.33
CA LYS D 533 0.19 -18.71 13.10
C LYS D 533 -0.04 -17.72 14.24
N PRO D 534 -0.72 -16.56 14.03
CA PRO D 534 -0.88 -15.55 15.09
C PRO D 534 -1.84 -16.07 16.16
N GLY D 535 -1.68 -15.55 17.38
CA GLY D 535 -2.27 -16.14 18.57
C GLY D 535 -3.79 -16.00 18.66
N VAL D 536 -4.40 -16.68 19.63
CA VAL D 536 -5.83 -16.52 19.90
C VAL D 536 -6.14 -15.07 20.24
N PHE D 537 -5.26 -14.40 20.98
CA PHE D 537 -5.44 -13.01 21.32
C PHE D 537 -4.71 -12.06 20.37
N SER D 538 -4.62 -12.42 19.09
CA SER D 538 -3.98 -11.54 18.13
C SER D 538 -4.72 -10.21 17.94
N PHE D 539 -6.00 -10.13 18.33
CA PHE D 539 -6.78 -8.89 18.14
C PHE D 539 -6.21 -7.81 19.04
N LEU D 540 -5.45 -8.16 20.08
CA LEU D 540 -4.77 -7.17 20.89
C LEU D 540 -3.52 -6.58 20.24
N ASP D 541 -3.04 -7.16 19.14
CA ASP D 541 -1.70 -6.90 18.67
C ASP D 541 -1.47 -5.49 18.16
N PRO D 542 -2.45 -4.79 17.55
CA PRO D 542 -2.17 -3.46 17.03
C PRO D 542 -1.70 -2.44 18.05
N LEU D 543 -1.93 -2.67 19.34
CA LEU D 543 -1.54 -1.74 20.38
C LEU D 543 -0.61 -2.46 21.35
N ALA D 544 0.44 -1.75 21.78
CA ALA D 544 1.30 -2.14 22.86
C ALA D 544 0.51 -2.45 24.13
N TYR D 545 1.03 -3.41 24.90
CA TYR D 545 0.48 -3.80 26.19
C TYR D 545 0.23 -2.57 27.07
N GLU D 546 1.14 -1.61 27.07
CA GLU D 546 1.00 -0.45 27.94
C GLU D 546 -0.18 0.44 27.54
N ILE D 547 -0.48 0.52 26.23
CA ILE D 547 -1.68 1.23 25.83
C ILE D 547 -2.91 0.53 26.40
N TRP D 548 -3.01 -0.81 26.26
CA TRP D 548 -4.13 -1.53 26.83
C TRP D 548 -4.28 -1.28 28.31
N MET D 549 -3.16 -1.32 29.05
CA MET D 549 -3.24 -1.10 30.48
C MET D 549 -3.75 0.32 30.74
N CYS D 550 -3.17 1.32 30.07
CA CYS D 550 -3.63 2.68 30.25
C CYS D 550 -5.08 2.92 29.81
N ILE D 551 -5.55 2.26 28.74
CA ILE D 551 -6.94 2.34 28.36
C ILE D 551 -7.83 1.88 29.51
N VAL D 552 -7.47 0.76 30.15
CA VAL D 552 -8.21 0.27 31.29
C VAL D 552 -8.20 1.25 32.45
N PHE D 553 -7.04 1.83 32.79
CA PHE D 553 -7.07 2.82 33.86
C PHE D 553 -7.87 4.04 33.46
N ALA D 554 -7.72 4.51 32.21
CA ALA D 554 -8.48 5.64 31.73
C ALA D 554 -9.98 5.36 31.85
N TYR D 555 -10.40 4.15 31.47
CA TYR D 555 -11.78 3.74 31.56
C TYR D 555 -12.31 3.87 32.99
N ILE D 556 -11.53 3.39 33.97
CA ILE D 556 -11.92 3.51 35.37
C ILE D 556 -11.92 4.98 35.81
N GLY D 557 -10.84 5.71 35.53
CA GLY D 557 -10.81 7.12 35.83
C GLY D 557 -12.05 7.87 35.32
N VAL D 558 -12.35 7.70 34.02
CA VAL D 558 -13.46 8.42 33.42
C VAL D 558 -14.76 8.08 34.13
N SER D 559 -14.95 6.78 34.40
CA SER D 559 -16.17 6.31 35.01
C SER D 559 -16.34 6.86 36.40
N VAL D 560 -15.27 6.85 37.21
CA VAL D 560 -15.35 7.39 38.56
C VAL D 560 -15.60 8.90 38.51
N VAL D 561 -14.81 9.65 37.76
CA VAL D 561 -15.07 11.08 37.66
C VAL D 561 -16.50 11.38 37.16
N LEU D 562 -17.01 10.65 36.15
CA LEU D 562 -18.39 10.87 35.72
C LEU D 562 -19.35 10.75 36.91
N PHE D 563 -19.33 9.60 37.60
CA PHE D 563 -20.15 9.35 38.78
C PHE D 563 -20.05 10.52 39.77
N LEU D 564 -18.82 10.87 40.15
CA LEU D 564 -18.59 11.95 41.11
C LEU D 564 -19.26 13.24 40.66
N VAL D 565 -18.92 13.74 39.47
CA VAL D 565 -19.46 15.03 39.03
C VAL D 565 -20.98 14.97 38.98
N SER D 566 -21.56 13.85 38.58
CA SER D 566 -23.00 13.73 38.44
C SER D 566 -23.70 13.76 39.80
N ARG D 567 -23.12 13.09 40.81
CA ARG D 567 -23.69 13.13 42.16
C ARG D 567 -23.47 14.50 42.80
N PHE D 568 -22.44 15.25 42.33
CA PHE D 568 -22.25 16.61 42.81
C PHE D 568 -23.27 17.56 42.17
N SER D 569 -23.72 17.24 40.94
CA SER D 569 -24.68 18.07 40.22
C SER D 569 -26.08 17.91 40.80
N ASN D 591 -32.65 7.65 33.58
CA ASN D 591 -31.97 7.16 34.81
C ASN D 591 -30.70 7.98 35.05
N GLU D 592 -29.93 7.61 36.08
CA GLU D 592 -28.95 8.51 36.68
C GLU D 592 -27.59 7.82 36.67
N PHE D 593 -26.56 8.61 36.90
CA PHE D 593 -25.19 8.23 36.72
C PHE D 593 -24.64 7.83 38.06
N GLY D 594 -25.19 6.75 38.62
CA GLY D 594 -24.46 6.04 39.66
C GLY D 594 -23.24 5.33 39.09
N ILE D 595 -22.46 4.67 39.94
CA ILE D 595 -21.20 4.13 39.49
C ILE D 595 -21.41 3.04 38.43
N PHE D 596 -22.45 2.20 38.57
N PHE D 596 -22.45 2.20 38.56
CA PHE D 596 -22.63 1.06 37.66
CA PHE D 596 -22.57 1.07 37.66
C PHE D 596 -23.04 1.57 36.29
C PHE D 596 -23.04 1.56 36.29
N ASN D 597 -23.90 2.57 36.26
CA ASN D 597 -24.31 3.18 35.01
C ASN D 597 -23.19 4.01 34.39
N SER D 598 -22.36 4.64 35.21
CA SER D 598 -21.20 5.34 34.71
C SER D 598 -20.27 4.37 34.01
N LEU D 599 -20.01 3.23 34.64
CA LEU D 599 -19.22 2.19 34.01
C LEU D 599 -19.85 1.72 32.70
N TRP D 600 -21.17 1.60 32.64
CA TRP D 600 -21.84 1.10 31.46
C TRP D 600 -21.78 2.17 30.36
N PHE D 601 -22.03 3.43 30.70
CA PHE D 601 -21.97 4.52 29.75
C PHE D 601 -20.59 4.61 29.11
N SER D 602 -19.55 4.62 29.92
CA SER D 602 -18.19 4.71 29.42
C SER D 602 -17.88 3.55 28.51
N LEU D 603 -18.32 2.33 28.86
CA LEU D 603 -17.98 1.16 28.08
C LEU D 603 -18.66 1.26 26.71
N GLY D 604 -19.93 1.62 26.72
CA GLY D 604 -20.62 1.80 25.47
C GLY D 604 -20.00 2.90 24.60
N ALA D 605 -19.59 4.03 25.18
CA ALA D 605 -18.95 5.09 24.44
C ALA D 605 -17.69 4.56 23.78
N PHE D 606 -16.88 3.88 24.56
CA PHE D 606 -15.65 3.35 24.03
C PHE D 606 -15.89 2.37 22.89
N MET D 607 -16.93 1.53 22.98
CA MET D 607 -17.20 0.48 22.00
C MET D 607 -18.06 1.04 20.86
N GLN D 608 -18.40 2.32 20.93
CA GLN D 608 -19.11 3.00 19.87
C GLN D 608 -20.52 2.44 19.71
N GLN D 609 -21.21 2.39 20.83
CA GLN D 609 -22.51 1.78 20.93
C GLN D 609 -23.52 2.75 21.48
N GLY D 610 -23.24 3.47 22.56
N GLY D 610 -23.08 3.74 22.25
CA GLY D 610 -24.28 4.21 23.24
CA GLY D 610 -23.96 4.85 22.57
C GLY D 610 -25.26 3.31 24.01
C GLY D 610 -24.66 4.50 23.86
N CYS D 611 -26.01 3.93 24.91
N CYS D 611 -25.97 4.69 23.98
CA CYS D 611 -26.77 3.18 25.89
CA CYS D 611 -26.46 4.57 25.33
C CYS D 611 -27.96 4.05 26.26
C CYS D 611 -27.92 4.95 25.47
N ASP D 612 -28.59 3.79 27.39
N ASP D 612 -28.53 4.41 26.53
CA ASP D 612 -29.87 4.44 27.62
CA ASP D 612 -29.83 4.87 26.98
C ASP D 612 -29.70 5.92 27.95
C ASP D 612 -29.67 6.23 27.66
N ILE D 613 -28.58 6.28 28.58
N ILE D 613 -28.62 6.38 28.45
CA ILE D 613 -28.46 7.53 29.32
CA ILE D 613 -28.48 7.54 29.31
C ILE D 613 -27.32 8.39 28.76
C ILE D 613 -27.32 8.39 28.78
N SER D 614 -27.48 9.71 28.85
CA SER D 614 -26.44 10.65 28.48
C SER D 614 -26.35 11.72 29.56
N PRO D 615 -25.16 12.22 29.94
CA PRO D 615 -25.10 13.27 30.96
C PRO D 615 -25.86 14.54 30.61
N ARG D 616 -26.42 15.22 31.63
CA ARG D 616 -27.14 16.47 31.39
C ARG D 616 -26.39 17.66 31.96
N SER D 617 -25.56 17.47 32.98
CA SER D 617 -24.84 18.59 33.56
C SER D 617 -23.70 19.06 32.67
N LEU D 618 -23.21 20.26 32.94
CA LEU D 618 -22.05 20.76 32.22
C LEU D 618 -20.80 19.92 32.51
N SER D 619 -20.56 19.57 33.77
CA SER D 619 -19.35 18.83 34.09
C SER D 619 -19.47 17.39 33.56
N GLY D 620 -20.66 16.80 33.63
CA GLY D 620 -20.87 15.50 33.03
C GLY D 620 -20.62 15.51 31.52
N ARG D 621 -21.01 16.59 30.84
CA ARG D 621 -20.83 16.69 29.41
C ARG D 621 -19.39 16.97 29.06
N ILE D 622 -18.66 17.66 29.90
CA ILE D 622 -17.24 17.82 29.65
C ILE D 622 -16.58 16.45 29.70
N VAL D 623 -16.89 15.65 30.73
CA VAL D 623 -16.28 14.34 30.88
C VAL D 623 -16.65 13.47 29.69
N GLY D 624 -17.95 13.41 29.36
CA GLY D 624 -18.41 12.66 28.21
C GLY D 624 -17.72 13.08 26.92
N GLY D 625 -17.65 14.41 26.66
CA GLY D 625 -17.04 14.95 25.46
C GLY D 625 -15.58 14.54 25.31
N VAL D 626 -14.77 14.66 26.39
CA VAL D 626 -13.38 14.29 26.23
C VAL D 626 -13.29 12.78 26.10
N TRP D 627 -14.13 11.99 26.76
CA TRP D 627 -14.02 10.56 26.56
C TRP D 627 -14.41 10.18 25.11
N TRP D 628 -15.40 10.85 24.51
CA TRP D 628 -15.74 10.63 23.11
C TRP D 628 -14.57 10.93 22.17
N PHE D 629 -13.85 12.00 22.47
CA PHE D 629 -12.70 12.39 21.69
C PHE D 629 -11.60 11.35 21.80
N PHE D 630 -11.32 10.94 23.02
CA PHE D 630 -10.34 9.91 23.29
C PHE D 630 -10.68 8.65 22.52
N THR D 631 -11.94 8.25 22.60
CA THR D 631 -12.41 7.07 21.92
C THR D 631 -12.20 7.17 20.42
N LEU D 632 -12.60 8.28 19.81
CA LEU D 632 -12.41 8.44 18.39
C LEU D 632 -10.95 8.26 17.98
N ILE D 633 -10.00 8.86 18.70
CA ILE D 633 -8.59 8.74 18.35
C ILE D 633 -8.15 7.27 18.53
N ILE D 634 -8.40 6.69 19.69
CA ILE D 634 -7.87 5.36 19.99
C ILE D 634 -8.52 4.31 19.09
N ILE D 635 -9.85 4.27 18.96
CA ILE D 635 -10.50 3.27 18.11
C ILE D 635 -10.08 3.44 16.66
N SER D 636 -9.95 4.67 16.18
CA SER D 636 -9.53 4.86 14.79
C SER D 636 -8.15 4.26 14.58
N SER D 637 -7.24 4.51 15.54
CA SER D 637 -5.90 4.01 15.46
C SER D 637 -5.90 2.48 15.52
N TYR D 638 -6.66 1.92 16.43
CA TYR D 638 -6.74 0.48 16.58
C TYR D 638 -7.30 -0.18 15.33
N THR D 639 -8.33 0.39 14.73
CA THR D 639 -9.04 -0.32 13.70
C THR D 639 -8.37 -0.16 12.36
N ALA D 640 -7.43 0.78 12.22
CA ALA D 640 -6.83 1.06 10.93
C ALA D 640 -6.41 -0.21 10.21
N ASN D 641 -5.47 -0.96 10.81
CA ASN D 641 -4.75 -2.04 10.14
C ASN D 641 -5.10 -3.39 10.77
N LEU D 642 -6.33 -3.55 11.24
CA LEU D 642 -6.57 -4.58 12.23
C LEU D 642 -6.42 -5.95 11.57
N ALA D 643 -7.00 -6.08 10.38
CA ALA D 643 -7.05 -7.36 9.71
C ALA D 643 -5.63 -7.83 9.38
N ALA D 644 -4.69 -6.89 9.09
CA ALA D 644 -3.29 -7.19 8.90
C ALA D 644 -2.65 -7.87 10.13
N PHE D 645 -2.89 -7.36 11.33
CA PHE D 645 -2.40 -7.99 12.55
C PHE D 645 -2.96 -9.38 12.83
N LEU D 646 -4.17 -9.66 12.33
CA LEU D 646 -4.86 -10.91 12.61
C LEU D 646 -4.30 -12.05 11.78
N THR D 647 -3.55 -11.70 10.70
CA THR D 647 -3.10 -12.62 9.68
C THR D 647 -1.63 -12.36 9.36
N VAL D 648 -0.75 -12.56 10.35
CA VAL D 648 0.66 -12.20 10.21
C VAL D 648 1.49 -13.29 10.88
N GLU D 649 2.29 -13.97 10.05
CA GLU D 649 3.02 -15.17 10.42
C GLU D 649 4.45 -14.75 10.67
N ARG D 650 5.00 -15.14 11.81
CA ARG D 650 6.36 -14.76 12.11
C ARG D 650 7.07 -16.04 12.55
N MET D 651 8.09 -16.41 11.77
CA MET D 651 9.00 -17.49 12.12
C MET D 651 9.90 -17.03 13.26
N VAL D 652 9.97 -17.86 14.32
CA VAL D 652 10.82 -17.60 15.47
C VAL D 652 11.86 -18.71 15.51
N SER D 653 13.15 -18.32 15.46
CA SER D 653 14.26 -19.26 15.52
C SER D 653 14.39 -19.84 16.92
N PRO D 654 14.66 -21.15 17.10
CA PRO D 654 14.85 -21.70 18.44
C PRO D 654 16.02 -21.06 19.20
N ILE D 655 17.13 -20.79 18.51
CA ILE D 655 18.37 -20.41 19.18
C ILE D 655 18.70 -18.94 18.88
N GLU D 656 18.85 -18.59 17.60
CA GLU D 656 19.13 -17.25 17.12
C GLU D 656 20.45 -16.64 17.63
N SER D 657 21.41 -17.48 18.06
CA SER D 657 22.72 -17.00 18.51
C SER D 657 23.67 -18.17 18.74
N ALA D 658 24.96 -17.87 18.94
CA ALA D 658 25.97 -18.86 19.29
C ALA D 658 25.89 -19.20 20.77
N GLU D 659 25.78 -18.17 21.62
CA GLU D 659 25.62 -18.32 23.06
C GLU D 659 24.41 -19.20 23.35
N ASP D 660 23.30 -18.91 22.66
CA ASP D 660 22.06 -19.67 22.80
C ASP D 660 22.28 -21.14 22.48
N LEU D 661 23.09 -21.42 21.46
CA LEU D 661 23.39 -22.79 21.07
C LEU D 661 24.25 -23.47 22.13
N ALA D 662 25.15 -22.71 22.77
CA ALA D 662 26.02 -23.26 23.79
C ALA D 662 25.27 -23.57 25.08
N LYS D 663 24.31 -22.72 25.46
CA LYS D 663 23.65 -22.80 26.76
C LYS D 663 22.76 -24.04 26.85
N GLN D 664 22.00 -24.30 25.80
CA GLN D 664 21.02 -25.39 25.76
C GLN D 664 21.72 -26.71 25.47
N THR D 665 20.95 -27.81 25.56
CA THR D 665 21.47 -29.14 25.28
C THR D 665 20.50 -29.99 24.44
N GLU D 666 19.32 -29.45 24.10
CA GLU D 666 18.32 -30.20 23.35
C GLU D 666 18.74 -30.38 21.88
N ILE D 667 19.39 -29.36 21.31
CA ILE D 667 19.89 -29.39 19.94
C ILE D 667 21.39 -29.74 19.98
N ALA D 668 21.75 -30.79 19.23
CA ALA D 668 23.13 -31.20 19.00
C ALA D 668 23.72 -30.42 17.84
N TYR D 669 24.98 -30.01 17.96
CA TYR D 669 25.64 -29.24 16.91
C TYR D 669 27.02 -29.79 16.64
N GLY D 670 27.35 -29.90 15.35
CA GLY D 670 28.62 -30.49 14.93
C GLY D 670 29.31 -29.68 13.86
N THR D 671 30.45 -30.21 13.40
CA THR D 671 31.34 -29.54 12.46
C THR D 671 31.72 -30.58 11.40
N LEU D 672 32.47 -30.16 10.38
CA LEU D 672 33.12 -31.04 9.45
C LEU D 672 34.44 -31.35 10.11
N GLU D 673 34.83 -32.55 10.28
CA GLU D 673 36.14 -32.71 10.90
C GLU D 673 37.16 -32.62 9.80
N ALA D 674 38.42 -32.65 10.20
CA ALA D 674 39.59 -32.37 9.36
C ALA D 674 39.38 -31.12 8.50
N GLY D 675 38.70 -30.14 9.10
CA GLY D 675 38.41 -28.86 8.49
C GLY D 675 38.89 -27.72 9.40
N SER D 676 38.91 -26.52 8.81
CA SER D 676 39.34 -25.32 9.50
C SER D 676 38.46 -25.01 10.72
N THR D 677 37.15 -25.31 10.62
CA THR D 677 36.21 -24.96 11.68
C THR D 677 36.49 -25.81 12.93
N LYS D 678 36.72 -27.11 12.73
CA LYS D 678 37.07 -28.00 13.82
C LYS D 678 38.34 -27.52 14.52
N GLU D 679 39.36 -27.17 13.72
CA GLU D 679 40.63 -26.67 14.23
C GLU D 679 40.42 -25.36 15.00
N PHE D 680 39.53 -24.49 14.49
CA PHE D 680 39.22 -23.22 15.13
C PHE D 680 38.65 -23.47 16.53
N PHE D 681 37.71 -24.42 16.62
CA PHE D 681 37.07 -24.69 17.90
C PHE D 681 38.03 -25.37 18.87
N ARG D 682 38.87 -26.27 18.34
CA ARG D 682 39.81 -27.00 19.18
C ARG D 682 40.77 -26.02 19.86
N ARG D 683 41.33 -25.09 19.08
CA ARG D 683 42.40 -24.23 19.56
C ARG D 683 41.86 -22.91 20.12
N SER D 684 40.56 -22.85 20.47
CA SER D 684 39.98 -21.59 20.88
C SER D 684 40.21 -21.37 22.38
N LYS D 685 40.22 -20.09 22.78
CA LYS D 685 40.37 -19.68 24.17
C LYS D 685 39.19 -18.82 24.65
N ILE D 686 38.21 -18.56 23.75
CA ILE D 686 37.04 -17.77 24.11
C ILE D 686 36.09 -18.70 24.86
N ALA D 687 35.45 -18.15 25.91
CA ALA D 687 34.61 -18.90 26.84
C ALA D 687 33.57 -19.72 26.09
N VAL D 688 32.82 -19.06 25.20
CA VAL D 688 31.70 -19.69 24.52
C VAL D 688 32.23 -20.84 23.64
N PHE D 689 33.30 -20.57 22.90
CA PHE D 689 33.79 -21.56 21.95
C PHE D 689 34.51 -22.69 22.69
N GLU D 690 35.15 -22.40 23.81
CA GLU D 690 35.74 -23.45 24.64
C GLU D 690 34.64 -24.39 25.15
N LYS D 691 33.53 -23.80 25.62
CA LYS D 691 32.38 -24.59 26.06
C LYS D 691 31.84 -25.45 24.91
N MET D 692 31.74 -24.85 23.72
CA MET D 692 31.25 -25.55 22.54
C MET D 692 32.14 -26.74 22.21
N TRP D 693 33.46 -26.54 22.29
CA TRP D 693 34.40 -27.60 21.95
C TRP D 693 34.34 -28.72 22.97
N THR D 694 34.27 -28.35 24.27
CA THR D 694 34.18 -29.34 25.33
C THR D 694 32.97 -30.23 25.11
N TYR D 695 31.84 -29.63 24.72
CA TYR D 695 30.65 -30.40 24.37
C TYR D 695 30.94 -31.30 23.17
N MET D 696 31.46 -30.73 22.09
CA MET D 696 31.52 -31.42 20.81
C MET D 696 32.45 -32.64 20.88
N LYS D 697 33.56 -32.50 21.62
CA LYS D 697 34.55 -33.56 21.76
C LYS D 697 33.94 -34.80 22.42
N SER D 698 33.10 -34.58 23.45
CA SER D 698 32.54 -35.66 24.26
C SER D 698 31.29 -36.28 23.64
N ALA D 699 30.55 -35.50 22.82
CA ALA D 699 29.22 -35.89 22.34
C ALA D 699 29.27 -37.24 21.63
N GLU D 700 28.27 -38.08 21.94
CA GLU D 700 28.16 -39.42 21.40
C GLU D 700 26.69 -39.67 21.02
N PRO D 701 26.36 -40.10 19.77
CA PRO D 701 27.33 -40.33 18.69
C PRO D 701 27.98 -39.04 18.17
N SER D 702 29.08 -39.20 17.42
CA SER D 702 29.87 -38.07 16.96
C SER D 702 28.96 -37.08 16.23
N VAL D 703 29.06 -35.82 16.66
CA VAL D 703 28.36 -34.71 16.04
C VAL D 703 29.03 -34.33 14.71
N PHE D 704 30.27 -34.77 14.48
CA PHE D 704 31.05 -34.42 13.31
C PHE D 704 30.57 -35.20 12.09
N VAL D 705 30.93 -34.67 10.92
CA VAL D 705 30.55 -35.26 9.64
C VAL D 705 31.78 -35.33 8.75
N ARG D 706 31.63 -36.01 7.60
CA ARG D 706 32.73 -36.23 6.67
C ARG D 706 32.64 -35.26 5.49
N THR D 707 31.44 -34.72 5.21
CA THR D 707 31.22 -33.86 4.06
C THR D 707 30.14 -32.84 4.38
N THR D 708 30.15 -31.73 3.65
CA THR D 708 29.15 -30.68 3.82
C THR D 708 27.75 -31.23 3.54
N GLU D 709 27.61 -32.00 2.47
CA GLU D 709 26.36 -32.66 2.10
C GLU D 709 25.85 -33.50 3.28
N GLU D 710 26.77 -34.19 3.97
CA GLU D 710 26.41 -35.01 5.11
C GLU D 710 25.77 -34.16 6.22
N GLY D 711 26.39 -33.02 6.55
CA GLY D 711 25.87 -32.13 7.57
C GLY D 711 24.53 -31.52 7.16
N MET D 712 24.40 -31.18 5.87
CA MET D 712 23.17 -30.64 5.33
C MET D 712 22.03 -31.65 5.52
N ILE D 713 22.28 -32.91 5.15
CA ILE D 713 21.28 -33.95 5.28
C ILE D 713 20.96 -34.19 6.76
N ARG D 714 21.98 -34.09 7.62
CA ARG D 714 21.78 -34.33 9.03
C ARG D 714 20.85 -33.27 9.63
N VAL D 715 21.02 -32.00 9.24
CA VAL D 715 20.15 -30.93 9.71
C VAL D 715 18.75 -31.12 9.13
N ARG D 716 18.67 -31.55 7.88
CA ARG D 716 17.38 -31.69 7.21
C ARG D 716 16.56 -32.83 7.81
N LYS D 717 17.23 -33.91 8.23
CA LYS D 717 16.54 -35.10 8.69
C LYS D 717 16.44 -35.21 10.21
N SER D 718 16.96 -34.22 10.95
CA SER D 718 16.98 -34.27 12.41
C SER D 718 15.76 -33.58 13.04
N LYS D 719 14.84 -33.06 12.21
CA LYS D 719 13.63 -32.39 12.66
C LYS D 719 13.97 -31.29 13.67
N GLY D 720 14.94 -30.44 13.30
CA GLY D 720 15.33 -29.29 14.10
C GLY D 720 15.99 -29.66 15.43
N LYS D 721 16.72 -30.78 15.46
CA LYS D 721 17.49 -31.17 16.63
C LYS D 721 18.99 -31.17 16.34
N TYR D 722 19.42 -30.73 15.14
CA TYR D 722 20.82 -30.64 14.76
C TYR D 722 21.11 -29.27 14.14
N ALA D 723 22.17 -28.62 14.62
CA ALA D 723 22.67 -27.36 14.10
C ALA D 723 24.09 -27.53 13.56
N TYR D 724 24.28 -27.32 12.26
CA TYR D 724 25.57 -27.53 11.61
C TYR D 724 26.38 -26.23 11.58
N LEU D 725 27.63 -26.31 12.06
CA LEU D 725 28.54 -25.18 12.04
C LEU D 725 29.44 -25.27 10.80
N LEU D 726 29.21 -24.37 9.83
CA LEU D 726 29.91 -24.41 8.57
C LEU D 726 30.29 -22.99 8.17
N GLU D 727 30.98 -22.86 7.02
CA GLU D 727 31.40 -21.55 6.54
C GLU D 727 30.22 -20.82 5.92
N SER D 728 30.23 -19.50 6.06
CA SER D 728 29.09 -18.69 5.70
C SER D 728 28.79 -18.78 4.20
N THR D 729 29.81 -18.95 3.37
CA THR D 729 29.62 -19.02 1.92
C THR D 729 28.80 -20.24 1.53
N MET D 730 29.22 -21.42 2.02
CA MET D 730 28.48 -22.64 1.79
C MET D 730 27.08 -22.55 2.39
N ASN D 731 26.99 -21.97 3.59
CA ASN D 731 25.71 -21.82 4.26
C ASN D 731 24.74 -21.03 3.39
N GLU D 732 25.19 -19.90 2.86
CA GLU D 732 24.35 -19.05 2.04
C GLU D 732 23.92 -19.78 0.78
N TYR D 733 24.89 -20.43 0.12
CA TYR D 733 24.59 -21.19 -1.08
C TYR D 733 23.48 -22.22 -0.82
N ILE D 734 23.65 -23.01 0.24
CA ILE D 734 22.71 -24.07 0.56
C ILE D 734 21.33 -23.48 0.84
N GLU D 735 21.28 -22.43 1.67
CA GLU D 735 20.02 -21.85 2.09
C GLU D 735 19.22 -21.34 0.91
N GLN D 736 19.88 -21.09 -0.24
CA GLN D 736 19.18 -20.64 -1.42
C GLN D 736 18.70 -21.78 -2.31
N ARG D 737 19.26 -22.99 -2.17
CA ARG D 737 18.93 -24.12 -3.02
C ARG D 737 17.65 -24.80 -2.52
N LYS D 738 16.94 -25.45 -3.46
CA LYS D 738 15.74 -26.22 -3.15
C LYS D 738 16.11 -27.47 -2.35
N PRO D 739 15.32 -27.93 -1.36
CA PRO D 739 14.01 -27.35 -1.01
C PRO D 739 14.06 -26.11 -0.12
N CYS D 740 15.27 -25.59 0.14
CA CYS D 740 15.52 -24.48 1.04
C CYS D 740 14.68 -24.59 2.31
N ASP D 741 14.95 -25.67 3.06
CA ASP D 741 14.37 -25.89 4.37
C ASP D 741 15.44 -25.75 5.45
N THR D 742 16.52 -25.02 5.13
CA THR D 742 17.54 -24.67 6.10
C THR D 742 17.59 -23.15 6.20
N MET D 743 18.15 -22.67 7.31
CA MET D 743 18.34 -21.24 7.46
C MET D 743 19.58 -20.95 8.31
N LYS D 744 20.28 -19.90 7.91
CA LYS D 744 21.43 -19.38 8.63
C LYS D 744 20.91 -18.58 9.82
N VAL D 745 21.48 -18.83 11.01
CA VAL D 745 21.01 -18.20 12.22
C VAL D 745 22.14 -17.41 12.88
N GLY D 746 21.81 -16.16 13.23
CA GLY D 746 22.74 -15.26 13.87
C GLY D 746 23.75 -14.68 12.88
N GLY D 747 24.81 -14.10 13.46
CA GLY D 747 25.91 -13.53 12.70
C GLY D 747 26.98 -14.58 12.43
N ASN D 748 28.18 -14.08 12.10
CA ASN D 748 29.34 -14.91 11.88
C ASN D 748 30.18 -14.94 13.16
N LEU D 749 30.70 -16.12 13.49
CA LEU D 749 31.49 -16.32 14.70
C LEU D 749 32.87 -15.65 14.56
N ASP D 750 33.40 -15.57 13.34
CA ASP D 750 34.65 -14.86 13.09
C ASP D 750 34.72 -14.39 11.63
N SER D 751 35.90 -13.88 11.24
CA SER D 751 36.16 -13.38 9.91
C SER D 751 37.46 -14.01 9.42
N LYS D 752 37.41 -14.53 8.18
CA LYS D 752 38.58 -15.09 7.54
C LYS D 752 38.33 -15.12 6.03
N GLY D 753 39.17 -15.87 5.29
CA GLY D 753 39.10 -15.86 3.85
C GLY D 753 39.81 -17.07 3.24
N TYR D 754 39.46 -17.38 1.99
CA TYR D 754 40.10 -18.43 1.24
C TYR D 754 41.28 -17.87 0.46
N GLY D 755 42.40 -18.59 0.50
CA GLY D 755 43.59 -18.21 -0.23
C GLY D 755 44.01 -19.32 -1.17
N ILE D 756 44.65 -18.94 -2.29
CA ILE D 756 45.28 -19.88 -3.18
C ILE D 756 46.62 -20.30 -2.57
N ALA D 757 46.78 -21.61 -2.37
CA ALA D 757 47.95 -22.13 -1.69
C ALA D 757 49.03 -22.52 -2.70
N THR D 758 50.28 -22.55 -2.23
CA THR D 758 51.40 -23.07 -2.99
C THR D 758 52.36 -23.73 -2.00
N PRO D 759 53.19 -24.71 -2.45
CA PRO D 759 54.20 -25.30 -1.56
C PRO D 759 55.22 -24.26 -1.15
N LYS D 760 55.68 -24.33 0.10
CA LYS D 760 56.62 -23.36 0.62
C LYS D 760 57.90 -23.40 -0.20
N GLY D 761 58.38 -22.22 -0.63
CA GLY D 761 59.52 -22.09 -1.51
C GLY D 761 59.19 -22.31 -2.99
N SER D 762 57.89 -22.20 -3.35
CA SER D 762 57.46 -22.34 -4.74
C SER D 762 57.83 -21.08 -5.54
N ALA D 763 57.99 -21.29 -6.85
CA ALA D 763 58.26 -20.22 -7.80
C ALA D 763 56.97 -19.58 -8.30
N LEU D 764 55.82 -20.17 -7.98
CA LEU D 764 54.51 -19.67 -8.41
C LEU D 764 53.94 -18.67 -7.40
N ARG D 765 54.59 -18.51 -6.23
CA ARG D 765 54.04 -17.77 -5.11
C ARG D 765 53.70 -16.32 -5.50
N GLY D 766 54.68 -15.62 -6.06
CA GLY D 766 54.53 -14.21 -6.41
C GLY D 766 53.53 -13.98 -7.54
N PRO D 767 53.69 -14.66 -8.69
CA PRO D 767 52.74 -14.54 -9.80
C PRO D 767 51.29 -14.82 -9.40
N VAL D 768 51.07 -15.82 -8.53
CA VAL D 768 49.72 -16.17 -8.09
C VAL D 768 49.12 -15.01 -7.28
N ASN D 769 49.92 -14.44 -6.36
CA ASN D 769 49.49 -13.32 -5.56
C ASN D 769 49.05 -12.16 -6.46
N LEU D 770 49.90 -11.83 -7.44
CA LEU D 770 49.62 -10.73 -8.34
C LEU D 770 48.40 -11.04 -9.20
N ALA D 771 48.23 -12.31 -9.60
CA ALA D 771 47.08 -12.71 -10.39
C ALA D 771 45.79 -12.49 -9.62
N VAL D 772 45.80 -12.84 -8.33
CA VAL D 772 44.62 -12.68 -7.49
C VAL D 772 44.31 -11.20 -7.34
N LEU D 773 45.35 -10.37 -7.11
CA LEU D 773 45.15 -8.94 -7.00
C LEU D 773 44.55 -8.37 -8.29
N LYS D 774 45.07 -8.80 -9.44
CA LYS D 774 44.56 -8.35 -10.72
C LYS D 774 43.10 -8.76 -10.86
N LEU D 775 42.79 -10.03 -10.55
CA LEU D 775 41.42 -10.53 -10.68
C LEU D 775 40.46 -9.75 -9.79
N SER D 776 40.90 -9.39 -8.58
CA SER D 776 40.09 -8.65 -7.65
C SER D 776 39.84 -7.23 -8.14
N GLU D 777 40.90 -6.56 -8.62
CA GLU D 777 40.82 -5.17 -9.04
C GLU D 777 40.04 -5.01 -10.34
N GLN D 778 39.90 -6.10 -11.12
CA GLN D 778 39.25 -6.05 -12.42
C GLN D 778 37.79 -6.49 -12.35
N GLY D 779 37.28 -6.75 -11.13
CA GLY D 779 35.89 -7.10 -10.92
C GLY D 779 35.57 -8.56 -11.28
N VAL D 780 36.60 -9.38 -11.56
CA VAL D 780 36.39 -10.74 -12.00
C VAL D 780 35.80 -11.57 -10.84
N LEU D 781 36.40 -11.43 -9.65
CA LEU D 781 35.99 -12.22 -8.51
C LEU D 781 34.54 -11.88 -8.12
N ASP D 782 34.18 -10.60 -8.16
CA ASP D 782 32.82 -10.16 -7.89
C ASP D 782 31.84 -10.84 -8.85
N LYS D 783 32.16 -10.80 -10.15
CA LYS D 783 31.30 -11.36 -11.17
C LYS D 783 31.14 -12.86 -10.98
N LEU D 784 32.25 -13.55 -10.70
CA LEU D 784 32.22 -14.99 -10.47
C LEU D 784 31.32 -15.33 -9.29
N LYS D 785 31.49 -14.61 -8.18
CA LYS D 785 30.68 -14.81 -6.99
C LYS D 785 29.21 -14.62 -7.31
N SER D 786 28.88 -13.50 -7.98
CA SER D 786 27.50 -13.16 -8.29
C SER D 786 26.87 -14.22 -9.18
N LYS D 787 27.66 -14.73 -10.14
CA LYS D 787 27.18 -15.74 -11.06
C LYS D 787 26.88 -17.05 -10.33
N TRP D 788 27.79 -17.48 -9.43
CA TRP D 788 27.69 -18.80 -8.84
C TRP D 788 26.85 -18.85 -7.58
N TRP D 789 26.53 -17.72 -6.95
CA TRP D 789 25.73 -17.73 -5.73
C TRP D 789 24.34 -17.18 -5.97
N TYR D 790 24.25 -15.94 -6.45
CA TYR D 790 22.98 -15.22 -6.52
C TYR D 790 22.06 -15.83 -7.58
N ASP D 791 22.63 -16.19 -8.73
CA ASP D 791 21.87 -16.69 -9.87
C ASP D 791 21.24 -18.05 -9.60
N LYS D 792 21.74 -18.79 -8.59
CA LYS D 792 21.16 -20.07 -8.20
C LYS D 792 19.69 -19.87 -7.79
N GLY D 793 19.46 -19.15 -6.68
CA GLY D 793 18.18 -18.66 -6.21
C GLY D 793 16.97 -19.54 -6.54
N GLU D 794 16.98 -20.78 -6.04
CA GLU D 794 15.97 -21.78 -6.38
C GLU D 794 14.60 -21.32 -5.88
N CYS D 795 14.56 -20.89 -4.61
CA CYS D 795 13.38 -20.26 -4.03
C CYS D 795 13.69 -18.78 -3.78
N GLY D 796 12.75 -17.91 -4.21
CA GLY D 796 12.79 -16.48 -3.93
C GLY D 796 12.21 -16.11 -2.55
N SER D 797 11.59 -17.10 -1.87
CA SER D 797 11.06 -16.92 -0.53
C SER D 797 12.19 -17.01 0.50
N LYS D 805 -1.92 -9.39 -2.64
CA LYS D 805 -2.07 -10.66 -1.85
C LYS D 805 -3.16 -10.50 -0.78
N THR D 806 -4.38 -10.16 -1.25
CA THR D 806 -5.53 -9.89 -0.40
C THR D 806 -6.35 -11.17 -0.28
N SER D 807 -6.30 -11.80 0.90
CA SER D 807 -7.13 -12.95 1.19
C SER D 807 -8.19 -12.66 2.25
N ALA D 808 -9.34 -13.33 2.11
CA ALA D 808 -10.35 -13.41 3.14
C ALA D 808 -9.73 -13.79 4.47
N LEU D 809 -10.22 -13.17 5.56
CA LEU D 809 -9.98 -13.69 6.89
C LEU D 809 -10.63 -15.06 7.00
N SER D 810 -9.99 -15.94 7.78
CA SER D 810 -10.51 -17.26 8.04
C SER D 810 -10.97 -17.34 9.48
N LEU D 811 -11.85 -18.29 9.76
CA LEU D 811 -12.35 -18.51 11.10
C LEU D 811 -11.22 -18.71 12.12
N SER D 812 -10.10 -19.33 11.71
CA SER D 812 -9.00 -19.53 12.63
C SER D 812 -8.38 -18.19 13.04
N ASN D 813 -8.38 -17.20 12.13
CA ASN D 813 -7.86 -15.89 12.45
C ASN D 813 -8.67 -15.13 13.50
N VAL D 814 -9.94 -15.49 13.70
CA VAL D 814 -10.78 -14.74 14.61
C VAL D 814 -11.34 -15.67 15.67
N ALA D 815 -10.90 -16.95 15.72
CA ALA D 815 -11.47 -17.90 16.67
C ALA D 815 -11.45 -17.38 18.10
N GLY D 816 -10.38 -16.67 18.49
CA GLY D 816 -10.27 -16.19 19.85
C GLY D 816 -11.37 -15.22 20.26
N VAL D 817 -11.79 -14.38 19.32
CA VAL D 817 -12.93 -13.51 19.55
C VAL D 817 -14.19 -14.35 19.83
N PHE D 818 -14.38 -15.46 19.10
CA PHE D 818 -15.50 -16.34 19.38
C PHE D 818 -15.37 -16.99 20.77
N TYR D 819 -14.19 -17.43 21.18
CA TYR D 819 -14.06 -18.08 22.50
C TYR D 819 -14.37 -17.08 23.60
N ILE D 820 -13.91 -15.81 23.48
CA ILE D 820 -14.26 -14.80 24.47
C ILE D 820 -15.78 -14.61 24.52
N LEU D 821 -16.42 -14.55 23.35
CA LEU D 821 -17.85 -14.36 23.29
C LEU D 821 -18.56 -15.50 24.00
N ILE D 822 -18.30 -16.77 23.65
CA ILE D 822 -19.01 -17.88 24.28
C ILE D 822 -18.65 -17.97 25.78
N GLY D 823 -17.39 -17.69 26.12
CA GLY D 823 -17.03 -17.57 27.52
C GLY D 823 -17.87 -16.57 28.29
N GLY D 824 -18.02 -15.37 27.73
CA GLY D 824 -18.87 -14.31 28.28
C GLY D 824 -20.32 -14.75 28.46
N LEU D 825 -20.89 -15.46 27.48
CA LEU D 825 -22.25 -15.95 27.61
C LEU D 825 -22.36 -16.97 28.74
N GLY D 826 -21.36 -17.85 28.86
CA GLY D 826 -21.30 -18.77 29.98
C GLY D 826 -21.26 -18.03 31.31
N LEU D 827 -20.35 -17.08 31.40
CA LEU D 827 -20.24 -16.26 32.61
C LEU D 827 -21.55 -15.56 32.92
N ALA D 828 -22.22 -15.04 31.91
CA ALA D 828 -23.45 -14.30 32.15
C ALA D 828 -24.50 -15.24 32.72
N MET D 829 -24.56 -16.47 32.23
CA MET D 829 -25.56 -17.40 32.71
C MET D 829 -25.25 -17.78 34.16
N LEU D 830 -23.96 -18.00 34.45
CA LEU D 830 -23.55 -18.29 35.81
C LEU D 830 -23.93 -17.15 36.77
N VAL D 831 -23.49 -15.92 36.49
CA VAL D 831 -23.86 -14.74 37.27
C VAL D 831 -25.38 -14.65 37.47
N ALA D 832 -26.17 -15.07 36.47
CA ALA D 832 -27.62 -14.93 36.56
C ALA D 832 -28.19 -15.93 37.54
N LEU D 833 -27.65 -17.16 37.55
CA LEU D 833 -28.02 -18.19 38.51
C LEU D 833 -27.69 -17.77 39.95
N ILE D 834 -26.49 -17.23 40.16
CA ILE D 834 -26.10 -16.68 41.46
C ILE D 834 -27.10 -15.61 41.87
N GLU D 835 -27.13 -14.49 41.13
CA GLU D 835 -28.02 -13.37 41.45
C GLU D 835 -29.44 -13.88 41.71
N PHE D 836 -29.80 -15.06 41.18
CA PHE D 836 -31.10 -15.63 41.42
C PHE D 836 -31.12 -16.27 42.82
N CYS D 837 -30.30 -17.30 43.00
CA CYS D 837 -30.22 -18.05 44.25
C CYS D 837 -30.01 -17.14 45.46
N TYR D 838 -29.16 -16.11 45.34
CA TYR D 838 -29.02 -15.08 46.37
C TYR D 838 -30.35 -14.40 46.68
N LYS D 839 -31.09 -13.97 45.65
CA LYS D 839 -32.38 -13.28 45.84
C LYS D 839 -33.50 -14.27 46.20
N SER D 840 -33.33 -15.58 45.90
CA SER D 840 -34.29 -16.61 46.32
C SER D 840 -34.17 -16.90 47.82
N ARG D 841 -32.98 -16.71 48.42
CA ARG D 841 -32.78 -16.86 49.86
C ARG D 841 -33.42 -15.68 50.61
N ASP E 4 -24.71 -1.21 57.26
CA ASP E 4 -23.58 -1.22 56.28
C ASP E 4 -22.66 -0.02 56.48
N ARG E 5 -22.93 0.87 57.45
CA ARG E 5 -22.11 2.04 57.69
C ARG E 5 -20.72 1.60 58.18
N GLY E 6 -20.68 0.61 59.09
CA GLY E 6 -19.44 0.06 59.63
C GLY E 6 -18.55 -0.56 58.56
N ILE E 7 -19.12 -1.44 57.72
CA ILE E 7 -18.38 -2.11 56.66
C ILE E 7 -17.85 -1.08 55.66
N GLN E 8 -18.67 -0.10 55.26
CA GLN E 8 -18.24 0.95 54.34
C GLN E 8 -17.05 1.71 54.90
N MET E 9 -17.10 2.09 56.19
CA MET E 9 -16.02 2.83 56.81
C MET E 9 -14.79 1.93 57.01
N LEU E 10 -14.99 0.63 57.23
CA LEU E 10 -13.85 -0.29 57.32
C LEU E 10 -13.12 -0.38 55.98
N ILE E 11 -13.89 -0.65 54.91
CA ILE E 11 -13.36 -0.67 53.56
C ILE E 11 -12.63 0.64 53.27
N THR E 12 -13.25 1.79 53.61
CA THR E 12 -12.62 3.08 53.37
C THR E 12 -11.27 3.18 54.09
N THR E 13 -11.23 2.83 55.38
CA THR E 13 -10.05 3.09 56.20
C THR E 13 -8.91 2.14 55.83
N VAL E 14 -9.21 0.83 55.77
CA VAL E 14 -8.24 -0.17 55.35
C VAL E 14 -7.73 0.17 53.95
N GLY E 15 -8.67 0.42 53.02
CA GLY E 15 -8.38 0.80 51.66
C GLY E 15 -7.47 2.02 51.57
N ALA E 16 -7.79 3.07 52.34
CA ALA E 16 -6.97 4.27 52.33
C ALA E 16 -5.54 3.96 52.76
N PHE E 17 -5.39 3.13 53.81
CA PHE E 17 -4.07 2.74 54.30
C PHE E 17 -3.33 1.92 53.24
N ALA E 18 -4.00 0.90 52.72
CA ALA E 18 -3.47 0.07 51.63
C ALA E 18 -2.95 0.93 50.48
N ALA E 19 -3.76 1.87 49.99
CA ALA E 19 -3.41 2.65 48.82
C ALA E 19 -2.18 3.50 49.10
N PHE E 20 -2.19 4.18 50.26
CA PHE E 20 -1.06 4.99 50.68
C PHE E 20 0.22 4.18 50.80
N SER E 21 0.13 2.99 51.43
CA SER E 21 1.28 2.15 51.66
C SER E 21 1.89 1.68 50.34
N LEU E 22 1.06 1.05 49.50
CA LEU E 22 1.45 0.62 48.17
C LEU E 22 2.12 1.73 47.39
N MET E 23 1.54 2.95 47.41
CA MET E 23 2.07 4.01 46.59
C MET E 23 3.40 4.51 47.15
N THR E 24 3.54 4.54 48.49
CA THR E 24 4.76 5.02 49.12
C THR E 24 5.91 4.05 48.89
N ILE E 25 5.63 2.75 49.08
CA ILE E 25 6.58 1.72 48.73
C ILE E 25 7.03 1.90 47.29
N ALA E 26 6.07 1.97 46.36
CA ALA E 26 6.38 2.08 44.94
C ALA E 26 7.30 3.26 44.66
N VAL E 27 7.02 4.43 45.25
CA VAL E 27 7.83 5.60 44.98
C VAL E 27 9.24 5.40 45.55
N GLY E 28 9.33 4.75 46.72
CA GLY E 28 10.60 4.53 47.39
C GLY E 28 11.46 3.45 46.73
N THR E 29 10.86 2.29 46.44
CA THR E 29 11.59 1.12 45.98
C THR E 29 12.04 1.27 44.53
N ASP E 30 12.88 0.31 44.05
CA ASP E 30 13.57 0.39 42.76
C ASP E 30 13.38 -0.87 41.93
N TYR E 31 12.17 -1.38 41.88
CA TYR E 31 11.86 -2.50 40.99
C TYR E 31 10.76 -2.08 40.01
N TRP E 32 10.87 -0.87 39.45
CA TRP E 32 9.96 -0.45 38.40
C TRP E 32 10.24 -1.19 37.11
N LEU E 33 11.52 -1.18 36.68
CA LEU E 33 11.89 -1.66 35.37
C LEU E 33 13.06 -2.64 35.47
N TYR E 34 12.94 -3.78 34.79
CA TYR E 34 14.05 -4.71 34.59
C TYR E 34 14.57 -4.58 33.17
N SER E 35 15.57 -3.71 32.96
CA SER E 35 16.22 -3.56 31.66
C SER E 35 17.72 -3.84 31.79
N ARG E 36 18.40 -4.00 30.65
CA ARG E 36 19.86 -4.16 30.69
C ARG E 36 20.52 -2.79 30.57
N GLY E 37 21.60 -2.61 31.34
CA GLY E 37 22.19 -1.31 31.57
C GLY E 37 23.44 -1.42 32.44
N VAL E 38 23.78 -0.33 33.15
CA VAL E 38 25.05 -0.22 33.85
C VAL E 38 24.90 0.62 35.13
N CYS E 39 25.31 0.04 36.27
CA CYS E 39 25.35 0.73 37.55
C CYS E 39 26.67 1.47 37.77
N ARG E 40 27.63 1.37 36.84
CA ARG E 40 28.74 2.29 36.63
C ARG E 40 29.83 2.16 37.69
N THR E 41 29.82 1.09 38.52
CA THR E 41 30.69 0.92 39.68
C THR E 41 30.44 2.05 40.68
N GLU E 55 27.17 -4.10 28.86
CA GLU E 55 26.01 -3.75 29.73
C GLU E 55 25.48 -5.03 30.39
N VAL E 56 24.86 -4.86 31.57
CA VAL E 56 24.43 -5.95 32.43
C VAL E 56 22.93 -5.78 32.73
N MET E 57 22.27 -6.86 33.17
CA MET E 57 20.88 -6.83 33.59
C MET E 57 20.76 -6.00 34.87
N THR E 58 19.89 -4.95 34.83
CA THR E 58 19.65 -4.06 35.96
C THR E 58 18.18 -4.07 36.35
N HIS E 59 17.91 -3.55 37.56
CA HIS E 59 16.57 -3.19 38.00
C HIS E 59 16.61 -1.72 38.40
N SER E 60 15.72 -0.93 37.81
CA SER E 60 15.67 0.50 38.04
C SER E 60 14.36 0.89 38.76
N GLY E 61 14.32 2.15 39.22
CA GLY E 61 13.14 2.77 39.79
C GLY E 61 13.02 4.20 39.31
N LEU E 62 12.38 5.04 40.13
CA LEU E 62 12.18 6.43 39.77
C LEU E 62 13.48 7.20 39.92
N TRP E 63 14.35 6.74 40.83
CA TRP E 63 15.48 7.50 41.31
C TRP E 63 16.82 6.86 41.00
N ARG E 64 16.89 5.51 41.02
CA ARG E 64 18.16 4.79 41.01
C ARG E 64 18.12 3.60 40.04
N THR E 65 19.30 3.24 39.54
CA THR E 65 19.53 2.03 38.75
C THR E 65 20.51 1.16 39.52
N CYS E 66 20.30 -0.16 39.51
CA CYS E 66 21.04 -1.09 40.33
C CYS E 66 21.21 -2.41 39.59
N CYS E 67 22.38 -3.04 39.72
CA CYS E 67 22.73 -4.23 38.96
C CYS E 67 22.27 -5.49 39.71
N LEU E 68 21.87 -6.52 38.94
CA LEU E 68 21.46 -7.83 39.45
C LEU E 68 22.47 -8.92 39.12
N GLU E 69 23.40 -8.68 38.18
CA GLU E 69 24.42 -9.65 37.81
C GLU E 69 25.80 -9.00 37.89
N GLY E 70 26.81 -9.82 38.26
CA GLY E 70 28.22 -9.48 38.11
C GLY E 70 28.92 -9.25 39.44
N ALA E 71 30.11 -8.63 39.36
CA ALA E 71 30.90 -8.22 40.50
C ALA E 71 30.24 -7.04 41.21
N PHE E 72 29.55 -6.18 40.44
CA PHE E 72 28.90 -4.98 40.96
C PHE E 72 27.43 -5.26 41.36
N ARG E 73 27.06 -6.53 41.58
CA ARG E 73 25.69 -6.90 41.90
C ARG E 73 25.30 -6.28 43.24
N GLY E 74 24.36 -5.32 43.19
CA GLY E 74 23.93 -4.58 44.37
C GLY E 74 24.49 -3.16 44.44
N VAL E 75 25.40 -2.79 43.53
CA VAL E 75 25.78 -1.40 43.33
C VAL E 75 24.60 -0.69 42.68
N CYS E 76 24.36 0.57 43.08
CA CYS E 76 23.16 1.29 42.69
C CYS E 76 23.46 2.78 42.50
N LYS E 77 23.29 3.26 41.28
CA LYS E 77 23.68 4.59 40.84
C LYS E 77 22.43 5.43 40.56
N LYS E 78 22.53 6.73 40.88
CA LYS E 78 21.50 7.72 40.59
C LYS E 78 21.32 7.85 39.08
N ILE E 79 20.06 8.01 38.66
CA ILE E 79 19.68 8.15 37.26
C ILE E 79 20.04 9.57 36.83
N ASP E 80 20.57 9.67 35.60
CA ASP E 80 20.76 10.95 34.94
C ASP E 80 19.55 11.19 34.05
N HIS E 81 18.60 11.98 34.55
CA HIS E 81 17.37 12.25 33.84
C HIS E 81 17.68 13.12 32.62
N PHE E 82 18.66 14.04 32.78
CA PHE E 82 19.15 14.89 31.72
C PHE E 82 20.51 14.38 31.26
N PRO E 83 20.60 13.57 30.17
CA PRO E 83 21.90 13.22 29.58
C PRO E 83 22.52 14.36 28.75
N ASP E 91 13.85 20.94 22.02
CA ASP E 91 12.38 20.80 21.88
C ASP E 91 11.74 21.02 23.26
N THR E 92 10.73 21.90 23.31
CA THR E 92 10.04 22.24 24.55
C THR E 92 9.31 21.02 25.09
N ALA E 93 8.66 20.25 24.21
CA ALA E 93 7.91 19.06 24.58
C ALA E 93 8.81 18.03 25.25
N GLU E 94 9.97 17.75 24.62
CA GLU E 94 10.95 16.80 25.14
C GLU E 94 11.48 17.29 26.49
N TYR E 95 11.76 18.59 26.61
CA TYR E 95 12.31 19.15 27.83
C TYR E 95 11.31 19.00 28.97
N LEU E 96 10.06 19.37 28.71
CA LEU E 96 8.98 19.22 29.68
C LEU E 96 8.84 17.77 30.13
N LEU E 97 8.87 16.83 29.17
CA LEU E 97 8.75 15.43 29.55
C LEU E 97 9.91 15.05 30.49
N ARG E 98 11.14 15.45 30.15
CA ARG E 98 12.31 15.12 30.96
C ARG E 98 12.18 15.72 32.36
N ALA E 99 11.75 16.98 32.43
CA ALA E 99 11.60 17.69 33.70
C ALA E 99 10.57 16.99 34.60
N VAL E 100 9.37 16.75 34.06
CA VAL E 100 8.27 16.14 34.79
C VAL E 100 8.67 14.73 35.23
N ARG E 101 9.36 13.99 34.35
CA ARG E 101 9.82 12.66 34.71
C ARG E 101 10.87 12.72 35.82
N ALA E 102 11.77 13.71 35.74
CA ALA E 102 12.91 13.80 36.64
C ALA E 102 12.42 14.04 38.06
N SER E 103 11.55 15.04 38.21
CA SER E 103 10.96 15.42 39.48
C SER E 103 10.09 14.30 40.10
N SER E 104 9.47 13.46 39.26
CA SER E 104 8.44 12.51 39.67
C SER E 104 7.35 13.24 40.46
N VAL E 105 7.01 14.45 39.98
CA VAL E 105 5.99 15.28 40.59
C VAL E 105 4.67 14.52 40.70
N PHE E 106 4.30 13.74 39.65
CA PHE E 106 2.99 13.13 39.61
C PHE E 106 2.89 11.95 40.58
N PRO E 107 3.83 10.98 40.61
CA PRO E 107 3.83 9.98 41.69
C PRO E 107 3.89 10.55 43.10
N ILE E 108 4.60 11.68 43.29
CA ILE E 108 4.73 12.25 44.62
C ILE E 108 3.42 12.95 45.00
N LEU E 109 2.85 13.66 44.02
CA LEU E 109 1.56 14.29 44.23
C LEU E 109 0.49 13.24 44.56
N SER E 110 0.55 12.08 43.89
CA SER E 110 -0.35 11.00 44.22
C SER E 110 -0.20 10.57 45.68
N VAL E 111 1.04 10.44 46.16
CA VAL E 111 1.27 10.07 47.55
C VAL E 111 0.72 11.14 48.50
N THR E 112 0.97 12.42 48.19
CA THR E 112 0.49 13.53 48.99
C THR E 112 -1.03 13.52 49.15
N LEU E 113 -1.74 13.38 48.03
CA LEU E 113 -3.20 13.40 48.02
C LEU E 113 -3.75 12.19 48.77
N LEU E 114 -3.12 11.03 48.63
CA LEU E 114 -3.52 9.86 49.40
C LEU E 114 -3.33 10.12 50.88
N PHE E 115 -2.27 10.86 51.23
CA PHE E 115 -2.01 11.20 52.62
C PHE E 115 -3.15 12.04 53.18
N PHE E 116 -3.54 13.09 52.45
CA PHE E 116 -4.62 13.97 52.87
C PHE E 116 -6.00 13.29 52.84
N GLY E 117 -6.21 12.39 51.88
CA GLY E 117 -7.43 11.59 51.86
C GLY E 117 -7.57 10.79 53.15
N GLY E 118 -6.49 10.10 53.55
CA GLY E 118 -6.51 9.29 54.76
C GLY E 118 -6.69 10.13 56.00
N LEU E 119 -6.13 11.34 55.97
CA LEU E 119 -6.26 12.32 57.04
C LEU E 119 -7.72 12.70 57.22
N CYS E 120 -8.39 13.07 56.12
CA CYS E 120 -9.82 13.35 56.13
C CYS E 120 -10.63 12.15 56.62
N VAL E 121 -10.26 10.93 56.22
CA VAL E 121 -10.99 9.75 56.64
C VAL E 121 -10.95 9.66 58.16
N ALA E 122 -9.76 9.86 58.75
CA ALA E 122 -9.58 9.86 60.20
C ALA E 122 -10.45 10.95 60.84
N ALA E 123 -10.33 12.18 60.31
CA ALA E 123 -11.08 13.33 60.81
C ALA E 123 -12.60 13.14 60.71
N SER E 124 -13.09 12.26 59.84
CA SER E 124 -14.53 12.01 59.70
C SER E 124 -15.10 11.29 60.93
N GLU E 125 -14.26 10.57 61.70
CA GLU E 125 -14.71 9.88 62.89
C GLU E 125 -14.95 10.86 64.05
N PHE E 126 -14.11 11.91 64.16
CA PHE E 126 -14.11 12.79 65.30
C PHE E 126 -15.16 13.90 65.11
N HIS E 127 -14.88 14.83 64.18
CA HIS E 127 -15.71 16.00 63.93
C HIS E 127 -16.78 15.61 62.91
N ARG E 128 -17.83 14.94 63.40
CA ARG E 128 -18.86 14.33 62.57
C ARG E 128 -19.82 15.39 62.02
N SER E 129 -19.91 16.54 62.72
CA SER E 129 -20.85 17.63 62.47
C SER E 129 -20.81 18.12 61.02
N ARG E 130 -19.58 18.30 60.48
CA ARG E 130 -19.37 18.62 59.07
C ARG E 130 -19.25 17.30 58.29
N HIS E 131 -20.26 17.03 57.45
CA HIS E 131 -20.32 15.87 56.57
C HIS E 131 -19.29 15.92 55.44
N SER E 132 -18.94 17.14 54.98
CA SER E 132 -18.09 17.35 53.83
C SER E 132 -16.69 16.75 53.97
N VAL E 133 -16.23 16.45 55.20
CA VAL E 133 -14.93 15.87 55.42
C VAL E 133 -14.78 14.55 54.64
N ILE E 134 -15.77 13.64 54.74
CA ILE E 134 -15.65 12.34 54.08
C ILE E 134 -15.72 12.51 52.57
N LEU E 135 -16.53 13.47 52.10
CA LEU E 135 -16.55 13.82 50.70
C LEU E 135 -15.17 14.28 50.22
N SER E 136 -14.53 15.19 50.98
CA SER E 136 -13.20 15.65 50.61
C SER E 136 -12.20 14.49 50.55
N ALA E 137 -12.33 13.52 51.46
CA ALA E 137 -11.56 12.28 51.39
C ALA E 137 -11.74 11.64 50.02
N GLY E 138 -13.00 11.46 49.62
CA GLY E 138 -13.36 10.95 48.31
C GLY E 138 -12.68 11.70 47.17
N ILE E 139 -12.75 13.03 47.18
CA ILE E 139 -12.17 13.82 46.11
C ILE E 139 -10.65 13.66 46.09
N PHE E 140 -10.02 13.62 47.26
CA PHE E 140 -8.59 13.39 47.34
C PHE E 140 -8.19 12.05 46.72
N PHE E 141 -8.92 10.97 47.07
CA PHE E 141 -8.61 9.66 46.51
C PHE E 141 -8.81 9.61 45.01
N VAL E 142 -9.89 10.23 44.50
CA VAL E 142 -10.13 10.23 43.07
C VAL E 142 -8.98 10.96 42.37
N SER E 143 -8.63 12.15 42.89
CA SER E 143 -7.55 12.95 42.34
C SER E 143 -6.18 12.24 42.42
N ALA E 144 -5.91 11.56 43.55
CA ALA E 144 -4.72 10.75 43.71
C ALA E 144 -4.59 9.76 42.54
N GLY E 145 -5.68 9.06 42.22
CA GLY E 145 -5.69 8.14 41.10
C GLY E 145 -5.42 8.84 39.76
N LEU E 146 -5.98 10.04 39.55
CA LEU E 146 -5.67 10.74 38.31
C LEU E 146 -4.21 11.13 38.23
N SER E 147 -3.65 11.57 39.37
CA SER E 147 -2.22 11.90 39.41
C SER E 147 -1.37 10.68 39.08
N ASN E 148 -1.76 9.53 39.66
CA ASN E 148 -1.12 8.26 39.40
C ASN E 148 -1.14 7.91 37.91
N ILE E 149 -2.30 7.96 37.22
CA ILE E 149 -2.36 7.69 35.79
C ILE E 149 -1.34 8.56 35.05
N ILE E 150 -1.36 9.89 35.33
CA ILE E 150 -0.45 10.79 34.63
C ILE E 150 1.00 10.34 34.85
N GLY E 151 1.33 10.00 36.11
CA GLY E 151 2.64 9.48 36.46
C GLY E 151 3.07 8.30 35.60
N ILE E 152 2.22 7.26 35.55
CA ILE E 152 2.50 6.08 34.76
C ILE E 152 2.76 6.48 33.30
N ILE E 153 1.92 7.35 32.76
CA ILE E 153 2.06 7.70 31.35
C ILE E 153 3.38 8.44 31.12
N VAL E 154 3.72 9.37 32.03
CA VAL E 154 5.00 10.05 31.94
C VAL E 154 6.18 9.06 32.10
N TYR E 155 6.07 8.13 33.05
CA TYR E 155 7.14 7.17 33.25
C TYR E 155 7.41 6.34 31.99
N ILE E 156 6.35 5.72 31.44
CA ILE E 156 6.49 4.85 30.29
C ILE E 156 6.95 5.66 29.08
N SER E 157 6.41 6.87 28.94
CA SER E 157 6.69 7.70 27.78
C SER E 157 8.15 8.15 27.81
N ALA E 158 8.65 8.51 29.00
CA ALA E 158 10.03 8.91 29.15
C ALA E 158 11.00 7.75 28.91
N ASN E 159 10.62 6.50 29.22
CA ASN E 159 11.54 5.39 29.02
C ASN E 159 11.79 5.14 27.54
N ALA E 160 10.78 5.39 26.69
CA ALA E 160 11.01 5.50 25.25
C ALA E 160 11.83 6.78 24.98
N SER E 171 14.82 -4.60 25.00
CA SER E 171 13.86 -5.45 25.75
C SER E 171 13.86 -5.06 27.22
N TYR E 172 12.66 -5.11 27.84
CA TYR E 172 12.47 -4.74 29.23
C TYR E 172 11.26 -5.47 29.81
N SER E 173 11.08 -5.35 31.13
CA SER E 173 9.87 -5.79 31.81
C SER E 173 9.66 -4.94 33.06
N TYR E 174 8.41 -4.86 33.52
CA TYR E 174 8.06 -4.08 34.69
C TYR E 174 8.17 -4.98 35.91
N GLY E 175 8.67 -4.42 37.02
CA GLY E 175 8.74 -5.17 38.27
C GLY E 175 7.60 -4.83 39.21
N TRP E 176 7.74 -5.29 40.45
CA TRP E 176 6.65 -5.27 41.43
C TRP E 176 6.38 -3.85 41.92
N SER E 177 7.39 -2.96 41.89
CA SER E 177 7.16 -1.59 42.32
C SER E 177 6.16 -0.90 41.40
N PHE E 178 6.34 -1.11 40.09
CA PHE E 178 5.42 -0.66 39.08
C PHE E 178 4.00 -1.15 39.38
N TYR E 179 3.84 -2.45 39.58
CA TYR E 179 2.53 -3.02 39.86
C TYR E 179 1.94 -2.52 41.17
N PHE E 180 2.77 -2.14 42.15
CA PHE E 180 2.25 -1.53 43.36
C PHE E 180 1.62 -0.18 43.07
N GLY E 181 2.27 0.64 42.23
CA GLY E 181 1.67 1.88 41.78
C GLY E 181 0.31 1.66 41.10
N ALA E 182 0.24 0.61 40.27
CA ALA E 182 -0.98 0.27 39.55
C ALA E 182 -2.08 -0.19 40.51
N PHE E 183 -1.74 -1.00 41.51
CA PHE E 183 -2.72 -1.47 42.48
C PHE E 183 -3.18 -0.32 43.37
N SER E 184 -2.27 0.63 43.67
CA SER E 184 -2.64 1.81 44.42
C SER E 184 -3.72 2.59 43.67
N PHE E 185 -3.57 2.72 42.34
CA PHE E 185 -4.55 3.44 41.55
C PHE E 185 -5.91 2.78 41.68
N ILE E 186 -5.94 1.45 41.50
CA ILE E 186 -7.20 0.73 41.59
C ILE E 186 -7.84 0.91 42.96
N ILE E 187 -7.06 0.74 44.05
CA ILE E 187 -7.64 0.85 45.39
C ILE E 187 -8.10 2.28 45.65
N ALA E 188 -7.30 3.28 45.29
CA ALA E 188 -7.71 4.66 45.49
C ALA E 188 -9.06 4.94 44.83
N GLU E 189 -9.26 4.47 43.60
CA GLU E 189 -10.51 4.71 42.89
C GLU E 189 -11.68 3.99 43.57
N ILE E 190 -11.46 2.77 44.09
CA ILE E 190 -12.50 2.07 44.85
C ILE E 190 -12.85 2.85 46.11
N VAL E 191 -11.84 3.33 46.84
CA VAL E 191 -12.08 4.05 48.08
C VAL E 191 -12.77 5.38 47.80
N GLY E 192 -12.40 6.07 46.73
CA GLY E 192 -13.08 7.30 46.34
C GLY E 192 -14.57 7.06 46.14
N VAL E 193 -14.90 5.94 45.49
CA VAL E 193 -16.28 5.63 45.19
C VAL E 193 -17.03 5.36 46.50
N VAL E 194 -16.42 4.61 47.42
CA VAL E 194 -17.06 4.29 48.69
C VAL E 194 -17.22 5.54 49.56
N ALA E 195 -16.19 6.36 49.68
CA ALA E 195 -16.32 7.62 50.38
C ALA E 195 -17.49 8.45 49.87
N VAL E 196 -17.63 8.57 48.54
CA VAL E 196 -18.71 9.35 47.98
C VAL E 196 -20.05 8.73 48.33
N HIS E 197 -20.16 7.39 48.30
CA HIS E 197 -21.36 6.72 48.74
C HIS E 197 -21.70 7.04 50.20
N ILE E 198 -20.71 7.02 51.09
CA ILE E 198 -20.95 7.35 52.49
C ILE E 198 -21.60 8.73 52.59
N TYR E 199 -21.02 9.73 51.95
CA TYR E 199 -21.58 11.07 51.96
C TYR E 199 -23.00 11.14 51.40
N ILE E 200 -23.30 10.34 50.37
CA ILE E 200 -24.63 10.31 49.78
C ILE E 200 -25.61 9.74 50.80
N GLU E 201 -25.26 8.63 51.45
CA GLU E 201 -26.10 8.03 52.47
C GLU E 201 -26.37 9.03 53.59
N LYS E 202 -25.38 9.86 53.92
CA LYS E 202 -25.51 10.83 55.00
C LYS E 202 -26.51 11.91 54.59
N HIS E 203 -26.31 12.54 53.43
CA HIS E 203 -27.22 13.57 52.94
C HIS E 203 -28.60 13.03 52.55
N GLN E 204 -28.79 11.71 52.42
CA GLN E 204 -30.10 11.13 52.14
C GLN E 204 -30.80 10.66 53.41
N GLN E 205 -30.05 10.46 54.51
CA GLN E 205 -30.63 10.09 55.79
C GLN E 205 -31.11 11.36 56.52
N LEU E 206 -30.29 12.43 56.53
CA LEU E 206 -30.54 13.58 57.40
C LEU E 206 -31.52 14.57 56.78
N ARG E 207 -31.74 14.55 55.46
CA ARG E 207 -32.70 15.42 54.80
C ARG E 207 -34.14 14.95 55.10
N ALA E 208 -34.35 13.63 55.21
CA ALA E 208 -35.63 13.02 55.52
C ALA E 208 -35.72 12.75 57.03
N ASP F 4 -31.74 40.01 34.97
CA ASP F 4 -30.51 39.97 34.11
C ASP F 4 -30.76 40.66 32.77
N ARG F 5 -31.80 41.50 32.67
CA ARG F 5 -32.14 42.19 31.43
C ARG F 5 -31.03 43.20 31.08
N GLY F 6 -30.54 43.93 32.10
CA GLY F 6 -29.48 44.91 31.93
C GLY F 6 -28.16 44.30 31.45
N ILE F 7 -27.73 43.22 32.12
CA ILE F 7 -26.49 42.54 31.76
C ILE F 7 -26.59 41.95 30.34
N GLN F 8 -27.73 41.34 29.98
CA GLN F 8 -27.93 40.78 28.66
C GLN F 8 -27.82 41.87 27.60
N MET F 9 -28.44 43.02 27.83
CA MET F 9 -28.39 44.11 26.87
C MET F 9 -26.99 44.74 26.84
N LEU F 10 -26.27 44.74 27.97
CA LEU F 10 -24.90 45.24 27.97
C LEU F 10 -24.00 44.34 27.12
N ILE F 11 -24.04 43.03 27.40
CA ILE F 11 -23.33 42.03 26.61
C ILE F 11 -23.68 42.20 25.13
N THR F 12 -24.97 42.34 24.80
CA THR F 12 -25.38 42.49 23.42
C THR F 12 -24.72 43.72 22.79
N THR F 13 -24.79 44.87 23.47
CA THR F 13 -24.38 46.13 22.88
C THR F 13 -22.85 46.21 22.74
N VAL F 14 -22.14 45.93 23.82
CA VAL F 14 -20.69 45.87 23.82
C VAL F 14 -20.22 44.85 22.79
N GLY F 15 -20.79 43.63 22.86
CA GLY F 15 -20.50 42.56 21.93
C GLY F 15 -20.70 42.97 20.47
N ALA F 16 -21.84 43.62 20.18
CA ALA F 16 -22.11 44.07 18.82
C ALA F 16 -21.03 45.04 18.34
N PHE F 17 -20.62 45.96 19.22
CA PHE F 17 -19.59 46.93 18.88
C PHE F 17 -18.24 46.24 18.67
N ALA F 18 -17.85 45.40 19.62
CA ALA F 18 -16.66 44.58 19.53
C ALA F 18 -16.59 43.83 18.20
N ALA F 19 -17.68 43.12 17.83
CA ALA F 19 -17.66 42.27 16.66
C ALA F 19 -17.49 43.12 15.41
N PHE F 20 -18.27 44.21 15.32
CA PHE F 20 -18.17 45.14 14.20
C PHE F 20 -16.77 45.73 14.07
N SER F 21 -16.18 46.16 15.20
CA SER F 21 -14.87 46.79 15.20
C SER F 21 -13.79 45.82 14.71
N LEU F 22 -13.70 44.67 15.38
CA LEU F 22 -12.81 43.60 14.99
C LEU F 22 -12.93 43.26 13.50
N MET F 23 -14.15 43.14 12.98
CA MET F 23 -14.32 42.71 11.61
C MET F 23 -13.91 43.83 10.65
N THR F 24 -14.17 45.10 11.03
CA THR F 24 -13.83 46.24 10.18
C THR F 24 -12.33 46.44 10.11
N ILE F 25 -11.67 46.36 11.26
CA ILE F 25 -10.21 46.36 11.32
C ILE F 25 -9.67 45.26 10.41
N ALA F 26 -10.14 44.03 10.59
CA ALA F 26 -9.66 42.89 9.83
C ALA F 26 -9.78 43.14 8.32
N VAL F 27 -10.93 43.67 7.87
CA VAL F 27 -11.11 43.89 6.44
C VAL F 27 -10.16 44.99 5.96
N GLY F 28 -9.94 46.02 6.80
CA GLY F 28 -9.09 47.15 6.44
C GLY F 28 -7.60 46.83 6.45
N THR F 29 -7.13 46.18 7.52
CA THR F 29 -5.71 45.98 7.76
C THR F 29 -5.15 44.88 6.85
N ASP F 30 -3.80 44.73 6.88
CA ASP F 30 -3.01 43.92 5.96
C ASP F 30 -2.12 42.92 6.67
N TYR F 31 -2.58 42.31 7.75
CA TYR F 31 -1.79 41.31 8.44
C TYR F 31 -2.55 39.99 8.46
N TRP F 32 -3.16 39.61 7.32
CA TRP F 32 -3.80 38.31 7.21
C TRP F 32 -2.75 37.21 7.13
N LEU F 33 -1.80 37.35 6.20
CA LEU F 33 -0.87 36.27 5.88
C LEU F 33 0.56 36.76 5.91
N TYR F 34 1.44 36.00 6.57
CA TYR F 34 2.88 36.21 6.50
C TYR F 34 3.51 35.17 5.59
N SER F 35 3.64 35.47 4.29
CA SER F 35 4.34 34.60 3.34
C SER F 35 5.52 35.32 2.69
N ARG F 36 6.37 34.56 1.98
CA ARG F 36 7.47 35.09 1.19
C ARG F 36 6.97 35.52 -0.18
N GLY F 37 7.42 36.68 -0.67
CA GLY F 37 6.88 37.27 -1.87
C GLY F 37 7.55 38.59 -2.22
N VAL F 38 6.85 39.41 -3.01
CA VAL F 38 7.43 40.63 -3.58
C VAL F 38 6.37 41.74 -3.62
N CYS F 39 6.76 42.92 -3.12
CA CYS F 39 5.94 44.13 -3.16
C CYS F 39 6.20 44.97 -4.42
N ARG F 40 7.10 44.51 -5.31
CA ARG F 40 7.70 45.32 -6.37
C ARG F 40 6.70 45.60 -7.49
N THR F 41 6.48 46.89 -7.73
CA THR F 41 5.44 47.42 -8.59
C THR F 41 5.74 47.12 -10.07
N GLU F 55 12.95 36.80 -3.69
CA GLU F 55 11.69 37.19 -3.00
C GLU F 55 11.94 37.32 -1.50
N VAL F 56 11.10 38.12 -0.85
CA VAL F 56 11.31 38.61 0.51
C VAL F 56 10.10 38.21 1.37
N MET F 57 10.28 38.30 2.69
CA MET F 57 9.21 38.07 3.65
C MET F 57 8.21 39.22 3.55
N THR F 58 6.93 38.90 3.29
CA THR F 58 5.86 39.88 3.16
C THR F 58 4.76 39.61 4.18
N HIS F 59 3.91 40.62 4.37
CA HIS F 59 2.64 40.50 5.08
C HIS F 59 1.56 41.01 4.14
N SER F 60 0.55 40.17 3.91
CA SER F 60 -0.52 40.49 2.99
C SER F 60 -1.85 40.62 3.74
N GLY F 61 -2.86 41.13 3.03
CA GLY F 61 -4.24 41.19 3.49
C GLY F 61 -5.18 40.79 2.37
N LEU F 62 -6.41 41.30 2.43
CA LEU F 62 -7.41 41.02 1.41
C LEU F 62 -7.07 41.79 0.14
N TRP F 63 -6.40 42.94 0.30
CA TRP F 63 -6.30 43.94 -0.75
C TRP F 63 -4.87 44.20 -1.22
N ARG F 64 -3.89 44.14 -0.30
CA ARG F 64 -2.53 44.60 -0.56
C ARG F 64 -1.51 43.61 -0.01
N THR F 65 -0.33 43.59 -0.65
CA THR F 65 0.84 42.85 -0.19
C THR F 65 1.94 43.88 0.07
N CYS F 66 2.69 43.67 1.15
CA CYS F 66 3.64 44.65 1.65
C CYS F 66 4.85 43.94 2.25
N CYS F 67 6.04 44.49 2.02
CA CYS F 67 7.31 43.87 2.42
C CYS F 67 7.66 44.30 3.84
N LEU F 68 8.27 43.37 4.59
CA LEU F 68 8.67 43.55 5.98
C LEU F 68 10.20 43.57 6.15
N GLU F 69 10.94 43.05 5.16
CA GLU F 69 12.39 43.10 5.13
C GLU F 69 12.84 43.60 3.76
N GLY F 70 13.98 44.31 3.75
CA GLY F 70 14.64 44.76 2.54
C GLY F 70 14.64 46.28 2.40
N ALA F 71 15.06 46.75 1.21
CA ALA F 71 15.13 48.16 0.87
C ALA F 71 13.72 48.73 0.70
N PHE F 72 12.79 47.90 0.21
CA PHE F 72 11.41 48.28 -0.04
C PHE F 72 10.51 48.01 1.18
N ARG F 73 11.08 47.95 2.39
CA ARG F 73 10.33 47.63 3.60
C ARG F 73 9.29 48.72 3.84
N GLY F 74 8.01 48.36 3.71
CA GLY F 74 6.89 49.28 3.85
C GLY F 74 6.27 49.68 2.52
N VAL F 75 6.87 49.28 1.38
CA VAL F 75 6.21 49.37 0.09
C VAL F 75 5.09 48.32 0.07
N CYS F 76 3.96 48.67 -0.54
CA CYS F 76 2.76 47.85 -0.58
C CYS F 76 2.17 47.86 -1.99
N LYS F 77 2.12 46.70 -2.66
CA LYS F 77 1.44 46.61 -3.96
C LYS F 77 0.06 45.99 -3.79
N LYS F 78 -0.91 46.52 -4.55
CA LYS F 78 -2.22 45.91 -4.75
C LYS F 78 -2.06 44.51 -5.34
N ILE F 79 -2.89 43.59 -4.84
CA ILE F 79 -2.86 42.19 -5.20
C ILE F 79 -3.46 42.05 -6.60
N ASP F 80 -2.85 41.18 -7.41
CA ASP F 80 -3.42 40.77 -8.68
C ASP F 80 -4.16 39.46 -8.42
N HIS F 81 -5.48 39.57 -8.25
CA HIS F 81 -6.31 38.41 -7.94
C HIS F 81 -6.37 37.50 -9.16
N PHE F 82 -6.40 38.11 -10.34
CA PHE F 82 -6.34 37.44 -11.63
C PHE F 82 -4.93 37.61 -12.22
N PRO F 83 -3.99 36.65 -12.04
CA PRO F 83 -2.68 36.73 -12.66
C PRO F 83 -2.69 36.38 -14.16
N ASP F 91 -11.39 26.94 -16.09
CA ASP F 91 -12.27 26.14 -15.18
C ASP F 91 -13.24 27.11 -14.49
N THR F 92 -14.54 26.79 -14.54
CA THR F 92 -15.59 27.63 -13.97
C THR F 92 -15.42 27.74 -12.46
N ALA F 93 -15.12 26.61 -11.80
CA ALA F 93 -14.97 26.57 -10.35
C ALA F 93 -13.82 27.47 -9.90
N GLU F 94 -12.66 27.35 -10.58
CA GLU F 94 -11.49 28.17 -10.29
C GLU F 94 -11.80 29.64 -10.52
N TYR F 95 -12.51 29.97 -11.60
CA TYR F 95 -12.83 31.35 -11.93
C TYR F 95 -13.72 31.95 -10.84
N LEU F 96 -14.78 31.22 -10.47
CA LEU F 96 -15.67 31.62 -9.39
C LEU F 96 -14.91 31.85 -8.10
N LEU F 97 -14.01 30.94 -7.74
CA LEU F 97 -13.21 31.12 -6.53
C LEU F 97 -12.42 32.41 -6.61
N ARG F 98 -11.76 32.68 -7.74
CA ARG F 98 -10.95 33.87 -7.92
C ARG F 98 -11.82 35.12 -7.80
N ALA F 99 -13.00 35.10 -8.44
CA ALA F 99 -13.92 36.24 -8.41
C ALA F 99 -14.39 36.56 -7.00
N VAL F 100 -14.90 35.54 -6.30
CA VAL F 100 -15.44 35.66 -4.95
C VAL F 100 -14.30 36.13 -4.02
N ARG F 101 -13.09 35.57 -4.19
CA ARG F 101 -11.96 35.99 -3.38
C ARG F 101 -11.58 37.44 -3.67
N ALA F 102 -11.62 37.84 -4.94
CA ALA F 102 -11.13 39.13 -5.38
C ALA F 102 -11.99 40.22 -4.76
N SER F 103 -13.31 40.07 -4.92
CA SER F 103 -14.30 41.00 -4.40
C SER F 103 -14.29 41.10 -2.87
N SER F 104 -13.93 40.00 -2.18
CA SER F 104 -14.07 39.85 -0.73
C SER F 104 -15.51 40.15 -0.32
N VAL F 105 -16.45 39.68 -1.16
CA VAL F 105 -17.86 39.88 -0.93
C VAL F 105 -18.27 39.34 0.46
N PHE F 106 -17.72 38.18 0.88
CA PHE F 106 -18.18 37.54 2.09
C PHE F 106 -17.69 38.28 3.34
N PRO F 107 -16.39 38.62 3.49
CA PRO F 107 -15.98 39.53 4.57
C PRO F 107 -16.70 40.88 4.60
N ILE F 108 -17.04 41.43 3.42
CA ILE F 108 -17.70 42.74 3.39
C ILE F 108 -19.16 42.59 3.79
N LEU F 109 -19.79 41.51 3.30
CA LEU F 109 -21.15 41.20 3.68
C LEU F 109 -21.24 40.96 5.19
N SER F 110 -20.24 40.29 5.78
CA SER F 110 -20.21 40.12 7.21
C SER F 110 -20.15 41.46 7.92
N VAL F 111 -19.35 42.42 7.43
CA VAL F 111 -19.29 43.75 8.04
C VAL F 111 -20.64 44.45 7.94
N THR F 112 -21.28 44.37 6.77
CA THR F 112 -22.58 44.99 6.54
C THR F 112 -23.65 44.48 7.52
N LEU F 113 -23.73 43.15 7.65
CA LEU F 113 -24.72 42.52 8.50
C LEU F 113 -24.46 42.86 9.97
N LEU F 114 -23.19 42.91 10.39
CA LEU F 114 -22.87 43.34 11.74
C LEU F 114 -23.30 44.78 11.95
N PHE F 115 -23.19 45.61 10.90
CA PHE F 115 -23.60 46.99 10.99
C PHE F 115 -25.10 47.08 11.26
N PHE F 116 -25.90 46.34 10.48
CA PHE F 116 -27.35 46.33 10.64
C PHE F 116 -27.80 45.66 11.93
N GLY F 117 -27.09 44.64 12.37
CA GLY F 117 -27.36 44.06 13.67
C GLY F 117 -27.25 45.09 14.78
N GLY F 118 -26.15 45.85 14.78
CA GLY F 118 -25.90 46.86 15.78
C GLY F 118 -26.96 47.97 15.72
N LEU F 119 -27.39 48.28 14.50
CA LEU F 119 -28.44 49.25 14.26
C LEU F 119 -29.75 48.82 14.91
N CYS F 120 -30.16 47.57 14.66
CA CYS F 120 -31.32 46.98 15.32
C CYS F 120 -31.17 46.98 16.83
N VAL F 121 -29.96 46.70 17.34
CA VAL F 121 -29.75 46.66 18.79
C VAL F 121 -30.06 48.04 19.36
N ALA F 122 -29.58 49.10 18.71
CA ALA F 122 -29.86 50.47 19.10
C ALA F 122 -31.37 50.74 19.05
N ALA F 123 -31.99 50.41 17.92
CA ALA F 123 -33.43 50.60 17.72
C ALA F 123 -34.30 49.83 18.74
N SER F 124 -33.76 48.78 19.36
CA SER F 124 -34.51 48.00 20.35
C SER F 124 -34.74 48.79 21.64
N GLU F 125 -33.92 49.82 21.91
CA GLU F 125 -34.08 50.66 23.09
C GLU F 125 -35.29 51.59 22.97
N PHE F 126 -35.59 52.06 21.76
CA PHE F 126 -36.70 52.99 21.54
C PHE F 126 -38.02 52.22 21.41
N HIS F 127 -38.18 51.43 20.33
CA HIS F 127 -39.44 50.81 19.96
C HIS F 127 -39.60 49.48 20.70
N ARG F 128 -40.02 49.58 21.97
CA ARG F 128 -40.17 48.44 22.88
C ARG F 128 -41.45 47.66 22.52
N SER F 129 -42.44 48.34 21.91
CA SER F 129 -43.68 47.76 21.43
C SER F 129 -43.42 46.61 20.45
N ARG F 130 -42.50 46.83 19.50
CA ARG F 130 -42.14 45.84 18.49
C ARG F 130 -40.93 45.06 19.01
N HIS F 131 -41.17 43.81 19.44
CA HIS F 131 -40.13 42.96 20.00
C HIS F 131 -39.23 42.37 18.92
N SER F 132 -39.75 42.23 17.68
CA SER F 132 -39.03 41.59 16.60
C SER F 132 -37.71 42.28 16.24
N VAL F 133 -37.54 43.55 16.61
CA VAL F 133 -36.32 44.28 16.33
C VAL F 133 -35.10 43.55 16.91
N ILE F 134 -35.15 43.14 18.19
CA ILE F 134 -33.99 42.51 18.82
C ILE F 134 -33.75 41.13 18.21
N LEU F 135 -34.83 40.44 17.84
CA LEU F 135 -34.70 39.19 17.11
C LEU F 135 -33.98 39.40 15.78
N SER F 136 -34.37 40.41 15.01
CA SER F 136 -33.71 40.69 13.75
C SER F 136 -32.22 40.99 13.95
N ALA F 137 -31.88 41.70 15.05
CA ALA F 137 -30.50 41.87 15.43
C ALA F 137 -29.80 40.52 15.53
N GLY F 138 -30.42 39.61 16.30
CA GLY F 138 -29.95 38.24 16.45
C GLY F 138 -29.70 37.56 15.12
N ILE F 139 -30.66 37.63 14.19
CA ILE F 139 -30.52 36.95 12.93
C ILE F 139 -29.42 37.58 12.08
N PHE F 140 -29.28 38.91 12.13
CA PHE F 140 -28.17 39.58 11.47
C PHE F 140 -26.82 39.09 11.98
N PHE F 141 -26.66 39.00 13.31
CA PHE F 141 -25.41 38.54 13.88
C PHE F 141 -25.12 37.09 13.53
N VAL F 142 -26.14 36.22 13.56
CA VAL F 142 -25.93 34.82 13.21
C VAL F 142 -25.49 34.73 11.76
N SER F 143 -26.19 35.45 10.87
CA SER F 143 -25.86 35.48 9.45
C SER F 143 -24.48 36.07 9.16
N ALA F 144 -24.12 37.16 9.87
CA ALA F 144 -22.78 37.74 9.79
C ALA F 144 -21.72 36.67 10.04
N GLY F 145 -21.92 35.85 11.08
CA GLY F 145 -20.99 34.77 11.37
C GLY F 145 -20.94 33.71 10.26
N LEU F 146 -22.08 33.37 9.65
CA LEU F 146 -22.04 32.43 8.54
C LEU F 146 -21.29 33.03 7.35
N SER F 147 -21.51 34.33 7.08
CA SER F 147 -20.79 35.01 6.01
C SER F 147 -19.28 34.98 6.27
N ASN F 148 -18.90 35.24 7.52
CA ASN F 148 -17.53 35.17 7.98
C ASN F 148 -16.91 33.79 7.71
N ILE F 149 -17.54 32.69 8.14
CA ILE F 149 -17.02 31.35 7.88
C ILE F 149 -16.78 31.19 6.38
N ILE F 150 -17.76 31.55 5.53
CA ILE F 150 -17.59 31.38 4.09
C ILE F 150 -16.37 32.16 3.63
N GLY F 151 -16.25 33.41 4.10
CA GLY F 151 -15.08 34.24 3.81
C GLY F 151 -13.75 33.53 4.11
N ILE F 152 -13.60 33.05 5.33
CA ILE F 152 -12.38 32.36 5.74
C ILE F 152 -12.11 31.19 4.80
N ILE F 153 -13.15 30.40 4.49
CA ILE F 153 -12.92 29.22 3.65
C ILE F 153 -12.49 29.64 2.24
N VAL F 154 -13.12 30.68 1.69
CA VAL F 154 -12.70 31.22 0.41
C VAL F 154 -11.27 31.77 0.48
N TYR F 155 -10.93 32.51 1.54
CA TYR F 155 -9.59 33.07 1.66
C TYR F 155 -8.52 31.97 1.67
N ILE F 156 -8.67 31.00 2.55
CA ILE F 156 -7.69 29.93 2.70
C ILE F 156 -7.63 29.11 1.42
N SER F 157 -8.79 28.83 0.83
CA SER F 157 -8.86 27.99 -0.35
C SER F 157 -8.19 28.68 -1.53
N ALA F 158 -8.42 29.99 -1.68
CA ALA F 158 -7.80 30.75 -2.74
C ALA F 158 -6.29 30.84 -2.57
N ASN F 159 -5.75 30.85 -1.35
CA ASN F 159 -4.31 30.97 -1.17
C ASN F 159 -3.59 29.72 -1.68
N ALA F 160 -4.22 28.56 -1.55
CA ALA F 160 -3.78 27.38 -2.29
C ALA F 160 -4.05 27.59 -3.78
N SER F 171 5.80 27.84 2.76
CA SER F 171 5.54 28.04 4.21
C SER F 171 4.91 29.41 4.44
N TYR F 172 3.96 29.48 5.40
CA TYR F 172 3.21 30.69 5.69
C TYR F 172 2.71 30.66 7.13
N SER F 173 2.19 31.79 7.58
CA SER F 173 1.53 31.89 8.88
C SER F 173 0.47 32.98 8.80
N TYR F 174 -0.58 32.85 9.64
CA TYR F 174 -1.65 33.85 9.67
C TYR F 174 -1.27 34.92 10.68
N GLY F 175 -1.59 36.17 10.36
CA GLY F 175 -1.35 37.27 11.28
C GLY F 175 -2.61 37.68 12.04
N TRP F 176 -2.50 38.81 12.71
CA TRP F 176 -3.48 39.24 13.69
C TRP F 176 -4.78 39.68 13.01
N SER F 177 -4.71 40.15 11.75
CA SER F 177 -5.93 40.55 11.05
C SER F 177 -6.84 39.35 10.85
N PHE F 178 -6.24 38.24 10.43
CA PHE F 178 -6.93 36.97 10.32
C PHE F 178 -7.62 36.60 11.63
N TYR F 179 -6.88 36.60 12.73
CA TYR F 179 -7.44 36.24 14.03
C TYR F 179 -8.51 37.22 14.48
N PHE F 180 -8.46 38.47 14.06
CA PHE F 180 -9.53 39.40 14.35
C PHE F 180 -10.82 38.98 13.66
N GLY F 181 -10.74 38.57 12.40
CA GLY F 181 -11.90 38.03 11.70
C GLY F 181 -12.48 36.82 12.43
N ALA F 182 -11.60 35.94 12.91
CA ALA F 182 -12.00 34.74 13.64
C ALA F 182 -12.68 35.08 14.98
N PHE F 183 -12.13 36.07 15.70
N PHE F 183 -12.13 36.07 15.70
CA PHE F 183 -12.72 36.48 16.98
CA PHE F 183 -12.71 36.48 16.97
C PHE F 183 -14.05 37.19 16.74
C PHE F 183 -14.05 37.19 16.74
N SER F 184 -14.16 37.91 15.63
CA SER F 184 -15.43 38.55 15.26
C SER F 184 -16.50 37.48 15.07
N PHE F 185 -16.15 36.36 14.43
CA PHE F 185 -17.11 35.29 14.24
C PHE F 185 -17.60 34.77 15.57
N ILE F 186 -16.66 34.48 16.48
CA ILE F 186 -17.05 33.97 17.79
C ILE F 186 -17.95 34.96 18.53
N ILE F 187 -17.58 36.26 18.54
CA ILE F 187 -18.39 37.24 19.26
C ILE F 187 -19.77 37.39 18.62
N ALA F 188 -19.82 37.48 17.29
CA ALA F 188 -21.10 37.59 16.60
C ALA F 188 -22.04 36.44 16.97
N GLU F 189 -21.52 35.21 17.00
CA GLU F 189 -22.34 34.07 17.36
C GLU F 189 -22.83 34.13 18.81
N ILE F 190 -21.98 34.60 19.73
CA ILE F 190 -22.41 34.77 21.11
C ILE F 190 -23.49 35.84 21.20
N VAL F 191 -23.32 36.96 20.51
CA VAL F 191 -24.31 38.03 20.55
C VAL F 191 -25.62 37.60 19.90
N GLY F 192 -25.56 36.83 18.81
CA GLY F 192 -26.76 36.30 18.23
C GLY F 192 -27.56 35.46 19.22
N VAL F 193 -26.84 34.64 19.99
CA VAL F 193 -27.50 33.76 20.95
C VAL F 193 -28.14 34.59 22.04
N VAL F 194 -27.46 35.64 22.52
CA VAL F 194 -27.99 36.47 23.59
C VAL F 194 -29.20 37.26 23.10
N ALA F 195 -29.11 37.87 21.92
CA ALA F 195 -30.25 38.54 21.35
C ALA F 195 -31.47 37.64 21.28
N VAL F 196 -31.30 36.40 20.80
CA VAL F 196 -32.42 35.48 20.68
C VAL F 196 -32.98 35.17 22.08
N HIS F 197 -32.12 35.00 23.08
CA HIS F 197 -32.59 34.81 24.44
C HIS F 197 -33.42 35.99 24.93
N ILE F 198 -32.98 37.23 24.68
CA ILE F 198 -33.74 38.41 25.07
C ILE F 198 -35.16 38.32 24.50
N TYR F 199 -35.28 38.08 23.20
CA TYR F 199 -36.58 37.96 22.56
C TYR F 199 -37.45 36.85 23.16
N ILE F 200 -36.84 35.74 23.54
CA ILE F 200 -37.56 34.63 24.12
C ILE F 200 -38.10 35.03 25.48
N GLU F 201 -37.25 35.66 26.31
CA GLU F 201 -37.68 36.14 27.61
C GLU F 201 -38.84 37.10 27.47
N LYS F 202 -38.82 37.93 26.43
CA LYS F 202 -39.87 38.91 26.22
C LYS F 202 -41.19 38.22 25.90
N HIS F 203 -41.20 37.34 24.89
CA HIS F 203 -42.40 36.60 24.51
C HIS F 203 -42.86 35.60 25.56
N GLN F 204 -42.02 35.25 26.55
CA GLN F 204 -42.43 34.33 27.62
C GLN F 204 -42.87 35.08 28.87
N GLN F 205 -42.51 36.37 28.99
CA GLN F 205 -42.96 37.20 30.10
C GLN F 205 -44.34 37.78 29.81
N LEU F 206 -44.57 38.27 28.57
CA LEU F 206 -45.78 39.02 28.25
C LEU F 206 -46.98 38.10 27.97
N ARG F 207 -46.73 36.83 27.57
CA ARG F 207 -47.81 35.90 27.28
C ARG F 207 -48.45 35.40 28.59
N ALA F 208 -47.63 35.25 29.65
CA ALA F 208 -48.04 34.78 30.96
C ALA F 208 -48.35 35.99 31.87
N ASP G 4 -59.53 18.80 1.85
CA ASP G 4 -58.31 18.32 1.16
C ASP G 4 -58.55 16.96 0.49
N ARG G 5 -59.77 16.40 0.57
CA ARG G 5 -60.07 15.11 -0.04
C ARG G 5 -60.00 15.23 -1.57
N GLY G 6 -60.54 16.33 -2.12
CA GLY G 6 -60.52 16.61 -3.56
C GLY G 6 -59.10 16.75 -4.12
N ILE G 7 -58.27 17.56 -3.47
CA ILE G 7 -56.89 17.79 -3.90
C ILE G 7 -56.10 16.48 -3.84
N GLN G 8 -56.25 15.71 -2.75
CA GLN G 8 -55.56 14.42 -2.62
C GLN G 8 -55.94 13.48 -3.76
N MET G 9 -57.23 13.40 -4.08
CA MET G 9 -57.69 12.51 -5.15
C MET G 9 -57.27 13.06 -6.52
N LEU G 10 -57.17 14.39 -6.68
CA LEU G 10 -56.68 14.95 -7.92
C LEU G 10 -55.21 14.58 -8.14
N ILE G 11 -54.38 14.86 -7.13
CA ILE G 11 -52.97 14.47 -7.14
C ILE G 11 -52.85 12.98 -7.46
N THR G 12 -53.65 12.14 -6.78
CA THR G 12 -53.60 10.70 -7.01
C THR G 12 -53.87 10.37 -8.47
N THR G 13 -54.97 10.93 -9.03
CA THR G 13 -55.44 10.51 -10.34
C THR G 13 -54.52 11.02 -11.45
N VAL G 14 -54.19 12.32 -11.42
CA VAL G 14 -53.24 12.91 -12.35
C VAL G 14 -51.91 12.17 -12.26
N GLY G 15 -51.41 12.03 -11.02
CA GLY G 15 -50.17 11.33 -10.72
C GLY G 15 -50.15 9.91 -11.29
N ALA G 16 -51.23 9.15 -11.06
CA ALA G 16 -51.31 7.80 -11.58
C ALA G 16 -51.21 7.79 -13.10
N PHE G 17 -51.89 8.73 -13.76
CA PHE G 17 -51.85 8.82 -15.22
C PHE G 17 -50.44 9.19 -15.69
N ALA G 18 -49.87 10.25 -15.09
CA ALA G 18 -48.51 10.67 -15.36
C ALA G 18 -47.53 9.51 -15.26
N ALA G 19 -47.58 8.75 -14.15
CA ALA G 19 -46.61 7.68 -13.91
C ALA G 19 -46.74 6.60 -14.98
N PHE G 20 -47.98 6.18 -15.24
CA PHE G 20 -48.26 5.19 -16.26
C PHE G 20 -47.75 5.65 -17.64
N SER G 21 -48.05 6.90 -18.01
CA SER G 21 -47.67 7.44 -19.31
C SER G 21 -46.16 7.44 -19.49
N LEU G 22 -45.47 8.12 -18.56
CA LEU G 22 -44.02 8.16 -18.53
C LEU G 22 -43.41 6.77 -18.65
N MET G 23 -43.93 5.80 -17.88
CA MET G 23 -43.30 4.48 -17.88
C MET G 23 -43.56 3.76 -19.20
N THR G 24 -44.75 3.95 -19.80
CA THR G 24 -45.09 3.27 -21.05
C THR G 24 -44.28 3.84 -22.21
N ILE G 25 -44.18 5.18 -22.27
CA ILE G 25 -43.30 5.83 -23.22
C ILE G 25 -41.89 5.26 -23.08
N ALA G 26 -41.35 5.28 -21.86
CA ALA G 26 -39.99 4.84 -21.61
C ALA G 26 -39.77 3.42 -22.12
N VAL G 27 -40.71 2.50 -21.85
CA VAL G 27 -40.53 1.12 -22.28
C VAL G 27 -40.58 1.03 -23.80
N GLY G 28 -41.45 1.83 -24.42
CA GLY G 28 -41.62 1.83 -25.87
C GLY G 28 -40.47 2.47 -26.64
N THR G 29 -40.07 3.69 -26.21
CA THR G 29 -39.11 4.50 -26.94
C THR G 29 -37.69 3.97 -26.81
N ASP G 30 -36.74 4.54 -27.59
CA ASP G 30 -35.38 4.03 -27.73
C ASP G 30 -34.32 5.11 -27.52
N TYR G 31 -34.50 5.92 -26.48
CA TYR G 31 -33.47 6.88 -26.10
C TYR G 31 -33.03 6.60 -24.67
N TRP G 32 -32.81 5.32 -24.33
CA TRP G 32 -32.25 4.97 -23.04
C TRP G 32 -30.77 5.35 -22.98
N LEU G 33 -30.00 4.90 -23.98
CA LEU G 33 -28.55 5.01 -23.97
C LEU G 33 -28.03 5.64 -25.24
N TYR G 34 -27.13 6.62 -25.11
CA TYR G 34 -26.37 7.16 -26.23
C TYR G 34 -24.94 6.61 -26.19
N SER G 35 -24.69 5.48 -26.85
CA SER G 35 -23.35 4.92 -26.96
C SER G 35 -22.93 4.82 -28.43
N ARG G 36 -21.64 4.55 -28.67
CA ARG G 36 -21.21 4.31 -30.05
C ARG G 36 -21.27 2.82 -30.35
N GLY G 37 -21.68 2.51 -31.58
CA GLY G 37 -22.06 1.16 -31.97
C GLY G 37 -22.46 1.09 -33.43
N VAL G 38 -23.30 0.09 -33.78
CA VAL G 38 -23.59 -0.23 -35.18
C VAL G 38 -25.04 -0.71 -35.31
N CYS G 39 -25.80 -0.06 -36.21
CA CYS G 39 -27.16 -0.46 -36.55
C CYS G 39 -27.21 -1.48 -37.69
N ARG G 40 -26.04 -1.82 -38.26
CA ARG G 40 -25.83 -2.91 -39.22
C ARG G 40 -26.41 -2.53 -40.59
N THR G 41 -26.00 -3.30 -41.61
CA THR G 41 -26.65 -3.40 -42.91
C THR G 41 -26.05 -4.60 -43.65
N GLU G 55 -17.36 1.94 -36.12
CA GLU G 55 -18.60 2.10 -35.30
C GLU G 55 -19.02 3.56 -35.28
N VAL G 56 -20.32 3.80 -35.10
CA VAL G 56 -20.94 5.11 -35.20
C VAL G 56 -21.70 5.41 -33.91
N MET G 57 -22.01 6.69 -33.66
CA MET G 57 -22.82 7.12 -32.53
C MET G 57 -24.25 6.61 -32.71
N THR G 58 -24.76 5.86 -31.71
CA THR G 58 -26.10 5.29 -31.73
C THR G 58 -26.90 5.77 -30.52
N HIS G 59 -28.22 5.57 -30.60
CA HIS G 59 -29.13 5.68 -29.47
C HIS G 59 -29.90 4.37 -29.37
N SER G 60 -29.85 3.74 -28.19
CA SER G 60 -30.46 2.45 -27.96
C SER G 60 -31.61 2.58 -26.95
N GLY G 61 -32.38 1.50 -26.83
CA GLY G 61 -33.41 1.34 -25.84
C GLY G 61 -33.39 -0.09 -25.27
N LEU G 62 -34.56 -0.54 -24.80
CA LEU G 62 -34.67 -1.87 -24.23
C LEU G 62 -34.63 -2.91 -25.33
N TRP G 63 -35.07 -2.53 -26.53
CA TRP G 63 -35.40 -3.47 -27.60
C TRP G 63 -34.53 -3.28 -28.84
N ARG G 64 -34.16 -2.03 -29.17
CA ARG G 64 -33.57 -1.70 -30.47
C ARG G 64 -32.38 -0.76 -30.32
N THR G 65 -31.46 -0.84 -31.29
CA THR G 65 -30.35 0.09 -31.44
C THR G 65 -30.53 0.79 -32.79
N CYS G 66 -30.22 2.09 -32.84
CA CYS G 66 -30.50 2.93 -33.99
C CYS G 66 -29.40 3.98 -34.12
N CYS G 67 -29.00 4.30 -35.37
CA CYS G 67 -27.88 5.20 -35.63
C CYS G 67 -28.36 6.63 -35.72
N LEU G 68 -27.50 7.56 -35.29
CA LEU G 68 -27.74 9.02 -35.34
C LEU G 68 -26.85 9.72 -36.37
N GLU G 69 -25.77 9.06 -36.83
CA GLU G 69 -24.88 9.63 -37.82
C GLU G 69 -24.71 8.67 -39.00
N GLY G 70 -24.53 9.25 -40.19
CA GLY G 70 -24.06 8.54 -41.37
C GLY G 70 -25.14 8.38 -42.44
N ALA G 71 -24.87 7.45 -43.39
CA ALA G 71 -25.80 7.05 -44.42
C ALA G 71 -26.96 6.25 -43.83
N PHE G 72 -26.67 5.49 -42.76
CA PHE G 72 -27.66 4.64 -42.11
C PHE G 72 -28.38 5.37 -40.96
N ARG G 73 -28.36 6.71 -40.94
CA ARG G 73 -28.98 7.49 -39.89
C ARG G 73 -30.49 7.25 -39.89
N GLY G 74 -30.99 6.60 -38.84
CA GLY G 74 -32.40 6.23 -38.72
C GLY G 74 -32.67 4.75 -38.99
N VAL G 75 -31.65 3.99 -39.44
CA VAL G 75 -31.73 2.53 -39.46
C VAL G 75 -31.68 2.05 -38.01
N CYS G 76 -32.45 1.00 -37.71
CA CYS G 76 -32.66 0.58 -36.33
C CYS G 76 -32.81 -0.93 -36.25
N LYS G 77 -31.87 -1.60 -35.57
CA LYS G 77 -31.74 -3.05 -35.52
C LYS G 77 -32.09 -3.54 -34.11
N LYS G 78 -32.71 -4.74 -34.06
CA LYS G 78 -33.01 -5.44 -32.82
C LYS G 78 -31.72 -5.81 -32.10
N ILE G 79 -31.74 -5.68 -30.78
CA ILE G 79 -30.62 -5.99 -29.90
C ILE G 79 -30.49 -7.52 -29.82
N ASP G 80 -29.25 -8.00 -29.85
CA ASP G 80 -28.94 -9.39 -29.54
C ASP G 80 -28.55 -9.44 -28.06
N HIS G 81 -29.51 -9.84 -27.22
CA HIS G 81 -29.30 -9.88 -25.79
C HIS G 81 -28.32 -11.01 -25.46
N PHE G 82 -28.42 -12.11 -26.22
CA PHE G 82 -27.52 -13.25 -26.13
C PHE G 82 -26.54 -13.22 -27.30
N PRO G 83 -25.30 -12.69 -27.13
CA PRO G 83 -24.25 -12.83 -28.15
C PRO G 83 -23.63 -14.24 -28.19
N ASP G 91 -21.87 -19.38 -16.65
CA ASP G 91 -22.15 -18.87 -15.29
C ASP G 91 -23.65 -18.63 -15.16
N THR G 92 -24.25 -19.18 -14.09
CA THR G 92 -25.67 -19.07 -13.83
C THR G 92 -26.06 -17.61 -13.58
N ALA G 93 -25.23 -16.88 -12.83
CA ALA G 93 -25.47 -15.48 -12.51
C ALA G 93 -25.53 -14.62 -13.78
N GLU G 94 -24.52 -14.80 -14.66
CA GLU G 94 -24.46 -14.08 -15.92
C GLU G 94 -25.66 -14.43 -16.81
N TYR G 95 -26.04 -15.71 -16.85
CA TYR G 95 -27.15 -16.16 -17.67
C TYR G 95 -28.45 -15.51 -17.20
N LEU G 96 -28.69 -15.57 -15.88
CA LEU G 96 -29.85 -14.95 -15.28
C LEU G 96 -29.91 -13.46 -15.58
N LEU G 97 -28.77 -12.75 -15.45
CA LEU G 97 -28.76 -11.33 -15.76
C LEU G 97 -29.17 -11.12 -17.23
N ARG G 98 -28.61 -11.91 -18.15
CA ARG G 98 -28.91 -11.77 -19.57
C ARG G 98 -30.39 -12.02 -19.83
N ALA G 99 -30.93 -13.09 -19.23
CA ALA G 99 -32.33 -13.46 -19.39
C ALA G 99 -33.28 -12.35 -18.92
N VAL G 100 -33.07 -11.91 -17.67
CA VAL G 100 -33.90 -10.90 -17.03
C VAL G 100 -33.80 -9.59 -17.82
N ARG G 101 -32.59 -9.25 -18.30
CA ARG G 101 -32.42 -8.05 -19.10
C ARG G 101 -33.14 -8.17 -20.44
N ALA G 102 -33.06 -9.37 -21.05
CA ALA G 102 -33.58 -9.60 -22.39
C ALA G 102 -35.10 -9.41 -22.40
N SER G 103 -35.75 -10.09 -21.45
CA SER G 103 -37.19 -10.04 -21.29
C SER G 103 -37.72 -8.65 -20.94
N SER G 104 -36.90 -7.84 -20.23
CA SER G 104 -37.34 -6.59 -19.61
C SER G 104 -38.59 -6.83 -18.76
N VAL G 105 -38.58 -7.97 -18.05
CA VAL G 105 -39.67 -8.36 -17.18
C VAL G 105 -39.95 -7.26 -16.15
N PHE G 106 -38.90 -6.62 -15.60
CA PHE G 106 -39.09 -5.70 -14.49
C PHE G 106 -39.69 -4.37 -14.97
N PRO G 107 -39.18 -3.70 -16.03
CA PRO G 107 -39.89 -2.56 -16.60
C PRO G 107 -41.32 -2.86 -17.04
N ILE G 108 -41.59 -4.08 -17.54
CA ILE G 108 -42.93 -4.41 -18.03
C ILE G 108 -43.85 -4.63 -16.84
N LEU G 109 -43.32 -5.33 -15.82
CA LEU G 109 -44.07 -5.54 -14.59
C LEU G 109 -44.40 -4.20 -13.93
N SER G 110 -43.46 -3.25 -13.98
CA SER G 110 -43.73 -1.91 -13.47
C SER G 110 -44.90 -1.28 -14.22
N VAL G 111 -44.95 -1.40 -15.56
CA VAL G 111 -46.05 -0.86 -16.34
C VAL G 111 -47.36 -1.53 -15.96
N THR G 112 -47.36 -2.87 -15.82
CA THR G 112 -48.53 -3.63 -15.44
C THR G 112 -49.14 -3.16 -14.10
N LEU G 113 -48.27 -3.05 -13.09
CA LEU G 113 -48.70 -2.67 -11.76
C LEU G 113 -49.22 -1.24 -11.75
N LEU G 114 -48.59 -0.34 -12.51
CA LEU G 114 -49.11 1.02 -12.64
C LEU G 114 -50.47 1.01 -13.30
N PHE G 115 -50.68 0.08 -14.24
CA PHE G 115 -51.96 -0.04 -14.90
C PHE G 115 -53.05 -0.40 -13.89
N PHE G 116 -52.78 -1.43 -13.08
CA PHE G 116 -53.72 -1.88 -12.06
C PHE G 116 -53.92 -0.86 -10.94
N GLY G 117 -52.86 -0.14 -10.57
CA GLY G 117 -52.99 0.94 -9.61
C GLY G 117 -54.00 1.98 -10.09
N GLY G 118 -53.85 2.41 -11.35
CA GLY G 118 -54.72 3.42 -11.93
C GLY G 118 -56.16 2.92 -12.03
N LEU G 119 -56.29 1.61 -12.31
CA LEU G 119 -57.57 0.94 -12.39
C LEU G 119 -58.29 1.03 -11.04
N CYS G 120 -57.59 0.65 -9.96
CA CYS G 120 -58.09 0.76 -8.60
C CYS G 120 -58.45 2.21 -8.27
N VAL G 121 -57.64 3.18 -8.71
CA VAL G 121 -57.91 4.57 -8.41
C VAL G 121 -59.27 4.95 -9.00
N ALA G 122 -59.50 4.55 -10.26
CA ALA G 122 -60.77 4.80 -10.93
C ALA G 122 -61.91 4.11 -10.17
N ALA G 123 -61.74 2.82 -9.85
CA ALA G 123 -62.74 2.04 -9.12
C ALA G 123 -63.06 2.60 -7.74
N SER G 124 -62.16 3.40 -7.15
CA SER G 124 -62.39 3.99 -5.84
C SER G 124 -63.49 5.06 -5.87
N GLU G 125 -63.74 5.66 -7.05
CA GLU G 125 -64.79 6.67 -7.20
C GLU G 125 -66.18 6.03 -7.20
N PHE G 126 -66.32 4.84 -7.79
CA PHE G 126 -67.61 4.22 -8.04
C PHE G 126 -68.05 3.42 -6.82
N HIS G 127 -67.36 2.29 -6.57
CA HIS G 127 -67.69 1.36 -5.50
C HIS G 127 -66.97 1.82 -4.23
N ARG G 128 -67.56 2.83 -3.57
CA ARG G 128 -66.95 3.54 -2.45
C ARG G 128 -67.02 2.70 -1.17
N SER G 129 -68.00 1.78 -1.10
CA SER G 129 -68.34 0.96 0.05
C SER G 129 -67.14 0.22 0.63
N ARG G 130 -66.34 -0.40 -0.26
CA ARG G 130 -65.06 -1.02 0.11
C ARG G 130 -63.96 0.03 0.03
N HIS G 131 -63.41 0.40 1.19
CA HIS G 131 -62.30 1.35 1.32
C HIS G 131 -60.98 0.79 0.80
N SER G 132 -60.79 -0.54 0.88
CA SER G 132 -59.53 -1.20 0.54
C SER G 132 -59.09 -0.99 -0.91
N VAL G 133 -60.00 -0.60 -1.81
CA VAL G 133 -59.66 -0.36 -3.19
C VAL G 133 -58.54 0.70 -3.30
N ILE G 134 -58.66 1.85 -2.61
CA ILE G 134 -57.67 2.91 -2.74
C ILE G 134 -56.36 2.47 -2.10
N LEU G 135 -56.44 1.69 -1.02
CA LEU G 135 -55.26 1.09 -0.43
C LEU G 135 -54.54 0.18 -1.43
N SER G 136 -55.28 -0.69 -2.12
CA SER G 136 -54.68 -1.56 -3.11
C SER G 136 -54.01 -0.75 -4.22
N ALA G 137 -54.61 0.38 -4.62
CA ALA G 137 -53.97 1.31 -5.54
C ALA G 137 -52.60 1.69 -5.00
N GLY G 138 -52.56 2.13 -3.74
CA GLY G 138 -51.33 2.48 -3.04
C GLY G 138 -50.29 1.37 -3.13
N ILE G 139 -50.69 0.13 -2.81
CA ILE G 139 -49.75 -0.97 -2.79
C ILE G 139 -49.23 -1.25 -4.21
N PHE G 140 -50.10 -1.16 -5.21
CA PHE G 140 -49.69 -1.32 -6.60
C PHE G 140 -48.64 -0.29 -7.01
N PHE G 141 -48.88 0.99 -6.68
CA PHE G 141 -47.92 2.03 -7.00
C PHE G 141 -46.59 1.86 -6.29
N VAL G 142 -46.62 1.47 -5.01
CA VAL G 142 -45.39 1.26 -4.28
C VAL G 142 -44.60 0.12 -4.93
N SER G 143 -45.29 -0.99 -5.22
CA SER G 143 -44.68 -2.14 -5.87
C SER G 143 -44.16 -1.83 -7.27
N ALA G 144 -44.92 -1.05 -8.05
CA ALA G 144 -44.49 -0.59 -9.36
C ALA G 144 -43.12 0.08 -9.25
N GLY G 145 -42.96 0.98 -8.26
CA GLY G 145 -41.68 1.65 -8.04
C GLY G 145 -40.56 0.68 -7.67
N LEU G 146 -40.85 -0.34 -6.85
CA LEU G 146 -39.82 -1.32 -6.55
C LEU G 146 -39.42 -2.11 -7.79
N SER G 147 -40.42 -2.47 -8.63
CA SER G 147 -40.14 -3.16 -9.87
C SER G 147 -39.24 -2.32 -10.77
N ASN G 148 -39.58 -1.02 -10.85
CA ASN G 148 -38.81 -0.04 -11.60
C ASN G 148 -37.34 0.01 -11.13
N ILE G 149 -37.07 0.15 -9.81
CA ILE G 149 -35.70 0.17 -9.31
C ILE G 149 -34.98 -1.09 -9.80
N ILE G 150 -35.60 -2.28 -9.62
CA ILE G 150 -34.92 -3.51 -10.03
C ILE G 150 -34.57 -3.44 -11.52
N GLY G 151 -35.54 -2.99 -12.33
CA GLY G 151 -35.33 -2.79 -13.75
C GLY G 151 -34.08 -1.95 -14.07
N ILE G 152 -34.02 -0.76 -13.48
CA ILE G 152 -32.89 0.13 -13.68
C ILE G 152 -31.60 -0.59 -13.33
N ILE G 153 -31.58 -1.28 -12.19
CA ILE G 153 -30.34 -1.91 -11.75
C ILE G 153 -29.94 -3.01 -12.72
N VAL G 154 -30.90 -3.80 -13.19
CA VAL G 154 -30.63 -4.81 -14.21
C VAL G 154 -30.16 -4.16 -15.51
N TYR G 155 -30.81 -3.09 -15.95
CA TYR G 155 -30.41 -2.42 -17.18
C TYR G 155 -28.95 -1.95 -17.12
N ILE G 156 -28.60 -1.19 -16.09
CA ILE G 156 -27.28 -0.62 -15.97
C ILE G 156 -26.25 -1.73 -15.81
N SER G 157 -26.60 -2.75 -15.02
CA SER G 157 -25.68 -3.83 -14.72
C SER G 157 -25.39 -4.63 -15.98
N ALA G 158 -26.43 -4.90 -16.78
CA ALA G 158 -26.27 -5.64 -18.04
C ALA G 158 -25.45 -4.84 -19.06
N ASN G 159 -25.52 -3.50 -19.06
CA ASN G 159 -24.75 -2.75 -20.04
C ASN G 159 -23.26 -2.86 -19.80
N ALA G 160 -22.84 -2.98 -18.54
CA ALA G 160 -21.50 -3.42 -18.22
C ALA G 160 -21.35 -4.89 -18.62
N SER G 171 -17.40 5.03 -23.56
CA SER G 171 -18.16 6.23 -23.12
C SER G 171 -19.63 6.11 -23.53
N TYR G 172 -20.52 6.59 -22.66
CA TYR G 172 -21.96 6.57 -22.90
C TYR G 172 -22.63 7.70 -22.13
N SER G 173 -23.93 7.88 -22.40
CA SER G 173 -24.78 8.76 -21.62
C SER G 173 -26.21 8.27 -21.72
N TYR G 174 -27.03 8.62 -20.72
CA TYR G 174 -28.41 8.19 -20.67
C TYR G 174 -29.26 9.25 -21.37
N GLY G 175 -30.26 8.80 -22.13
CA GLY G 175 -31.18 9.72 -22.78
C GLY G 175 -32.50 9.89 -22.01
N TRP G 176 -33.46 10.53 -22.66
CA TRP G 176 -34.67 11.00 -22.03
C TRP G 176 -35.60 9.83 -21.68
N SER G 177 -35.51 8.71 -22.41
CA SER G 177 -36.35 7.55 -22.09
C SER G 177 -35.99 7.01 -20.71
N PHE G 178 -34.68 6.91 -20.46
CA PHE G 178 -34.17 6.53 -19.16
C PHE G 178 -34.73 7.44 -18.07
N TYR G 179 -34.60 8.75 -18.24
CA TYR G 179 -35.09 9.70 -17.26
C TYR G 179 -36.61 9.63 -17.08
N PHE G 180 -37.35 9.24 -18.13
CA PHE G 180 -38.79 9.03 -17.97
C PHE G 180 -39.07 7.88 -17.02
N GLY G 181 -38.33 6.78 -17.16
CA GLY G 181 -38.44 5.68 -16.21
C GLY G 181 -38.16 6.12 -14.78
N ALA G 182 -37.14 6.97 -14.61
CA ALA G 182 -36.75 7.48 -13.31
C ALA G 182 -37.83 8.40 -12.72
N PHE G 183 -38.42 9.27 -13.55
CA PHE G 183 -39.48 10.15 -13.09
C PHE G 183 -40.74 9.36 -12.77
N SER G 184 -40.98 8.29 -13.52
CA SER G 184 -42.10 7.41 -13.22
C SER G 184 -41.96 6.83 -11.81
N PHE G 185 -40.73 6.42 -11.46
CA PHE G 185 -40.49 5.85 -10.14
C PHE G 185 -40.85 6.88 -9.07
N ILE G 186 -40.33 8.11 -9.23
CA ILE G 186 -40.59 9.14 -8.26
C ILE G 186 -42.09 9.41 -8.13
N ILE G 187 -42.80 9.55 -9.25
CA ILE G 187 -44.23 9.86 -9.19
C ILE G 187 -45.00 8.69 -8.57
N ALA G 188 -44.70 7.46 -8.98
CA ALA G 188 -45.36 6.30 -8.41
C ALA G 188 -45.25 6.28 -6.88
N GLU G 189 -44.04 6.54 -6.36
CA GLU G 189 -43.84 6.53 -4.93
C GLU G 189 -44.62 7.65 -4.23
N ILE G 190 -44.69 8.84 -4.85
CA ILE G 190 -45.50 9.92 -4.30
C ILE G 190 -46.98 9.53 -4.28
N VAL G 191 -47.48 8.94 -5.37
CA VAL G 191 -48.88 8.56 -5.45
C VAL G 191 -49.18 7.45 -4.45
N GLY G 192 -48.28 6.48 -4.29
CA GLY G 192 -48.46 5.45 -3.28
C GLY G 192 -48.65 6.05 -1.89
N VAL G 193 -47.85 7.08 -1.57
CA VAL G 193 -47.90 7.70 -0.26
C VAL G 193 -49.25 8.40 -0.09
N VAL G 194 -49.72 9.11 -1.14
CA VAL G 194 -50.97 9.84 -1.05
C VAL G 194 -52.15 8.86 -0.97
N ALA G 195 -52.17 7.83 -1.80
CA ALA G 195 -53.20 6.82 -1.68
C ALA G 195 -53.30 6.27 -0.27
N VAL G 196 -52.17 5.93 0.35
CA VAL G 196 -52.19 5.38 1.69
C VAL G 196 -52.74 6.41 2.68
N HIS G 197 -52.38 7.68 2.52
CA HIS G 197 -52.96 8.73 3.34
C HIS G 197 -54.48 8.81 3.18
N ILE G 198 -55.01 8.73 1.96
CA ILE G 198 -56.45 8.74 1.73
C ILE G 198 -57.11 7.64 2.55
N TYR G 199 -56.62 6.42 2.44
CA TYR G 199 -57.16 5.31 3.22
C TYR G 199 -57.09 5.52 4.73
N ILE G 200 -56.04 6.17 5.21
CA ILE G 200 -55.89 6.46 6.63
C ILE G 200 -56.96 7.46 7.05
N GLU G 201 -57.14 8.54 6.27
CA GLU G 201 -58.17 9.53 6.56
C GLU G 201 -59.54 8.86 6.61
N LYS G 202 -59.76 7.87 5.73
CA LYS G 202 -61.06 7.20 5.66
C LYS G 202 -61.29 6.38 6.92
N HIS G 203 -60.34 5.51 7.29
CA HIS G 203 -60.44 4.70 8.49
C HIS G 203 -60.37 5.51 9.79
N GLN G 204 -59.94 6.78 9.74
CA GLN G 204 -59.93 7.63 10.94
C GLN G 204 -61.17 8.51 11.02
N GLN G 205 -61.89 8.71 9.89
CA GLN G 205 -63.14 9.44 9.89
C GLN G 205 -64.29 8.52 10.31
N LEU G 206 -64.35 7.29 9.76
CA LEU G 206 -65.54 6.45 9.86
C LEU G 206 -65.57 5.65 11.17
N ARG G 207 -64.42 5.48 11.84
CA ARG G 207 -64.35 4.78 13.13
C ARG G 207 -64.96 5.65 14.23
N ALA G 208 -64.78 6.98 14.15
CA ALA G 208 -65.33 7.94 15.09
C ALA G 208 -66.65 8.50 14.54
N ASP H 4 -52.49 -22.53 24.12
CA ASP H 4 -51.33 -22.99 23.30
C ASP H 4 -50.37 -23.84 24.13
N ARG H 5 -50.82 -24.37 25.27
CA ARG H 5 -49.98 -25.16 26.16
C ARG H 5 -49.59 -26.47 25.47
N GLY H 6 -50.57 -27.12 24.79
CA GLY H 6 -50.36 -28.36 24.08
C GLY H 6 -49.36 -28.22 22.93
N ILE H 7 -49.56 -27.20 22.08
CA ILE H 7 -48.68 -26.95 20.94
C ILE H 7 -47.26 -26.65 21.42
N GLN H 8 -47.10 -25.82 22.46
CA GLN H 8 -45.79 -25.49 23.00
C GLN H 8 -45.07 -26.75 23.49
N MET H 9 -45.79 -27.62 24.21
CA MET H 9 -45.19 -28.85 24.70
C MET H 9 -44.90 -29.84 23.58
N LEU H 10 -45.73 -29.83 22.52
CA LEU H 10 -45.46 -30.67 21.37
C LEU H 10 -44.18 -30.22 20.67
N ILE H 11 -44.09 -28.93 20.34
CA ILE H 11 -42.90 -28.34 19.77
C ILE H 11 -41.68 -28.66 20.63
N THR H 12 -41.79 -28.50 21.96
CA THR H 12 -40.69 -28.79 22.85
C THR H 12 -40.24 -30.24 22.71
N THR H 13 -41.20 -31.19 22.76
CA THR H 13 -40.86 -32.61 22.84
C THR H 13 -40.30 -33.11 21.50
N VAL H 14 -41.02 -32.82 20.41
CA VAL H 14 -40.56 -33.17 19.07
C VAL H 14 -39.20 -32.53 18.81
N GLY H 15 -39.10 -31.22 19.09
CA GLY H 15 -37.87 -30.46 18.94
C GLY H 15 -36.71 -31.08 19.70
N ALA H 16 -36.95 -31.44 20.98
CA ALA H 16 -35.90 -32.05 21.79
C ALA H 16 -35.42 -33.34 21.15
N PHE H 17 -36.36 -34.16 20.66
CA PHE H 17 -35.99 -35.42 20.01
C PHE H 17 -35.22 -35.18 18.71
N ALA H 18 -35.76 -34.30 17.87
CA ALA H 18 -35.09 -33.87 16.64
C ALA H 18 -33.65 -33.44 16.90
N ALA H 19 -33.44 -32.55 17.89
CA ALA H 19 -32.12 -31.98 18.12
C ALA H 19 -31.16 -33.07 18.56
N PHE H 20 -31.61 -33.90 19.51
CA PHE H 20 -30.81 -35.02 20.00
C PHE H 20 -30.44 -35.98 18.88
N SER H 21 -31.42 -36.34 18.02
CA SER H 21 -31.19 -37.27 16.94
C SER H 21 -30.16 -36.75 15.94
N LEU H 22 -30.44 -35.56 15.40
CA LEU H 22 -29.52 -34.86 14.50
C LEU H 22 -28.11 -34.80 15.07
N MET H 23 -27.96 -34.44 16.36
CA MET H 23 -26.64 -34.25 16.90
C MET H 23 -25.94 -35.59 17.08
N THR H 24 -26.70 -36.65 17.44
CA THR H 24 -26.13 -37.99 17.65
C THR H 24 -25.67 -38.60 16.33
N ILE H 25 -26.51 -38.47 15.30
CA ILE H 25 -26.14 -38.87 13.95
C ILE H 25 -24.84 -38.16 13.57
N ALA H 26 -24.83 -36.83 13.69
CA ALA H 26 -23.68 -36.04 13.30
C ALA H 26 -22.41 -36.52 13.99
N VAL H 27 -22.47 -36.78 15.30
CA VAL H 27 -21.28 -37.22 16.02
C VAL H 27 -20.85 -38.61 15.54
N GLY H 28 -21.82 -39.47 15.24
CA GLY H 28 -21.55 -40.84 14.82
C GLY H 28 -21.03 -40.94 13.38
N THR H 29 -21.72 -40.27 12.44
CA THR H 29 -21.45 -40.40 11.03
C THR H 29 -20.17 -39.68 10.61
N ASP H 30 -19.76 -39.89 9.34
CA ASP H 30 -18.46 -39.52 8.78
C ASP H 30 -18.57 -38.69 7.52
N TYR H 31 -19.54 -37.78 7.45
CA TYR H 31 -19.65 -36.92 6.29
C TYR H 31 -19.53 -35.46 6.72
N TRP H 32 -18.58 -35.17 7.60
CA TRP H 32 -18.32 -33.79 7.99
C TRP H 32 -17.63 -33.04 6.85
N LEU H 33 -16.53 -33.61 6.34
CA LEU H 33 -15.67 -32.91 5.41
C LEU H 33 -15.42 -33.76 4.17
N TYR H 34 -15.56 -33.16 2.99
CA TYR H 34 -15.13 -33.76 1.73
C TYR H 34 -13.82 -33.12 1.28
N SER H 35 -12.68 -33.68 1.68
CA SER H 35 -11.38 -33.23 1.20
C SER H 35 -10.63 -34.36 0.48
N ARG H 36 -9.53 -34.01 -0.20
CA ARG H 36 -8.64 -34.99 -0.83
C ARG H 36 -7.63 -35.49 0.19
N GLY H 37 -7.38 -36.80 0.24
CA GLY H 37 -6.53 -37.32 1.29
C GLY H 37 -6.42 -38.83 1.19
N VAL H 38 -5.91 -39.51 2.23
CA VAL H 38 -5.64 -40.93 2.03
C VAL H 38 -6.18 -41.76 3.18
N CYS H 39 -6.95 -42.80 2.85
CA CYS H 39 -7.39 -43.83 3.78
C CYS H 39 -6.31 -44.89 3.79
N ARG H 40 -5.13 -44.53 4.32
CA ARG H 40 -3.92 -45.37 4.26
C ARG H 40 -4.09 -46.65 5.08
N THR H 41 -3.13 -47.59 4.95
CA THR H 41 -3.17 -48.89 5.58
C THR H 41 -1.76 -49.26 6.06
N GLU H 55 -2.92 -38.97 -3.74
CA GLU H 55 -4.06 -38.82 -2.78
C GLU H 55 -5.38 -38.81 -3.54
N VAL H 56 -6.45 -39.19 -2.83
CA VAL H 56 -7.75 -39.48 -3.40
C VAL H 56 -8.79 -38.62 -2.67
N MET H 57 -9.98 -38.49 -3.29
CA MET H 57 -11.10 -37.77 -2.70
C MET H 57 -11.65 -38.60 -1.54
N THR H 58 -11.71 -37.99 -0.34
CA THR H 58 -12.18 -38.66 0.87
C THR H 58 -13.37 -37.91 1.47
N HIS H 59 -14.07 -38.61 2.36
CA HIS H 59 -15.06 -38.00 3.24
C HIS H 59 -14.66 -38.38 4.67
N SER H 60 -14.51 -37.36 5.52
CA SER H 60 -14.06 -37.55 6.89
C SER H 60 -15.17 -37.17 7.86
N GLY H 61 -14.96 -37.51 9.13
CA GLY H 61 -15.81 -37.12 10.25
C GLY H 61 -14.95 -36.70 11.44
N LEU H 62 -15.52 -36.84 12.63
CA LEU H 62 -14.81 -36.50 13.86
C LEU H 62 -13.76 -37.55 14.16
N TRP H 63 -14.00 -38.80 13.71
CA TRP H 63 -13.27 -39.95 14.18
C TRP H 63 -12.50 -40.67 13.08
N ARG H 64 -13.04 -40.71 11.85
CA ARG H 64 -12.53 -41.57 10.79
C ARG H 64 -12.48 -40.81 9.46
N THR H 65 -11.56 -41.26 8.59
CA THR H 65 -11.42 -40.78 7.23
C THR H 65 -11.61 -41.99 6.31
N CYS H 66 -12.35 -41.78 5.22
CA CYS H 66 -12.79 -42.87 4.37
C CYS H 66 -12.77 -42.40 2.91
N CYS H 67 -12.34 -43.29 2.00
CA CYS H 67 -12.15 -42.96 0.60
C CYS H 67 -13.43 -43.20 -0.18
N LEU H 68 -13.69 -42.34 -1.18
CA LEU H 68 -14.88 -42.53 -2.02
C LEU H 68 -14.56 -42.77 -3.50
N GLU H 69 -13.28 -42.68 -3.89
CA GLU H 69 -12.83 -43.07 -5.22
C GLU H 69 -11.56 -43.92 -5.06
N GLY H 70 -11.40 -44.89 -5.98
CA GLY H 70 -10.22 -45.74 -6.06
C GLY H 70 -10.53 -47.20 -5.70
N ALA H 71 -9.45 -47.98 -5.57
CA ALA H 71 -9.51 -49.39 -5.23
C ALA H 71 -9.94 -49.60 -3.78
N PHE H 72 -9.54 -48.64 -2.91
CA PHE H 72 -9.84 -48.67 -1.49
C PHE H 72 -11.14 -47.93 -1.16
N ARG H 73 -12.08 -47.80 -2.13
CA ARG H 73 -13.33 -47.10 -1.93
C ARG H 73 -14.16 -47.82 -0.87
N GLY H 74 -14.34 -47.15 0.28
CA GLY H 74 -15.04 -47.71 1.43
C GLY H 74 -14.11 -48.16 2.56
N VAL H 75 -12.79 -48.13 2.34
CA VAL H 75 -11.83 -48.29 3.41
C VAL H 75 -11.86 -47.01 4.25
N CYS H 76 -11.73 -47.18 5.58
CA CYS H 76 -11.85 -46.09 6.53
C CYS H 76 -10.73 -46.21 7.57
N LYS H 77 -9.81 -45.22 7.62
CA LYS H 77 -8.79 -45.19 8.68
C LYS H 77 -9.19 -44.21 9.78
N LYS H 78 -8.92 -44.62 11.04
CA LYS H 78 -8.96 -43.72 12.19
C LYS H 78 -8.00 -42.56 12.00
N ILE H 79 -8.43 -41.37 12.41
CA ILE H 79 -7.70 -40.14 12.23
C ILE H 79 -6.57 -40.12 13.25
N ASP H 80 -5.40 -39.65 12.83
CA ASP H 80 -4.30 -39.33 13.72
C ASP H 80 -4.40 -37.84 14.04
N HIS H 81 -4.99 -37.52 15.19
CA HIS H 81 -5.21 -36.14 15.59
C HIS H 81 -3.87 -35.48 15.88
N PHE H 82 -2.95 -36.27 16.46
CA PHE H 82 -1.58 -35.88 16.72
C PHE H 82 -0.67 -36.52 15.67
N PRO H 83 -0.30 -35.81 14.56
CA PRO H 83 0.65 -36.35 13.58
C PRO H 83 2.11 -36.29 14.06
N ASP H 91 3.88 -25.47 20.95
CA ASP H 91 2.99 -24.32 21.26
C ASP H 91 1.80 -24.83 22.10
N THR H 92 1.56 -24.18 23.25
CA THR H 92 0.50 -24.55 24.16
C THR H 92 -0.88 -24.43 23.48
N ALA H 93 -1.08 -23.32 22.76
CA ALA H 93 -2.35 -23.05 22.11
C ALA H 93 -2.66 -24.13 21.06
N GLU H 94 -1.68 -24.45 20.22
CA GLU H 94 -1.81 -25.48 19.21
C GLU H 94 -2.09 -26.85 19.85
N TYR H 95 -1.39 -27.16 20.95
CA TYR H 95 -1.57 -28.44 21.62
C TYR H 95 -2.99 -28.55 22.17
N LEU H 96 -3.44 -27.50 22.86
CA LEU H 96 -4.80 -27.45 23.38
C LEU H 96 -5.83 -27.62 22.27
N LEU H 97 -5.65 -26.92 21.14
CA LEU H 97 -6.57 -27.08 20.03
C LEU H 97 -6.62 -28.55 19.58
N ARG H 98 -5.45 -29.18 19.43
CA ARG H 98 -5.37 -30.56 18.97
C ARG H 98 -6.07 -31.48 19.98
N ALA H 99 -5.83 -31.27 21.27
CA ALA H 99 -6.41 -32.08 22.32
C ALA H 99 -7.94 -32.00 22.33
N VAL H 100 -8.45 -30.76 22.37
CA VAL H 100 -9.88 -30.48 22.41
C VAL H 100 -10.54 -31.05 21.14
N ARG H 101 -9.88 -30.88 19.98
CA ARG H 101 -10.40 -31.43 18.73
C ARG H 101 -10.41 -32.96 18.77
N ALA H 102 -9.35 -33.56 19.33
CA ALA H 102 -9.16 -35.00 19.28
C ALA H 102 -10.28 -35.68 20.07
N SER H 103 -10.48 -35.19 21.31
CA SER H 103 -11.50 -35.70 22.21
C SER H 103 -12.93 -35.50 21.68
N SER H 104 -13.15 -34.44 20.88
CA SER H 104 -14.48 -33.98 20.48
C SER H 104 -15.37 -33.82 21.72
N VAL H 105 -14.76 -33.27 22.78
CA VAL H 105 -15.44 -33.03 24.04
C VAL H 105 -16.67 -32.15 23.81
N PHE H 106 -16.58 -31.12 22.94
CA PHE H 106 -17.66 -30.16 22.80
C PHE H 106 -18.86 -30.75 22.06
N PRO H 107 -18.72 -31.41 20.89
CA PRO H 107 -19.82 -32.16 20.30
C PRO H 107 -20.42 -33.23 21.22
N ILE H 108 -19.60 -33.88 22.05
CA ILE H 108 -20.13 -34.94 22.91
C ILE H 108 -20.89 -34.31 24.08
N LEU H 109 -20.32 -33.23 24.62
CA LEU H 109 -20.99 -32.49 25.67
C LEU H 109 -22.32 -31.96 25.19
N SER H 110 -22.39 -31.48 23.93
CA SER H 110 -23.65 -31.04 23.38
C SER H 110 -24.65 -32.20 23.33
N VAL H 111 -24.22 -33.41 22.94
CA VAL H 111 -25.12 -34.56 22.92
C VAL H 111 -25.62 -34.88 24.34
N THR H 112 -24.71 -34.86 25.32
CA THR H 112 -25.07 -35.15 26.70
C THR H 112 -26.12 -34.19 27.25
N LEU H 113 -25.90 -32.88 27.04
CA LEU H 113 -26.81 -31.85 27.51
C LEU H 113 -28.16 -31.97 26.83
N LEU H 114 -28.19 -32.27 25.53
CA LEU H 114 -29.45 -32.50 24.84
C LEU H 114 -30.17 -33.70 25.43
N PHE H 115 -29.40 -34.71 25.85
CA PHE H 115 -29.98 -35.89 26.46
C PHE H 115 -30.70 -35.53 27.74
N PHE H 116 -30.01 -34.77 28.62
CA PHE H 116 -30.58 -34.33 29.88
C PHE H 116 -31.73 -33.34 29.72
N GLY H 117 -31.64 -32.47 28.71
CA GLY H 117 -32.75 -31.60 28.39
C GLY H 117 -34.01 -32.39 28.10
N GLY H 118 -33.89 -33.39 27.23
CA GLY H 118 -35.02 -34.23 26.84
C GLY H 118 -35.57 -35.01 28.04
N LEU H 119 -34.67 -35.42 28.92
CA LEU H 119 -35.02 -36.11 30.14
C LEU H 119 -35.89 -35.23 31.05
N CYS H 120 -35.44 -33.99 31.28
CA CYS H 120 -36.21 -32.98 32.01
C CYS H 120 -37.56 -32.72 31.33
N VAL H 121 -37.61 -32.68 29.99
CA VAL H 121 -38.85 -32.43 29.29
C VAL H 121 -39.84 -33.52 29.64
N ALA H 122 -39.39 -34.77 29.60
CA ALA H 122 -40.22 -35.91 29.99
C ALA H 122 -40.69 -35.78 31.43
N ALA H 123 -39.74 -35.52 32.35
CA ALA H 123 -40.04 -35.37 33.77
C ALA H 123 -41.01 -34.22 34.06
N SER H 124 -41.13 -33.23 33.16
CA SER H 124 -42.04 -32.11 33.37
C SER H 124 -43.51 -32.53 33.27
N GLU H 125 -43.80 -33.66 32.61
CA GLU H 125 -45.17 -34.16 32.48
C GLU H 125 -45.69 -34.77 33.78
N PHE H 126 -44.80 -35.38 34.60
CA PHE H 126 -45.19 -35.99 35.86
C PHE H 126 -45.26 -34.93 36.96
N HIS H 127 -44.10 -34.36 37.34
CA HIS H 127 -43.98 -33.50 38.51
C HIS H 127 -44.33 -32.05 38.12
N ARG H 128 -45.63 -31.78 38.03
CA ARG H 128 -46.18 -30.49 37.64
C ARG H 128 -46.03 -29.47 38.78
N SER H 129 -45.98 -29.98 40.03
CA SER H 129 -45.78 -29.19 41.24
C SER H 129 -44.49 -28.37 41.16
N ARG H 130 -43.39 -29.02 40.73
CA ARG H 130 -42.09 -28.39 40.61
C ARG H 130 -41.94 -27.87 39.18
N HIS H 131 -42.05 -26.55 39.01
CA HIS H 131 -42.03 -25.95 37.68
C HIS H 131 -40.59 -25.79 37.15
N SER H 132 -39.59 -25.78 38.03
CA SER H 132 -38.20 -25.58 37.63
C SER H 132 -37.67 -26.65 36.65
N VAL H 133 -38.33 -27.82 36.61
CA VAL H 133 -37.89 -28.89 35.72
C VAL H 133 -37.87 -28.41 34.27
N ILE H 134 -38.94 -27.76 33.78
CA ILE H 134 -39.01 -27.36 32.38
C ILE H 134 -37.99 -26.25 32.12
N LEU H 135 -37.78 -25.38 33.11
CA LEU H 135 -36.74 -24.37 33.01
C LEU H 135 -35.37 -25.02 32.85
N SER H 136 -35.06 -26.02 33.68
CA SER H 136 -33.77 -26.71 33.57
C SER H 136 -33.61 -27.35 32.19
N ALA H 137 -34.70 -27.90 31.62
CA ALA H 137 -34.70 -28.36 30.24
C ALA H 137 -34.21 -27.25 29.32
N GLY H 138 -34.84 -26.08 29.44
CA GLY H 138 -34.48 -24.89 28.68
C GLY H 138 -33.00 -24.55 28.79
N ILE H 139 -32.47 -24.55 30.01
CA ILE H 139 -31.08 -24.18 30.20
C ILE H 139 -30.14 -25.23 29.61
N PHE H 140 -30.51 -26.51 29.72
CA PHE H 140 -29.76 -27.58 29.06
C PHE H 140 -29.70 -27.37 27.55
N PHE H 141 -30.84 -27.08 26.92
CA PHE H 141 -30.88 -26.87 25.48
C PHE H 141 -30.08 -25.65 25.06
N VAL H 142 -30.17 -24.55 25.82
CA VAL H 142 -29.41 -23.35 25.48
C VAL H 142 -27.92 -23.68 25.56
N SER H 143 -27.50 -24.33 26.66
CA SER H 143 -26.12 -24.72 26.87
C SER H 143 -25.61 -25.71 25.82
N ALA H 144 -26.45 -26.70 25.44
CA ALA H 144 -26.14 -27.61 24.36
C ALA H 144 -25.75 -26.83 23.10
N GLY H 145 -26.54 -25.83 22.75
CA GLY H 145 -26.24 -25.00 21.59
C GLY H 145 -24.93 -24.22 21.73
N LEU H 146 -24.62 -23.70 22.93
CA LEU H 146 -23.33 -23.06 23.11
C LEU H 146 -22.18 -24.04 22.94
N SER H 147 -22.35 -25.26 23.49
CA SER H 147 -21.34 -26.30 23.35
C SER H 147 -21.13 -26.64 21.86
N ASN H 148 -22.24 -26.74 21.12
CA ASN H 148 -22.23 -26.98 19.69
C ASN H 148 -21.43 -25.89 18.95
N ILE H 149 -21.72 -24.60 19.18
CA ILE H 149 -20.96 -23.54 18.52
C ILE H 149 -19.47 -23.74 18.78
N ILE H 150 -19.08 -23.96 20.05
CA ILE H 150 -17.66 -24.12 20.37
C ILE H 150 -17.09 -25.29 19.58
N GLY H 151 -17.82 -26.42 19.53
CA GLY H 151 -17.44 -27.56 18.73
C GLY H 151 -17.13 -27.22 17.27
N ILE H 152 -18.08 -26.56 16.60
CA ILE H 152 -17.91 -26.16 15.22
C ILE H 152 -16.65 -25.33 15.08
N ILE H 153 -16.45 -24.36 15.98
CA ILE H 153 -15.31 -23.47 15.85
C ILE H 153 -14.01 -24.25 16.02
N VAL H 154 -13.97 -25.16 16.99
CA VAL H 154 -12.82 -26.03 17.17
C VAL H 154 -12.61 -26.91 15.94
N TYR H 155 -13.67 -27.50 15.39
CA TYR H 155 -13.54 -28.36 14.23
C TYR H 155 -12.93 -27.62 13.03
N ILE H 156 -13.52 -26.49 12.67
CA ILE H 156 -13.08 -25.73 11.52
C ILE H 156 -11.67 -25.21 11.76
N SER H 157 -11.39 -24.76 12.97
CA SER H 157 -10.11 -24.15 13.30
C SER H 157 -9.01 -25.21 13.23
N ALA H 158 -9.30 -26.40 13.74
CA ALA H 158 -8.35 -27.51 13.69
C ALA H 158 -8.07 -27.96 12.26
N ASN H 159 -9.05 -27.89 11.36
CA ASN H 159 -8.83 -28.36 9.99
C ASN H 159 -7.83 -27.46 9.27
N ALA H 160 -7.83 -26.16 9.58
CA ALA H 160 -6.73 -25.29 9.19
C ALA H 160 -5.48 -25.69 9.97
N SER H 171 -8.61 -27.34 -1.34
CA SER H 171 -10.08 -27.24 -1.56
C SER H 171 -10.80 -28.31 -0.75
N TYR H 172 -11.96 -27.94 -0.18
CA TYR H 172 -12.77 -28.82 0.65
C TYR H 172 -14.23 -28.37 0.59
N SER H 173 -15.11 -29.21 1.15
CA SER H 173 -16.52 -28.89 1.28
C SER H 173 -17.06 -29.61 2.49
N TYR H 174 -18.11 -29.06 3.13
CA TYR H 174 -18.71 -29.69 4.29
C TYR H 174 -19.82 -30.61 3.81
N GLY H 175 -19.96 -31.77 4.45
CA GLY H 175 -21.03 -32.68 4.13
C GLY H 175 -22.22 -32.58 5.07
N TRP H 176 -23.12 -33.54 4.96
CA TRP H 176 -24.42 -33.49 5.59
C TRP H 176 -24.30 -33.70 7.10
N SER H 177 -23.25 -34.40 7.57
CA SER H 177 -23.08 -34.58 9.01
C SER H 177 -22.85 -33.23 9.69
N PHE H 178 -21.98 -32.43 9.08
CA PHE H 178 -21.74 -31.07 9.51
C PHE H 178 -23.04 -30.29 9.60
N TYR H 179 -23.84 -30.28 8.53
CA TYR H 179 -25.09 -29.54 8.53
C TYR H 179 -26.08 -30.10 9.54
N PHE H 180 -26.03 -31.38 9.87
CA PHE H 180 -26.86 -31.91 10.93
C PHE H 180 -26.50 -31.30 12.27
N GLY H 181 -25.20 -31.17 12.57
CA GLY H 181 -24.76 -30.48 13.77
C GLY H 181 -25.27 -29.04 13.81
N ALA H 182 -25.22 -28.35 12.67
CA ALA H 182 -25.68 -26.99 12.57
C ALA H 182 -27.20 -26.88 12.78
N PHE H 183 -27.98 -27.81 12.21
N PHE H 183 -27.97 -27.81 12.22
CA PHE H 183 -29.42 -27.79 12.37
CA PHE H 183 -29.43 -27.79 12.38
C PHE H 183 -29.80 -28.14 13.80
C PHE H 183 -29.80 -28.14 13.80
N SER H 184 -29.00 -29.01 14.44
CA SER H 184 -29.21 -29.34 15.85
C SER H 184 -29.06 -28.07 16.69
N PHE H 185 -28.07 -27.23 16.38
CA PHE H 185 -27.87 -25.99 17.11
C PHE H 185 -29.11 -25.11 17.00
N ILE H 186 -29.59 -24.92 15.77
CA ILE H 186 -30.76 -24.08 15.57
C ILE H 186 -31.96 -24.63 16.33
N ILE H 187 -32.23 -25.94 16.23
CA ILE H 187 -33.38 -26.52 16.92
C ILE H 187 -33.23 -26.40 18.43
N ALA H 188 -32.06 -26.73 18.96
CA ALA H 188 -31.84 -26.62 20.39
C ALA H 188 -32.15 -25.21 20.90
N GLU H 189 -31.69 -24.18 20.18
CA GLU H 189 -31.95 -22.81 20.60
C GLU H 189 -33.42 -22.47 20.54
N ILE H 190 -34.15 -22.96 19.51
CA ILE H 190 -35.59 -22.74 19.46
C ILE H 190 -36.27 -23.43 20.64
N VAL H 191 -35.90 -24.67 20.94
CA VAL H 191 -36.52 -25.41 22.04
C VAL H 191 -36.20 -24.75 23.38
N GLY H 192 -34.98 -24.25 23.55
CA GLY H 192 -34.63 -23.52 24.77
C GLY H 192 -35.56 -22.33 24.99
N VAL H 193 -35.85 -21.60 23.89
CA VAL H 193 -36.67 -20.42 23.98
C VAL H 193 -38.09 -20.82 24.35
N VAL H 194 -38.61 -21.90 23.75
CA VAL H 194 -39.96 -22.35 24.04
C VAL H 194 -40.08 -22.86 25.47
N ALA H 195 -39.14 -23.68 25.92
CA ALA H 195 -39.14 -24.12 27.29
C ALA H 195 -39.18 -22.94 28.27
N VAL H 196 -38.36 -21.92 28.04
CA VAL H 196 -38.34 -20.77 28.93
C VAL H 196 -39.69 -20.05 28.89
N HIS H 197 -40.32 -19.93 27.72
CA HIS H 197 -41.66 -19.38 27.63
C HIS H 197 -42.67 -20.18 28.44
N ILE H 198 -42.62 -21.52 28.37
CA ILE H 198 -43.53 -22.35 29.15
C ILE H 198 -43.41 -22.00 30.63
N TYR H 199 -42.20 -21.99 31.15
CA TYR H 199 -41.97 -21.65 32.55
C TYR H 199 -42.47 -20.25 32.92
N ILE H 200 -42.35 -19.29 32.01
CA ILE H 200 -42.79 -17.93 32.27
C ILE H 200 -44.31 -17.91 32.34
N GLU H 201 -44.98 -18.59 31.39
CA GLU H 201 -46.44 -18.68 31.41
C GLU H 201 -46.91 -19.30 32.71
N LYS H 202 -46.16 -20.27 33.23
CA LYS H 202 -46.54 -20.95 34.46
C LYS H 202 -46.45 -20.00 35.66
N HIS H 203 -45.29 -19.36 35.84
CA HIS H 203 -45.10 -18.40 36.92
C HIS H 203 -45.94 -17.12 36.77
N GLN H 204 -46.52 -16.84 35.59
CA GLN H 204 -47.38 -15.68 35.40
C GLN H 204 -48.86 -16.04 35.52
N GLN H 205 -49.20 -17.34 35.40
CA GLN H 205 -50.57 -17.79 35.57
C GLN H 205 -50.87 -18.02 37.05
N LEU H 206 -49.93 -18.64 37.79
CA LEU H 206 -50.19 -19.08 39.16
C LEU H 206 -50.04 -17.93 40.17
N ARG H 207 -49.28 -16.87 39.83
CA ARG H 207 -49.11 -15.74 40.74
C ARG H 207 -50.38 -14.87 40.75
N ALA H 208 -51.05 -14.77 39.60
CA ALA H 208 -52.26 -13.96 39.42
C ALA H 208 -53.50 -14.85 39.60
#